data_2KM6
#
_entry.id   2KM6
#
_entity_poly.entity_id   1
_entity_poly.type   'polypeptide(L)'
_entity_poly.pdbx_seq_one_letter_code
;GHMTSPQLEWTLQTLLEQLNEDELKSFKSLLWAFPLEDVLQKTPWSEVEEADGKKLAEILVNTSSENWIRNATVNILEEM
NLTELCKMAKAEMMEDGQLEHHHHHH
;
_entity_poly.pdbx_strand_id   A
#
# COMPACT_ATOMS: atom_id res chain seq x y z
N MET A 3 -15.99 2.22 7.93
CA MET A 3 -14.60 2.62 8.03
C MET A 3 -14.16 2.53 9.47
N THR A 4 -12.97 2.05 9.67
CA THR A 4 -12.43 1.90 10.99
C THR A 4 -11.14 2.70 11.13
N SER A 5 -10.55 2.67 12.29
CA SER A 5 -9.25 3.26 12.48
C SER A 5 -8.14 2.17 12.62
N PRO A 6 -8.28 1.18 13.56
CA PRO A 6 -7.25 0.14 13.73
C PRO A 6 -7.18 -0.79 12.51
N GLN A 7 -8.35 -1.28 12.09
CA GLN A 7 -8.48 -2.20 10.97
C GLN A 7 -8.03 -1.52 9.67
N LEU A 8 -8.15 -0.21 9.63
CA LEU A 8 -7.76 0.61 8.49
C LEU A 8 -6.27 0.34 8.16
N GLU A 9 -5.41 0.64 9.12
CA GLU A 9 -3.97 0.49 8.92
C GLU A 9 -3.59 -1.00 8.95
N TRP A 10 -4.36 -1.78 9.70
CA TRP A 10 -4.16 -3.21 9.79
C TRP A 10 -4.36 -3.90 8.43
N THR A 11 -5.31 -3.45 7.65
CA THR A 11 -5.56 -4.08 6.36
C THR A 11 -4.34 -3.92 5.46
N LEU A 12 -3.74 -2.75 5.51
CA LEU A 12 -2.54 -2.46 4.76
C LEU A 12 -1.43 -3.42 5.14
N GLN A 13 -1.14 -3.52 6.45
CA GLN A 13 -0.06 -4.39 6.90
C GLN A 13 -0.35 -5.85 6.55
N THR A 14 -1.60 -6.25 6.66
CA THR A 14 -2.02 -7.61 6.38
C THR A 14 -1.73 -8.01 4.93
N LEU A 15 -1.92 -7.11 4.02
CA LEU A 15 -1.61 -7.37 2.62
C LEU A 15 -0.10 -7.44 2.45
N LEU A 16 0.58 -6.49 3.04
CA LEU A 16 2.02 -6.35 2.95
C LEU A 16 2.78 -7.35 3.84
N GLU A 17 2.07 -8.11 4.63
CA GLU A 17 2.68 -9.17 5.40
C GLU A 17 2.51 -10.48 4.65
N GLN A 18 1.65 -10.46 3.67
CA GLN A 18 1.46 -11.59 2.78
C GLN A 18 2.42 -11.47 1.61
N LEU A 19 2.62 -10.25 1.16
CA LEU A 19 3.55 -9.96 0.09
C LEU A 19 4.70 -9.15 0.71
N ASN A 20 5.93 -9.61 0.60
CA ASN A 20 7.06 -8.83 1.14
C ASN A 20 8.42 -9.34 0.73
N GLU A 21 8.68 -10.64 1.00
CA GLU A 21 9.99 -11.31 0.80
C GLU A 21 10.81 -10.73 -0.31
N ASP A 22 10.46 -11.01 -1.53
CA ASP A 22 11.16 -10.36 -2.62
C ASP A 22 10.14 -9.54 -3.39
N GLU A 23 8.99 -9.49 -2.80
CA GLU A 23 7.78 -8.97 -3.40
C GLU A 23 7.71 -7.48 -3.20
N LEU A 24 8.13 -7.04 -2.03
CA LEU A 24 8.02 -5.66 -1.64
C LEU A 24 8.98 -4.82 -2.44
N LYS A 25 10.07 -5.44 -2.82
CA LYS A 25 11.13 -4.82 -3.58
C LYS A 25 10.57 -4.34 -4.92
N SER A 26 9.71 -5.16 -5.49
CA SER A 26 8.99 -4.87 -6.67
C SER A 26 7.98 -3.76 -6.42
N PHE A 27 7.17 -3.98 -5.41
CA PHE A 27 6.09 -3.08 -4.96
C PHE A 27 6.59 -1.62 -4.83
N LYS A 28 7.74 -1.44 -4.17
CA LYS A 28 8.34 -0.12 -3.94
C LYS A 28 8.70 0.55 -5.27
N SER A 29 9.14 -0.26 -6.21
CA SER A 29 9.60 0.23 -7.49
C SER A 29 8.40 0.64 -8.34
N LEU A 30 7.32 -0.10 -8.22
CA LEU A 30 6.08 0.17 -8.95
C LEU A 30 5.43 1.41 -8.41
N LEU A 31 5.58 1.58 -7.12
CA LEU A 31 5.14 2.75 -6.40
C LEU A 31 5.94 3.97 -6.86
N TRP A 32 7.18 3.76 -7.22
CA TRP A 32 8.01 4.85 -7.67
C TRP A 32 7.86 5.07 -9.18
N ALA A 33 6.98 4.29 -9.79
CA ALA A 33 6.76 4.36 -11.23
C ALA A 33 5.47 5.08 -11.55
N PHE A 34 4.60 5.26 -10.58
CA PHE A 34 3.38 5.97 -10.81
C PHE A 34 3.61 7.42 -10.39
N PRO A 35 2.83 8.38 -10.92
CA PRO A 35 2.98 9.79 -10.55
C PRO A 35 2.67 10.04 -9.08
N LEU A 36 3.70 10.36 -8.34
CA LEU A 36 3.60 10.61 -6.93
C LEU A 36 3.06 11.99 -6.72
N GLU A 37 1.92 12.03 -6.09
CA GLU A 37 1.18 13.26 -5.94
C GLU A 37 1.54 14.01 -4.68
N ASP A 38 1.98 15.24 -4.89
CA ASP A 38 2.29 16.25 -3.84
C ASP A 38 3.13 15.73 -2.66
N VAL A 39 2.50 15.11 -1.67
CA VAL A 39 3.23 14.62 -0.50
C VAL A 39 3.97 13.31 -0.85
N LEU A 40 3.45 12.57 -1.82
CA LEU A 40 4.07 11.32 -2.23
C LEU A 40 5.39 11.59 -2.92
N GLN A 41 5.56 12.81 -3.39
CA GLN A 41 6.75 13.21 -4.10
C GLN A 41 7.93 13.26 -3.12
N LYS A 42 7.64 13.45 -1.83
CA LYS A 42 8.68 13.53 -0.83
C LYS A 42 8.70 12.28 0.07
N THR A 43 7.99 11.22 -0.34
CA THR A 43 7.92 9.97 0.41
C THR A 43 9.31 9.49 0.80
N PRO A 44 9.55 9.34 2.11
CA PRO A 44 10.84 8.94 2.62
C PRO A 44 11.26 7.55 2.17
N TRP A 45 12.03 7.49 1.09
CA TRP A 45 12.52 6.25 0.55
C TRP A 45 13.50 5.65 1.54
N SER A 46 14.15 6.52 2.30
CA SER A 46 15.07 6.10 3.34
C SER A 46 14.34 5.19 4.36
N GLU A 47 13.05 5.43 4.58
CA GLU A 47 12.29 4.52 5.39
C GLU A 47 11.89 3.32 4.57
N VAL A 48 11.32 3.57 3.37
CA VAL A 48 10.77 2.49 2.53
C VAL A 48 11.83 1.42 2.22
N GLU A 49 13.10 1.84 2.14
CA GLU A 49 14.21 0.97 1.88
C GLU A 49 14.23 -0.21 2.84
N GLU A 50 14.41 0.10 4.10
CA GLU A 50 14.54 -0.92 5.12
C GLU A 50 13.18 -1.42 5.57
N ALA A 51 12.16 -0.63 5.29
CA ALA A 51 10.80 -0.95 5.65
C ALA A 51 10.31 -2.17 4.93
N ASP A 52 9.72 -3.03 5.67
CA ASP A 52 9.14 -4.22 5.15
C ASP A 52 7.77 -4.36 5.71
N GLY A 53 6.87 -4.88 4.89
CA GLY A 53 5.51 -5.19 5.27
C GLY A 53 4.80 -4.10 6.04
N LYS A 54 4.73 -4.27 7.36
CA LYS A 54 4.03 -3.36 8.25
C LYS A 54 4.62 -1.97 8.12
N LYS A 55 5.93 -1.92 8.11
CA LYS A 55 6.61 -0.65 8.03
C LYS A 55 6.30 0.09 6.76
N LEU A 56 6.17 -0.63 5.67
CA LEU A 56 5.88 0.01 4.41
C LEU A 56 4.46 0.55 4.42
N ALA A 57 3.54 -0.24 4.98
CA ALA A 57 2.13 0.16 5.10
C ALA A 57 2.01 1.46 5.91
N GLU A 58 2.88 1.56 6.89
CA GLU A 58 2.97 2.71 7.77
C GLU A 58 3.34 3.97 6.98
N ILE A 59 4.19 3.79 5.99
CA ILE A 59 4.67 4.88 5.18
C ILE A 59 3.57 5.34 4.20
N LEU A 60 2.69 4.41 3.81
CA LEU A 60 1.54 4.76 2.96
C LEU A 60 0.54 5.62 3.74
N VAL A 61 0.27 5.23 4.98
CA VAL A 61 -0.70 5.97 5.81
C VAL A 61 -0.02 7.21 6.46
N ASN A 62 1.26 7.33 6.19
CA ASN A 62 2.08 8.42 6.69
C ASN A 62 1.83 9.65 5.82
N THR A 63 1.60 9.41 4.55
CA THR A 63 1.47 10.46 3.59
C THR A 63 0.00 10.83 3.26
N SER A 64 -0.70 9.92 2.60
CA SER A 64 -2.02 10.21 2.07
C SER A 64 -3.18 9.84 2.98
N SER A 65 -4.37 10.23 2.53
CA SER A 65 -5.61 9.92 3.17
C SER A 65 -6.04 8.51 2.74
N GLU A 66 -6.83 7.83 3.58
CA GLU A 66 -7.23 6.44 3.33
C GLU A 66 -7.87 6.23 1.97
N ASN A 67 -8.63 7.19 1.53
CA ASN A 67 -9.37 7.13 0.26
C ASN A 67 -8.41 7.01 -0.93
N TRP A 68 -7.26 7.63 -0.80
CA TRP A 68 -6.28 7.56 -1.84
C TRP A 68 -5.51 6.26 -1.71
N ILE A 69 -5.11 5.93 -0.48
CA ILE A 69 -4.31 4.74 -0.20
C ILE A 69 -5.06 3.45 -0.55
N ARG A 70 -6.35 3.44 -0.25
CA ARG A 70 -7.20 2.27 -0.46
C ARG A 70 -7.31 1.92 -1.93
N ASN A 71 -7.03 2.88 -2.78
CA ASN A 71 -7.00 2.66 -4.20
C ASN A 71 -5.55 2.42 -4.65
N ALA A 72 -4.64 3.17 -4.02
CA ALA A 72 -3.20 3.14 -4.30
C ALA A 72 -2.59 1.76 -4.14
N THR A 73 -2.77 1.17 -2.96
CA THR A 73 -2.17 -0.13 -2.67
C THR A 73 -2.70 -1.19 -3.61
N VAL A 74 -3.97 -1.07 -3.97
CA VAL A 74 -4.62 -1.99 -4.87
C VAL A 74 -3.98 -1.93 -6.24
N ASN A 75 -3.76 -0.72 -6.73
CA ASN A 75 -3.20 -0.50 -8.08
C ASN A 75 -1.80 -1.15 -8.18
N ILE A 76 -1.04 -1.11 -7.11
CA ILE A 76 0.30 -1.74 -7.09
C ILE A 76 0.14 -3.27 -7.18
N LEU A 77 -0.79 -3.83 -6.42
CA LEU A 77 -1.08 -5.26 -6.47
C LEU A 77 -1.56 -5.66 -7.87
N GLU A 78 -2.37 -4.80 -8.46
CA GLU A 78 -2.85 -4.97 -9.82
C GLU A 78 -1.68 -5.01 -10.79
N GLU A 79 -0.70 -4.13 -10.55
CA GLU A 79 0.52 -4.07 -11.34
C GLU A 79 1.41 -5.29 -11.13
N MET A 80 1.21 -5.98 -10.02
CA MET A 80 1.98 -7.19 -9.74
C MET A 80 1.22 -8.43 -10.19
N ASN A 81 0.03 -8.22 -10.80
CA ASN A 81 -0.85 -9.30 -11.28
C ASN A 81 -1.37 -10.14 -10.09
N LEU A 82 -1.38 -9.52 -8.94
CA LEU A 82 -1.86 -10.14 -7.74
C LEU A 82 -3.35 -9.91 -7.67
N THR A 83 -4.11 -10.96 -7.77
CA THR A 83 -5.54 -10.85 -7.72
C THR A 83 -6.04 -11.28 -6.37
N GLU A 84 -5.64 -12.45 -5.98
CA GLU A 84 -6.06 -13.11 -4.74
C GLU A 84 -6.04 -12.18 -3.51
N LEU A 85 -4.86 -11.83 -3.05
CA LEU A 85 -4.76 -10.98 -1.87
C LEU A 85 -5.17 -9.53 -2.17
N CYS A 86 -5.22 -9.17 -3.42
CA CYS A 86 -5.62 -7.83 -3.79
C CYS A 86 -7.13 -7.70 -3.66
N LYS A 87 -7.83 -8.78 -3.96
CA LYS A 87 -9.26 -8.84 -3.83
C LYS A 87 -9.68 -8.87 -2.37
N MET A 88 -8.69 -9.09 -1.51
CA MET A 88 -8.88 -9.01 -0.09
C MET A 88 -8.89 -7.53 0.26
N ALA A 89 -8.01 -6.78 -0.41
CA ALA A 89 -7.91 -5.34 -0.21
C ALA A 89 -9.13 -4.66 -0.80
N LYS A 90 -9.60 -5.18 -1.93
CA LYS A 90 -10.79 -4.67 -2.60
C LYS A 90 -12.05 -4.92 -1.80
N ALA A 91 -11.94 -5.78 -0.82
CA ALA A 91 -13.06 -6.07 0.03
C ALA A 91 -12.93 -5.34 1.37
N GLU A 92 -11.73 -5.19 1.81
CA GLU A 92 -11.45 -4.60 3.12
C GLU A 92 -11.05 -3.13 3.05
N MET A 93 -9.89 -2.88 2.48
CA MET A 93 -9.30 -1.53 2.40
C MET A 93 -10.19 -0.57 1.67
N MET A 94 -10.52 -0.91 0.49
CA MET A 94 -11.38 -0.07 -0.28
C MET A 94 -12.82 -0.47 -0.09
N GLU A 95 -13.36 -0.03 1.01
CA GLU A 95 -14.75 -0.26 1.28
C GLU A 95 -15.56 0.78 0.55
N ASP A 96 -16.24 0.35 -0.47
CA ASP A 96 -17.03 1.26 -1.25
C ASP A 96 -18.36 1.49 -0.62
N GLY A 97 -18.39 2.49 0.19
CA GLY A 97 -19.60 2.92 0.80
C GLY A 97 -19.87 4.34 0.45
N GLN A 98 -19.21 5.24 1.14
CA GLN A 98 -19.33 6.66 0.91
C GLN A 98 -17.99 7.30 1.22
N MET A 3 -14.58 5.24 8.65
CA MET A 3 -13.22 5.74 8.45
C MET A 3 -12.43 5.57 9.73
N THR A 4 -11.68 4.51 9.79
CA THR A 4 -10.90 4.22 10.93
C THR A 4 -9.46 3.99 10.55
N SER A 5 -8.57 4.63 11.24
CA SER A 5 -7.15 4.48 10.98
C SER A 5 -6.66 3.03 11.29
N PRO A 6 -6.99 2.43 12.51
CA PRO A 6 -6.57 1.07 12.86
C PRO A 6 -6.89 0.04 11.77
N GLN A 7 -8.16 -0.07 11.40
CA GLN A 7 -8.61 -1.07 10.41
C GLN A 7 -8.01 -0.82 9.03
N LEU A 8 -7.93 0.44 8.66
CA LEU A 8 -7.39 0.84 7.37
C LEU A 8 -5.92 0.44 7.26
N GLU A 9 -5.15 0.85 8.25
CA GLU A 9 -3.73 0.61 8.28
C GLU A 9 -3.49 -0.89 8.49
N TRP A 10 -4.43 -1.53 9.18
CA TRP A 10 -4.40 -2.97 9.39
C TRP A 10 -4.45 -3.72 8.07
N THR A 11 -5.36 -3.32 7.17
CA THR A 11 -5.47 -4.02 5.91
C THR A 11 -4.17 -3.90 5.14
N LEU A 12 -3.60 -2.71 5.15
CA LEU A 12 -2.31 -2.45 4.52
C LEU A 12 -1.23 -3.36 5.07
N GLN A 13 -1.05 -3.31 6.39
CA GLN A 13 -0.01 -4.09 7.04
C GLN A 13 -0.19 -5.57 6.76
N THR A 14 -1.40 -6.06 6.90
CA THR A 14 -1.71 -7.46 6.72
C THR A 14 -1.41 -7.94 5.27
N LEU A 15 -1.69 -7.11 4.29
CA LEU A 15 -1.39 -7.45 2.91
C LEU A 15 0.12 -7.45 2.70
N LEU A 16 0.76 -6.43 3.18
CA LEU A 16 2.19 -6.24 3.00
C LEU A 16 3.01 -7.21 3.90
N GLU A 17 2.41 -7.73 4.95
CA GLU A 17 3.07 -8.72 5.80
C GLU A 17 2.94 -10.10 5.16
N GLN A 18 2.13 -10.17 4.12
CA GLN A 18 1.98 -11.38 3.35
C GLN A 18 2.81 -11.29 2.08
N LEU A 19 2.74 -10.16 1.39
CA LEU A 19 3.55 -9.93 0.21
C LEU A 19 4.75 -9.08 0.64
N ASN A 20 5.94 -9.62 0.58
CA ASN A 20 7.10 -8.85 0.97
C ASN A 20 8.40 -9.46 0.54
N GLU A 21 8.56 -10.76 0.81
CA GLU A 21 9.81 -11.54 0.62
C GLU A 21 10.68 -11.05 -0.56
N ASP A 22 10.24 -11.28 -1.77
CA ASP A 22 10.89 -10.68 -2.93
C ASP A 22 9.89 -9.90 -3.69
N GLU A 23 8.78 -9.75 -3.04
CA GLU A 23 7.59 -9.15 -3.59
C GLU A 23 7.66 -7.64 -3.43
N LEU A 24 8.02 -7.22 -2.22
CA LEU A 24 7.99 -5.80 -1.86
C LEU A 24 9.02 -5.04 -2.64
N LYS A 25 10.08 -5.73 -2.99
CA LYS A 25 11.19 -5.17 -3.75
C LYS A 25 10.68 -4.59 -5.09
N SER A 26 9.73 -5.28 -5.68
CA SER A 26 9.08 -4.86 -6.87
C SER A 26 8.13 -3.71 -6.57
N PHE A 27 7.26 -3.94 -5.60
CA PHE A 27 6.22 -3.01 -5.15
C PHE A 27 6.82 -1.60 -4.90
N LYS A 28 7.99 -1.56 -4.27
CA LYS A 28 8.70 -0.30 -3.93
C LYS A 28 9.09 0.50 -5.17
N SER A 29 9.28 -0.16 -6.27
CA SER A 29 9.65 0.51 -7.49
C SER A 29 8.38 0.93 -8.22
N LEU A 30 7.38 0.08 -8.12
CA LEU A 30 6.10 0.26 -8.78
C LEU A 30 5.34 1.47 -8.26
N LEU A 31 5.33 1.68 -6.95
CA LEU A 31 4.62 2.84 -6.43
C LEU A 31 5.46 4.11 -6.63
N TRP A 32 6.70 3.93 -7.03
CA TRP A 32 7.56 5.04 -7.31
C TRP A 32 7.47 5.37 -8.80
N ALA A 33 6.79 4.51 -9.52
CA ALA A 33 6.65 4.63 -10.96
C ALA A 33 5.50 5.52 -11.35
N PHE A 34 4.46 5.57 -10.52
CA PHE A 34 3.32 6.41 -10.83
C PHE A 34 3.68 7.84 -10.46
N PRO A 35 3.04 8.85 -11.08
CA PRO A 35 3.31 10.25 -10.73
C PRO A 35 2.88 10.57 -9.30
N LEU A 36 3.87 10.79 -8.45
CA LEU A 36 3.62 11.11 -7.07
C LEU A 36 3.08 12.50 -6.98
N GLU A 37 2.16 12.70 -6.10
CA GLU A 37 1.51 13.97 -5.95
C GLU A 37 2.23 14.82 -4.89
N ASP A 38 1.64 15.96 -4.56
CA ASP A 38 2.24 16.99 -3.68
C ASP A 38 2.86 16.42 -2.43
N VAL A 39 2.06 15.83 -1.57
CA VAL A 39 2.54 15.33 -0.30
C VAL A 39 3.20 13.94 -0.45
N LEU A 40 3.10 13.37 -1.63
CA LEU A 40 3.66 12.06 -1.91
C LEU A 40 5.10 12.17 -2.33
N GLN A 41 5.43 13.19 -3.07
CA GLN A 41 6.79 13.38 -3.48
C GLN A 41 7.56 14.02 -2.35
N LYS A 42 7.98 13.19 -1.43
CA LYS A 42 8.76 13.54 -0.26
C LYS A 42 8.87 12.30 0.62
N THR A 43 7.92 11.35 0.39
CA THR A 43 7.83 10.08 1.10
C THR A 43 9.21 9.44 1.29
N PRO A 44 9.65 9.33 2.56
CA PRO A 44 10.99 8.84 2.90
C PRO A 44 11.31 7.45 2.35
N TRP A 45 12.12 7.42 1.30
CA TRP A 45 12.57 6.18 0.68
C TRP A 45 13.49 5.43 1.64
N SER A 46 14.19 6.17 2.50
CA SER A 46 15.06 5.55 3.50
C SER A 46 14.23 4.87 4.60
N GLU A 47 12.94 5.06 4.54
CA GLU A 47 12.03 4.30 5.33
C GLU A 47 11.60 3.10 4.51
N VAL A 48 11.12 3.39 3.28
CA VAL A 48 10.55 2.36 2.40
C VAL A 48 11.53 1.23 2.06
N GLU A 49 12.81 1.57 1.90
CA GLU A 49 13.81 0.64 1.43
C GLU A 49 13.93 -0.57 2.32
N GLU A 50 14.16 -0.34 3.57
CA GLU A 50 14.33 -1.46 4.48
C GLU A 50 13.03 -1.78 5.22
N ALA A 51 11.95 -1.19 4.79
CA ALA A 51 10.66 -1.44 5.39
C ALA A 51 10.02 -2.62 4.75
N ASP A 52 9.35 -3.38 5.54
CA ASP A 52 8.58 -4.48 5.05
C ASP A 52 7.26 -4.46 5.74
N GLY A 53 6.26 -5.02 5.07
CA GLY A 53 4.93 -5.21 5.62
C GLY A 53 4.34 -4.04 6.39
N LYS A 54 4.36 -4.19 7.72
CA LYS A 54 3.78 -3.22 8.64
C LYS A 54 4.47 -1.90 8.55
N LYS A 55 5.76 -1.93 8.32
CA LYS A 55 6.51 -0.71 8.24
C LYS A 55 6.18 0.05 6.99
N LEU A 56 5.96 -0.66 5.90
CA LEU A 56 5.67 -0.01 4.64
C LEU A 56 4.30 0.66 4.69
N ALA A 57 3.35 -0.03 5.30
CA ALA A 57 1.98 0.48 5.48
C ALA A 57 1.98 1.82 6.21
N GLU A 58 2.88 1.90 7.15
CA GLU A 58 3.07 3.05 8.01
C GLU A 58 3.56 4.25 7.21
N ILE A 59 4.39 3.96 6.23
CA ILE A 59 4.96 4.99 5.39
C ILE A 59 3.91 5.47 4.40
N LEU A 60 3.11 4.53 3.88
CA LEU A 60 2.01 4.86 2.98
C LEU A 60 0.99 5.78 3.64
N VAL A 61 0.62 5.46 4.87
CA VAL A 61 -0.41 6.21 5.56
C VAL A 61 0.14 7.55 6.10
N ASN A 62 1.45 7.71 6.01
CA ASN A 62 2.12 8.93 6.46
C ASN A 62 1.86 10.05 5.46
N THR A 63 1.95 9.74 4.19
CA THR A 63 1.82 10.75 3.17
C THR A 63 0.50 10.68 2.41
N SER A 64 0.06 9.49 2.09
CA SER A 64 -1.09 9.32 1.27
C SER A 64 -2.38 9.22 2.10
N SER A 65 -3.47 9.72 1.55
CA SER A 65 -4.78 9.66 2.18
C SER A 65 -5.30 8.24 2.12
N GLU A 66 -5.95 7.84 3.18
CA GLU A 66 -6.51 6.50 3.33
C GLU A 66 -7.46 6.13 2.19
N ASN A 67 -8.24 7.09 1.73
CA ASN A 67 -9.21 6.84 0.68
C ASN A 67 -8.52 6.79 -0.68
N TRP A 68 -7.30 7.24 -0.71
CA TRP A 68 -6.53 7.23 -1.92
C TRP A 68 -5.67 5.96 -1.96
N ILE A 69 -5.12 5.56 -0.81
CA ILE A 69 -4.27 4.36 -0.70
C ILE A 69 -5.07 3.11 -1.06
N ARG A 70 -6.39 3.14 -0.78
CA ARG A 70 -7.27 1.99 -1.07
C ARG A 70 -7.45 1.76 -2.57
N ASN A 71 -6.84 2.62 -3.36
CA ASN A 71 -6.76 2.43 -4.79
C ASN A 71 -5.32 2.15 -5.15
N ALA A 72 -4.42 2.97 -4.59
CA ALA A 72 -2.98 2.91 -4.83
C ALA A 72 -2.40 1.51 -4.63
N THR A 73 -2.54 0.96 -3.42
CA THR A 73 -1.94 -0.33 -3.10
C THR A 73 -2.55 -1.43 -3.96
N VAL A 74 -3.82 -1.28 -4.26
CA VAL A 74 -4.58 -2.22 -5.02
C VAL A 74 -4.04 -2.29 -6.44
N ASN A 75 -3.82 -1.13 -7.03
CA ASN A 75 -3.34 -1.04 -8.41
C ASN A 75 -1.93 -1.61 -8.53
N ILE A 76 -1.11 -1.42 -7.50
CA ILE A 76 0.24 -1.97 -7.51
C ILE A 76 0.17 -3.51 -7.48
N LEU A 77 -0.74 -4.04 -6.66
CA LEU A 77 -1.00 -5.47 -6.62
C LEU A 77 -1.46 -5.96 -7.98
N GLU A 78 -2.33 -5.18 -8.63
CA GLU A 78 -2.82 -5.49 -9.97
C GLU A 78 -1.66 -5.57 -10.95
N GLU A 79 -0.73 -4.64 -10.84
CA GLU A 79 0.43 -4.60 -11.72
C GLU A 79 1.31 -5.85 -11.49
N MET A 80 1.37 -6.31 -10.25
CA MET A 80 2.16 -7.51 -9.90
C MET A 80 1.39 -8.79 -10.23
N ASN A 81 0.17 -8.62 -10.77
CA ASN A 81 -0.74 -9.70 -11.17
C ASN A 81 -1.18 -10.48 -9.92
N LEU A 82 -1.24 -9.77 -8.82
CA LEU A 82 -1.68 -10.28 -7.57
C LEU A 82 -3.14 -9.96 -7.39
N THR A 83 -3.99 -10.93 -7.62
CA THR A 83 -5.42 -10.73 -7.46
C THR A 83 -5.89 -11.22 -6.12
N GLU A 84 -5.38 -12.37 -5.71
CA GLU A 84 -5.78 -13.07 -4.47
C GLU A 84 -5.95 -12.13 -3.25
N LEU A 85 -4.88 -11.52 -2.79
CA LEU A 85 -4.94 -10.64 -1.64
C LEU A 85 -5.37 -9.22 -2.01
N CYS A 86 -5.33 -8.90 -3.28
CA CYS A 86 -5.74 -7.59 -3.75
C CYS A 86 -7.26 -7.48 -3.68
N LYS A 87 -7.92 -8.57 -4.00
CA LYS A 87 -9.35 -8.68 -3.90
C LYS A 87 -9.78 -8.66 -2.44
N MET A 88 -8.85 -9.01 -1.58
CA MET A 88 -9.06 -8.90 -0.16
C MET A 88 -9.00 -7.45 0.22
N ALA A 89 -8.13 -6.69 -0.43
CA ALA A 89 -8.02 -5.26 -0.18
C ALA A 89 -9.31 -4.59 -0.64
N LYS A 90 -9.87 -5.11 -1.72
CA LYS A 90 -11.17 -4.65 -2.21
C LYS A 90 -12.24 -4.87 -1.15
N ALA A 91 -12.19 -6.04 -0.53
CA ALA A 91 -13.21 -6.43 0.43
C ALA A 91 -12.89 -6.01 1.86
N GLU A 92 -11.73 -5.41 2.08
CA GLU A 92 -11.33 -5.03 3.42
C GLU A 92 -10.87 -3.61 3.53
N MET A 93 -10.02 -3.18 2.64
CA MET A 93 -9.40 -1.88 2.76
C MET A 93 -10.32 -0.79 2.25
N MET A 94 -11.26 -1.17 1.44
CA MET A 94 -12.20 -0.22 0.90
C MET A 94 -13.29 0.07 1.91
N GLU A 95 -12.89 0.78 2.93
CA GLU A 95 -13.78 1.20 3.99
C GLU A 95 -14.59 2.39 3.48
N ASP A 96 -15.51 2.10 2.64
CA ASP A 96 -16.39 3.07 2.06
C ASP A 96 -17.76 2.45 2.01
N GLY A 97 -18.78 3.23 1.84
CA GLY A 97 -20.11 2.71 1.94
C GLY A 97 -20.44 2.64 3.39
N GLN A 98 -20.04 3.69 4.07
CA GLN A 98 -20.13 3.79 5.49
C GLN A 98 -21.54 4.05 5.91
N MET A 3 -12.23 4.35 7.30
CA MET A 3 -12.24 3.21 8.23
C MET A 3 -11.73 3.62 9.60
N THR A 4 -11.79 2.69 10.55
CA THR A 4 -11.36 2.92 11.91
C THR A 4 -9.83 2.95 12.00
N SER A 5 -9.30 3.74 12.93
CA SER A 5 -7.86 3.89 13.09
C SER A 5 -7.07 2.54 13.28
N PRO A 6 -7.50 1.58 14.15
CA PRO A 6 -6.80 0.29 14.28
C PRO A 6 -6.89 -0.56 13.00
N GLN A 7 -8.02 -0.46 12.31
CA GLN A 7 -8.19 -1.24 11.08
C GLN A 7 -7.50 -0.58 9.90
N LEU A 8 -7.30 0.71 10.03
CA LEU A 8 -6.72 1.60 9.03
C LEU A 8 -5.40 1.03 8.53
N GLU A 9 -4.44 0.88 9.41
CA GLU A 9 -3.16 0.38 8.99
C GLU A 9 -3.22 -1.16 8.88
N TRP A 10 -4.18 -1.76 9.57
CA TRP A 10 -4.32 -3.23 9.61
C TRP A 10 -4.52 -3.85 8.23
N THR A 11 -5.48 -3.36 7.44
CA THR A 11 -5.74 -4.00 6.15
C THR A 11 -4.51 -3.91 5.25
N LEU A 12 -3.85 -2.79 5.31
CA LEU A 12 -2.67 -2.56 4.52
C LEU A 12 -1.55 -3.48 4.97
N GLN A 13 -1.28 -3.49 6.29
CA GLN A 13 -0.20 -4.31 6.82
C GLN A 13 -0.43 -5.77 6.52
N THR A 14 -1.65 -6.23 6.68
CA THR A 14 -2.00 -7.62 6.44
C THR A 14 -1.67 -8.04 5.00
N LEU A 15 -1.87 -7.14 4.06
CA LEU A 15 -1.54 -7.40 2.66
C LEU A 15 -0.02 -7.41 2.48
N LEU A 16 0.62 -6.43 3.05
CA LEU A 16 2.06 -6.24 2.93
C LEU A 16 2.86 -7.25 3.79
N GLU A 17 2.22 -7.84 4.76
CA GLU A 17 2.84 -8.88 5.57
C GLU A 17 2.74 -10.22 4.83
N GLN A 18 1.99 -10.22 3.75
CA GLN A 18 1.90 -11.36 2.86
C GLN A 18 2.89 -11.20 1.74
N LEU A 19 2.83 -10.07 1.06
CA LEU A 19 3.73 -9.78 -0.03
C LEU A 19 4.91 -8.97 0.54
N ASN A 20 6.11 -9.50 0.54
CA ASN A 20 7.22 -8.74 1.13
C ASN A 20 8.59 -9.23 0.73
N GLU A 21 8.93 -10.45 1.13
CA GLU A 21 10.27 -11.05 1.00
C GLU A 21 10.94 -10.71 -0.34
N ASP A 22 10.29 -11.07 -1.42
CA ASP A 22 10.82 -10.80 -2.74
C ASP A 22 9.73 -10.12 -3.56
N GLU A 23 8.66 -9.80 -2.89
CA GLU A 23 7.47 -9.23 -3.51
C GLU A 23 7.48 -7.72 -3.40
N LEU A 24 8.00 -7.23 -2.28
CA LEU A 24 7.97 -5.81 -1.98
C LEU A 24 8.86 -5.05 -2.95
N LYS A 25 9.75 -5.81 -3.58
CA LYS A 25 10.68 -5.30 -4.56
C LYS A 25 9.94 -4.71 -5.76
N SER A 26 8.81 -5.30 -6.12
CA SER A 26 8.02 -4.78 -7.21
C SER A 26 7.25 -3.57 -6.69
N PHE A 27 6.58 -3.77 -5.53
CA PHE A 27 5.71 -2.78 -4.90
C PHE A 27 6.39 -1.41 -4.80
N LYS A 28 7.59 -1.40 -4.21
CA LYS A 28 8.34 -0.14 -4.00
C LYS A 28 8.63 0.58 -5.33
N SER A 29 8.82 -0.20 -6.37
CA SER A 29 9.19 0.36 -7.65
C SER A 29 7.96 0.84 -8.40
N LEU A 30 6.89 0.07 -8.34
CA LEU A 30 5.62 0.40 -9.03
C LEU A 30 5.02 1.68 -8.46
N LEU A 31 5.21 1.84 -7.18
CA LEU A 31 4.81 3.01 -6.44
C LEU A 31 5.70 4.21 -6.82
N TRP A 32 6.92 3.95 -7.18
CA TRP A 32 7.81 5.04 -7.52
C TRP A 32 7.72 5.34 -9.01
N ALA A 33 7.06 4.45 -9.73
CA ALA A 33 6.93 4.56 -11.15
C ALA A 33 5.74 5.38 -11.59
N PHE A 34 4.75 5.53 -10.72
CA PHE A 34 3.59 6.30 -11.07
C PHE A 34 3.94 7.79 -10.86
N PRO A 35 3.22 8.73 -11.52
CA PRO A 35 3.46 10.15 -11.33
C PRO A 35 3.26 10.58 -9.87
N LEU A 36 4.37 10.77 -9.19
CA LEU A 36 4.35 11.15 -7.81
C LEU A 36 3.97 12.58 -7.65
N GLU A 37 3.33 12.86 -6.57
CA GLU A 37 2.89 14.17 -6.26
C GLU A 37 3.75 14.68 -5.13
N ASP A 38 3.52 15.90 -4.70
CA ASP A 38 4.35 16.56 -3.65
C ASP A 38 4.71 15.66 -2.46
N VAL A 39 3.71 15.18 -1.74
CA VAL A 39 3.94 14.41 -0.52
C VAL A 39 4.53 13.05 -0.86
N LEU A 40 4.18 12.54 -2.01
CA LEU A 40 4.62 11.24 -2.46
C LEU A 40 6.05 11.27 -3.01
N GLN A 41 6.43 12.37 -3.61
CA GLN A 41 7.76 12.51 -4.15
C GLN A 41 8.75 12.71 -3.00
N LYS A 42 8.28 13.39 -1.95
CA LYS A 42 9.11 13.59 -0.78
C LYS A 42 8.93 12.44 0.22
N THR A 43 8.21 11.40 -0.19
CA THR A 43 8.01 10.22 0.63
C THR A 43 9.38 9.59 0.94
N PRO A 44 9.70 9.52 2.23
CA PRO A 44 10.99 9.02 2.71
C PRO A 44 11.33 7.61 2.21
N TRP A 45 12.16 7.54 1.17
CA TRP A 45 12.59 6.28 0.60
C TRP A 45 13.49 5.54 1.58
N SER A 46 14.25 6.28 2.39
CA SER A 46 15.12 5.67 3.38
C SER A 46 14.27 4.81 4.33
N GLU A 47 13.05 5.27 4.59
CA GLU A 47 12.10 4.53 5.35
C GLU A 47 11.61 3.34 4.57
N VAL A 48 11.14 3.58 3.33
CA VAL A 48 10.54 2.52 2.48
C VAL A 48 11.54 1.40 2.20
N GLU A 49 12.81 1.76 2.12
CA GLU A 49 13.88 0.86 1.81
C GLU A 49 14.01 -0.18 2.89
N GLU A 50 14.19 0.28 4.10
CA GLU A 50 14.40 -0.61 5.23
C GLU A 50 13.07 -1.06 5.85
N ALA A 51 12.01 -0.90 5.12
CA ALA A 51 10.70 -1.26 5.57
C ALA A 51 10.17 -2.45 4.84
N ASP A 52 9.44 -3.24 5.56
CA ASP A 52 8.76 -4.37 5.02
C ASP A 52 7.40 -4.44 5.67
N GLY A 53 6.45 -5.02 4.97
CA GLY A 53 5.11 -5.29 5.47
C GLY A 53 4.47 -4.13 6.21
N LYS A 54 4.40 -4.26 7.53
CA LYS A 54 3.74 -3.30 8.41
C LYS A 54 4.40 -1.96 8.32
N LYS A 55 5.72 -1.94 8.29
CA LYS A 55 6.44 -0.70 8.23
C LYS A 55 6.14 0.06 6.97
N LEU A 56 5.94 -0.65 5.89
CA LEU A 56 5.67 -0.01 4.63
C LEU A 56 4.28 0.62 4.65
N ALA A 57 3.33 -0.10 5.22
CA ALA A 57 1.94 0.39 5.36
C ALA A 57 1.93 1.69 6.14
N GLU A 58 2.79 1.74 7.12
CA GLU A 58 2.93 2.83 8.04
C GLU A 58 3.45 4.08 7.29
N ILE A 59 4.25 3.86 6.30
CA ILE A 59 4.81 4.93 5.51
C ILE A 59 3.75 5.43 4.53
N LEU A 60 2.99 4.50 3.95
CA LEU A 60 1.89 4.86 3.05
C LEU A 60 0.85 5.70 3.76
N VAL A 61 0.52 5.35 5.00
CA VAL A 61 -0.48 6.10 5.75
C VAL A 61 0.08 7.39 6.31
N ASN A 62 1.36 7.60 6.12
CA ASN A 62 1.99 8.80 6.58
C ASN A 62 1.90 9.88 5.50
N THR A 63 2.02 9.45 4.27
CA THR A 63 2.05 10.37 3.15
C THR A 63 0.70 10.50 2.45
N SER A 64 -0.08 9.46 2.46
CA SER A 64 -1.36 9.50 1.83
C SER A 64 -2.48 9.26 2.82
N SER A 65 -3.64 9.76 2.50
CA SER A 65 -4.81 9.53 3.28
C SER A 65 -5.41 8.19 2.85
N GLU A 66 -6.13 7.53 3.76
CA GLU A 66 -6.69 6.19 3.51
C GLU A 66 -7.53 6.14 2.23
N ASN A 67 -8.22 7.23 1.93
CA ASN A 67 -9.10 7.35 0.77
C ASN A 67 -8.31 7.24 -0.52
N TRP A 68 -7.05 7.59 -0.48
CA TRP A 68 -6.23 7.52 -1.66
C TRP A 68 -5.54 6.15 -1.69
N ILE A 69 -5.08 5.71 -0.53
CA ILE A 69 -4.32 4.45 -0.42
C ILE A 69 -5.19 3.26 -0.79
N ARG A 70 -6.49 3.35 -0.49
CA ARG A 70 -7.44 2.27 -0.79
C ARG A 70 -7.53 2.02 -2.30
N ASN A 71 -7.14 3.01 -3.07
CA ASN A 71 -7.06 2.89 -4.52
C ASN A 71 -5.65 2.46 -4.91
N ALA A 72 -4.68 3.16 -4.31
CA ALA A 72 -3.26 2.96 -4.56
C ALA A 72 -2.82 1.51 -4.38
N THR A 73 -3.05 0.95 -3.19
CA THR A 73 -2.61 -0.40 -2.89
C THR A 73 -3.24 -1.41 -3.84
N VAL A 74 -4.52 -1.28 -4.10
CA VAL A 74 -5.19 -2.17 -5.02
C VAL A 74 -4.54 -2.10 -6.41
N ASN A 75 -4.31 -0.88 -6.86
CA ASN A 75 -3.67 -0.61 -8.15
C ASN A 75 -2.24 -1.18 -8.18
N ILE A 76 -1.46 -0.93 -7.13
CA ILE A 76 -0.07 -1.44 -7.04
C ILE A 76 -0.09 -2.97 -7.08
N LEU A 77 -0.94 -3.58 -6.26
CA LEU A 77 -1.07 -5.02 -6.21
C LEU A 77 -1.54 -5.58 -7.55
N GLU A 78 -2.38 -4.85 -8.24
CA GLU A 78 -2.82 -5.21 -9.57
C GLU A 78 -1.68 -5.11 -10.57
N GLU A 79 -0.86 -4.10 -10.43
CA GLU A 79 0.34 -3.95 -11.25
C GLU A 79 1.40 -4.99 -10.89
N MET A 80 1.21 -5.67 -9.76
CA MET A 80 2.09 -6.76 -9.36
C MET A 80 1.56 -8.06 -9.92
N ASN A 81 0.41 -7.98 -10.61
CA ASN A 81 -0.27 -9.13 -11.23
C ASN A 81 -0.87 -10.04 -10.13
N LEU A 82 -1.13 -9.44 -8.99
CA LEU A 82 -1.69 -10.15 -7.87
C LEU A 82 -3.20 -10.09 -7.89
N THR A 83 -3.85 -11.22 -7.75
CA THR A 83 -5.28 -11.25 -7.64
C THR A 83 -5.70 -11.58 -6.22
N GLU A 84 -5.45 -12.81 -5.80
CA GLU A 84 -5.87 -13.39 -4.49
C GLU A 84 -5.86 -12.40 -3.29
N LEU A 85 -4.70 -11.90 -2.91
CA LEU A 85 -4.60 -10.97 -1.79
C LEU A 85 -5.10 -9.57 -2.16
N CYS A 86 -5.02 -9.23 -3.42
CA CYS A 86 -5.50 -7.93 -3.87
C CYS A 86 -7.03 -7.91 -3.75
N LYS A 87 -7.65 -9.06 -3.98
CA LYS A 87 -9.08 -9.25 -3.88
C LYS A 87 -9.54 -9.19 -2.43
N MET A 88 -8.59 -9.39 -1.53
CA MET A 88 -8.83 -9.24 -0.11
C MET A 88 -8.94 -7.75 0.19
N ALA A 89 -8.01 -6.98 -0.37
CA ALA A 89 -8.01 -5.52 -0.28
C ALA A 89 -9.29 -4.99 -0.91
N LYS A 90 -9.61 -5.52 -2.08
CA LYS A 90 -10.83 -5.16 -2.85
C LYS A 90 -12.13 -5.53 -2.12
N ALA A 91 -12.01 -6.21 -1.00
CA ALA A 91 -13.15 -6.58 -0.21
C ALA A 91 -13.16 -5.84 1.12
N GLU A 92 -12.11 -5.09 1.38
CA GLU A 92 -11.99 -4.40 2.66
C GLU A 92 -11.67 -2.93 2.43
N MET A 93 -10.51 -2.68 1.86
CA MET A 93 -10.09 -1.33 1.52
C MET A 93 -10.58 -0.98 0.16
N MET A 94 -11.83 -0.58 0.12
CA MET A 94 -12.52 -0.28 -1.09
C MET A 94 -12.79 1.19 -1.17
N GLU A 95 -12.71 1.74 -2.35
CA GLU A 95 -13.08 3.11 -2.55
C GLU A 95 -14.60 3.27 -2.48
N ASP A 96 -15.03 4.09 -1.56
CA ASP A 96 -16.43 4.31 -1.31
C ASP A 96 -16.99 5.36 -2.23
N GLY A 97 -17.88 4.93 -3.04
CA GLY A 97 -18.60 5.76 -3.95
C GLY A 97 -19.89 5.08 -4.22
N GLN A 98 -20.39 4.46 -3.17
CA GLN A 98 -21.54 3.61 -3.24
C GLN A 98 -22.82 4.41 -3.31
N MET A 3 -10.53 4.54 7.94
CA MET A 3 -11.53 4.95 8.93
C MET A 3 -10.82 5.22 10.23
N THR A 4 -10.55 4.17 10.97
CA THR A 4 -9.78 4.26 12.18
C THR A 4 -8.34 3.96 11.83
N SER A 5 -7.43 4.75 12.34
CA SER A 5 -6.02 4.65 11.97
C SER A 5 -5.43 3.20 12.12
N PRO A 6 -5.60 2.51 13.30
CA PRO A 6 -5.10 1.14 13.46
C PRO A 6 -5.76 0.15 12.48
N GLN A 7 -7.06 0.27 12.24
CA GLN A 7 -7.77 -0.65 11.33
C GLN A 7 -7.42 -0.38 9.88
N LEU A 8 -7.24 0.88 9.60
CA LEU A 8 -6.84 1.35 8.29
C LEU A 8 -5.49 0.75 7.95
N GLU A 9 -4.52 0.99 8.82
CA GLU A 9 -3.19 0.48 8.60
C GLU A 9 -3.19 -1.05 8.65
N TRP A 10 -4.06 -1.62 9.50
CA TRP A 10 -4.23 -3.08 9.56
C TRP A 10 -4.55 -3.64 8.20
N THR A 11 -5.47 -3.01 7.52
CA THR A 11 -5.89 -3.51 6.25
C THR A 11 -4.74 -3.42 5.22
N LEU A 12 -3.98 -2.37 5.33
CA LEU A 12 -2.83 -2.19 4.47
C LEU A 12 -1.77 -3.26 4.79
N GLN A 13 -1.40 -3.35 6.09
CA GLN A 13 -0.36 -4.26 6.56
C GLN A 13 -0.68 -5.69 6.23
N THR A 14 -1.91 -6.08 6.42
CA THR A 14 -2.34 -7.44 6.16
C THR A 14 -2.03 -7.88 4.72
N LEU A 15 -2.12 -6.95 3.80
CA LEU A 15 -1.78 -7.20 2.41
C LEU A 15 -0.26 -7.25 2.26
N LEU A 16 0.41 -6.23 2.77
CA LEU A 16 1.87 -6.11 2.65
C LEU A 16 2.61 -7.18 3.45
N GLU A 17 2.00 -7.71 4.48
CA GLU A 17 2.57 -8.81 5.25
C GLU A 17 2.56 -10.09 4.43
N GLN A 18 1.76 -10.09 3.38
CA GLN A 18 1.68 -11.19 2.45
C GLN A 18 2.57 -10.95 1.24
N LEU A 19 3.15 -9.77 1.16
CA LEU A 19 4.03 -9.47 0.06
C LEU A 19 5.24 -8.68 0.57
N ASN A 20 6.32 -9.34 0.80
CA ASN A 20 7.48 -8.62 1.34
C ASN A 20 8.79 -9.33 1.22
N GLU A 21 8.81 -10.44 0.51
CA GLU A 21 10.05 -11.12 0.26
C GLU A 21 10.78 -10.42 -0.92
N ASP A 22 10.43 -10.76 -2.13
CA ASP A 22 11.01 -10.10 -3.30
C ASP A 22 9.99 -9.11 -3.81
N GLU A 23 8.77 -9.43 -3.49
CA GLU A 23 7.55 -8.70 -3.77
C GLU A 23 7.70 -7.23 -3.38
N LEU A 24 8.32 -7.03 -2.23
CA LEU A 24 8.52 -5.71 -1.66
C LEU A 24 9.36 -4.84 -2.57
N LYS A 25 10.34 -5.46 -3.20
CA LYS A 25 11.26 -4.80 -4.10
C LYS A 25 10.49 -4.25 -5.27
N SER A 26 9.57 -5.05 -5.74
CA SER A 26 8.67 -4.71 -6.75
C SER A 26 7.75 -3.58 -6.31
N PHE A 27 7.07 -3.79 -5.19
CA PHE A 27 6.10 -2.86 -4.63
C PHE A 27 6.70 -1.45 -4.50
N LYS A 28 7.92 -1.37 -3.94
CA LYS A 28 8.64 -0.09 -3.79
C LYS A 28 8.79 0.63 -5.13
N SER A 29 9.21 -0.11 -6.12
CA SER A 29 9.51 0.45 -7.42
C SER A 29 8.22 0.79 -8.16
N LEU A 30 7.23 -0.07 -8.02
CA LEU A 30 5.95 0.08 -8.68
C LEU A 30 5.20 1.26 -8.16
N LEU A 31 5.29 1.50 -6.88
CA LEU A 31 4.61 2.63 -6.31
C LEU A 31 5.34 3.91 -6.69
N TRP A 32 6.63 3.79 -6.95
CA TRP A 32 7.41 4.94 -7.35
C TRP A 32 7.24 5.21 -8.84
N ALA A 33 6.71 4.23 -9.54
CA ALA A 33 6.55 4.29 -10.98
C ALA A 33 5.30 5.05 -11.38
N PHE A 34 4.23 4.89 -10.62
CA PHE A 34 3.03 5.58 -10.97
C PHE A 34 3.17 7.03 -10.52
N PRO A 35 2.57 7.99 -11.24
CA PRO A 35 2.65 9.41 -10.87
C PRO A 35 2.05 9.66 -9.47
N LEU A 36 2.92 10.02 -8.54
CA LEU A 36 2.54 10.19 -7.15
C LEU A 36 1.73 11.45 -6.95
N GLU A 37 0.79 11.39 -6.02
CA GLU A 37 -0.09 12.52 -5.75
C GLU A 37 -0.23 12.69 -4.24
N ASP A 38 -1.16 13.54 -3.86
CA ASP A 38 -1.50 13.84 -2.45
C ASP A 38 -0.30 14.31 -1.65
N VAL A 39 0.28 13.44 -0.85
CA VAL A 39 1.44 13.79 -0.04
C VAL A 39 2.49 12.68 -0.22
N LEU A 40 2.28 11.86 -1.23
CA LEU A 40 3.13 10.71 -1.48
C LEU A 40 4.41 11.12 -2.22
N GLN A 41 4.50 12.39 -2.52
CA GLN A 41 5.62 12.91 -3.26
C GLN A 41 6.85 13.10 -2.38
N LYS A 42 6.65 13.22 -1.07
CA LYS A 42 7.76 13.42 -0.15
C LYS A 42 8.06 12.17 0.68
N THR A 43 7.42 11.07 0.34
CA THR A 43 7.58 9.81 1.03
C THR A 43 9.05 9.40 1.10
N PRO A 44 9.58 9.26 2.34
CA PRO A 44 10.98 8.93 2.55
C PRO A 44 11.36 7.52 2.09
N TRP A 45 11.95 7.44 0.91
CA TRP A 45 12.36 6.17 0.31
C TRP A 45 13.34 5.43 1.22
N SER A 46 14.19 6.17 1.91
CA SER A 46 15.17 5.58 2.81
C SER A 46 14.48 4.73 3.90
N GLU A 47 13.28 5.15 4.28
CA GLU A 47 12.49 4.43 5.24
C GLU A 47 11.74 3.30 4.57
N VAL A 48 11.18 3.56 3.38
CA VAL A 48 10.37 2.55 2.65
C VAL A 48 11.25 1.36 2.28
N GLU A 49 12.53 1.64 2.18
CA GLU A 49 13.52 0.71 1.80
C GLU A 49 13.77 -0.31 2.87
N GLU A 50 13.96 0.15 4.07
CA GLU A 50 14.33 -0.76 5.11
C GLU A 50 13.09 -1.39 5.77
N ALA A 51 11.96 -0.82 5.48
CA ALA A 51 10.70 -1.27 6.01
C ALA A 51 10.09 -2.33 5.12
N ASP A 52 9.36 -3.20 5.74
CA ASP A 52 8.66 -4.25 5.06
C ASP A 52 7.31 -4.37 5.66
N GLY A 53 6.41 -4.99 4.92
CA GLY A 53 5.08 -5.33 5.40
C GLY A 53 4.36 -4.21 6.15
N LYS A 54 4.28 -4.38 7.47
CA LYS A 54 3.60 -3.46 8.36
C LYS A 54 4.26 -2.13 8.36
N LYS A 55 5.59 -2.16 8.41
CA LYS A 55 6.35 -0.93 8.48
C LYS A 55 6.17 -0.11 7.24
N LEU A 56 6.11 -0.77 6.11
CA LEU A 56 5.94 -0.10 4.86
C LEU A 56 4.56 0.54 4.78
N ALA A 57 3.54 -0.20 5.22
CA ALA A 57 2.15 0.30 5.26
C ALA A 57 2.06 1.55 6.14
N GLU A 58 2.87 1.56 7.18
CA GLU A 58 2.94 2.64 8.14
C GLU A 58 3.55 3.90 7.49
N ILE A 59 4.42 3.68 6.51
CA ILE A 59 5.06 4.77 5.79
C ILE A 59 4.11 5.31 4.70
N LEU A 60 3.15 4.50 4.28
CA LEU A 60 2.12 4.97 3.37
C LEU A 60 1.25 6.01 4.06
N VAL A 61 0.80 5.69 5.28
CA VAL A 61 -0.05 6.62 6.06
C VAL A 61 0.79 7.76 6.62
N ASN A 62 2.10 7.56 6.62
CA ASN A 62 3.07 8.58 7.03
C ASN A 62 3.00 9.78 6.10
N THR A 63 2.55 9.55 4.88
CA THR A 63 2.46 10.59 3.90
C THR A 63 1.05 10.82 3.38
N SER A 64 0.52 9.86 2.66
CA SER A 64 -0.74 10.04 1.98
C SER A 64 -1.93 9.83 2.87
N SER A 65 -3.01 10.47 2.50
CA SER A 65 -4.29 10.35 3.13
C SER A 65 -4.81 8.92 3.04
N GLU A 66 -5.37 8.46 4.13
CA GLU A 66 -5.77 7.07 4.31
C GLU A 66 -6.69 6.52 3.20
N ASN A 67 -7.63 7.31 2.73
CA ASN A 67 -8.56 6.77 1.74
C ASN A 67 -8.01 6.93 0.33
N TRP A 68 -6.96 7.70 0.20
CA TRP A 68 -6.26 7.83 -1.06
C TRP A 68 -5.47 6.54 -1.26
N ILE A 69 -4.88 6.08 -0.16
CA ILE A 69 -4.03 4.89 -0.12
C ILE A 69 -4.77 3.63 -0.57
N ARG A 70 -6.11 3.66 -0.50
CA ARG A 70 -6.90 2.49 -0.89
C ARG A 70 -6.68 2.18 -2.37
N ASN A 71 -6.49 3.23 -3.18
CA ASN A 71 -6.21 3.06 -4.60
C ASN A 71 -4.83 2.47 -4.76
N ALA A 72 -3.88 3.06 -4.04
CA ALA A 72 -2.48 2.69 -4.12
C ALA A 72 -2.25 1.18 -3.85
N THR A 73 -2.69 0.72 -2.69
CA THR A 73 -2.42 -0.65 -2.25
C THR A 73 -3.31 -1.68 -2.97
N VAL A 74 -4.16 -1.22 -3.79
CA VAL A 74 -4.87 -2.13 -4.64
C VAL A 74 -4.14 -2.20 -5.96
N ASN A 75 -3.87 -1.04 -6.50
CA ASN A 75 -3.26 -0.87 -7.82
C ASN A 75 -1.88 -1.51 -7.93
N ILE A 76 -1.03 -1.36 -6.90
CA ILE A 76 0.34 -1.93 -6.97
C ILE A 76 0.25 -3.44 -7.07
N LEU A 77 -0.71 -3.99 -6.37
CA LEU A 77 -0.93 -5.40 -6.34
C LEU A 77 -1.48 -5.86 -7.70
N GLU A 78 -2.30 -5.02 -8.32
CA GLU A 78 -2.80 -5.24 -9.68
C GLU A 78 -1.63 -5.24 -10.67
N GLU A 79 -0.68 -4.37 -10.40
CA GLU A 79 0.53 -4.22 -11.21
C GLU A 79 1.47 -5.42 -11.05
N MET A 80 1.26 -6.20 -10.01
CA MET A 80 2.06 -7.40 -9.77
C MET A 80 1.27 -8.64 -10.19
N ASN A 81 0.08 -8.38 -10.73
CA ASN A 81 -0.87 -9.40 -11.20
C ASN A 81 -1.37 -10.25 -10.01
N LEU A 82 -1.22 -9.71 -8.82
CA LEU A 82 -1.67 -10.37 -7.62
C LEU A 82 -3.18 -10.36 -7.60
N THR A 83 -3.77 -11.46 -7.30
CA THR A 83 -5.19 -11.57 -7.30
C THR A 83 -5.69 -11.81 -5.90
N GLU A 84 -5.27 -12.92 -5.35
CA GLU A 84 -5.66 -13.41 -4.04
C GLU A 84 -5.74 -12.31 -2.95
N LEU A 85 -4.64 -11.67 -2.68
CA LEU A 85 -4.62 -10.63 -1.66
C LEU A 85 -5.16 -9.31 -2.19
N CYS A 86 -5.07 -9.11 -3.48
CA CYS A 86 -5.55 -7.87 -4.09
C CYS A 86 -7.09 -7.84 -4.05
N LYS A 87 -7.69 -9.00 -4.19
CA LYS A 87 -9.12 -9.18 -4.12
C LYS A 87 -9.60 -9.03 -2.70
N MET A 88 -8.67 -9.17 -1.77
CA MET A 88 -8.93 -8.95 -0.38
C MET A 88 -8.95 -7.46 -0.14
N ALA A 89 -8.08 -6.76 -0.86
CA ALA A 89 -8.01 -5.32 -0.78
C ALA A 89 -9.28 -4.74 -1.39
N LYS A 90 -9.75 -5.39 -2.44
CA LYS A 90 -11.01 -5.06 -3.10
C LYS A 90 -12.22 -5.47 -2.25
N ALA A 91 -11.96 -6.04 -1.10
CA ALA A 91 -13.02 -6.42 -0.19
C ALA A 91 -12.93 -5.64 1.10
N GLU A 92 -11.78 -5.05 1.33
CA GLU A 92 -11.48 -4.44 2.60
C GLU A 92 -11.19 -2.93 2.50
N MET A 93 -10.18 -2.55 1.72
CA MET A 93 -9.78 -1.12 1.65
C MET A 93 -10.72 -0.31 0.76
N MET A 94 -11.56 -0.99 0.03
CA MET A 94 -12.51 -0.33 -0.84
C MET A 94 -13.62 0.32 -0.01
N GLU A 95 -14.01 1.53 -0.41
CA GLU A 95 -15.06 2.32 0.28
C GLU A 95 -14.88 2.44 1.77
N ASP A 96 -13.65 2.56 2.15
CA ASP A 96 -13.28 2.83 3.53
C ASP A 96 -13.93 4.15 3.93
N GLY A 97 -13.70 5.14 3.11
CA GLY A 97 -14.39 6.39 3.20
C GLY A 97 -15.02 6.64 1.86
N GLN A 98 -15.50 7.82 1.61
CA GLN A 98 -16.02 8.12 0.28
C GLN A 98 -14.86 8.68 -0.52
N MET A 3 -12.45 4.39 7.00
CA MET A 3 -13.14 5.13 8.05
C MET A 3 -12.23 5.30 9.24
N THR A 4 -11.76 4.21 9.79
CA THR A 4 -10.92 4.26 10.94
C THR A 4 -9.47 4.05 10.56
N SER A 5 -8.62 4.84 11.15
CA SER A 5 -7.19 4.76 10.93
C SER A 5 -6.63 3.38 11.35
N PRO A 6 -6.99 2.82 12.58
CA PRO A 6 -6.52 1.48 13.00
C PRO A 6 -6.84 0.39 11.97
N GLN A 7 -8.09 0.37 11.48
CA GLN A 7 -8.52 -0.64 10.52
C GLN A 7 -7.89 -0.41 9.16
N LEU A 8 -7.71 0.85 8.78
CA LEU A 8 -7.00 1.22 7.56
C LEU A 8 -5.61 0.62 7.59
N GLU A 9 -4.86 1.01 8.61
CA GLU A 9 -3.49 0.66 8.75
C GLU A 9 -3.37 -0.86 8.86
N TRP A 10 -4.35 -1.46 9.55
CA TRP A 10 -4.46 -2.91 9.66
C TRP A 10 -4.61 -3.54 8.29
N THR A 11 -5.55 -3.05 7.52
CA THR A 11 -5.81 -3.63 6.22
C THR A 11 -4.58 -3.56 5.32
N LEU A 12 -3.88 -2.45 5.41
CA LEU A 12 -2.68 -2.25 4.66
C LEU A 12 -1.60 -3.25 5.09
N GLN A 13 -1.34 -3.29 6.43
CA GLN A 13 -0.29 -4.17 6.97
C GLN A 13 -0.58 -5.62 6.65
N THR A 14 -1.83 -6.01 6.72
CA THR A 14 -2.25 -7.37 6.47
C THR A 14 -1.83 -7.83 5.06
N LEU A 15 -1.96 -6.95 4.09
CA LEU A 15 -1.56 -7.25 2.73
C LEU A 15 -0.04 -7.27 2.63
N LEU A 16 0.58 -6.24 3.15
CA LEU A 16 2.03 -6.07 3.08
C LEU A 16 2.78 -7.08 3.97
N GLU A 17 2.09 -7.71 4.88
CA GLU A 17 2.69 -8.76 5.68
C GLU A 17 2.61 -10.10 4.96
N GLN A 18 1.83 -10.12 3.90
CA GLN A 18 1.71 -11.29 3.05
C GLN A 18 2.63 -11.12 1.85
N LEU A 19 2.63 -9.94 1.27
CA LEU A 19 3.52 -9.64 0.16
C LEU A 19 4.70 -8.85 0.73
N ASN A 20 5.88 -9.40 0.70
CA ASN A 20 7.03 -8.65 1.18
C ASN A 20 8.37 -9.18 0.71
N GLU A 21 8.68 -10.47 1.00
CA GLU A 21 10.02 -11.11 0.75
C GLU A 21 10.79 -10.49 -0.38
N ASP A 22 10.38 -10.75 -1.59
CA ASP A 22 10.96 -10.05 -2.70
C ASP A 22 9.88 -9.29 -3.41
N GLU A 23 8.72 -9.38 -2.83
CA GLU A 23 7.47 -8.87 -3.37
C GLU A 23 7.41 -7.37 -3.19
N LEU A 24 7.89 -6.92 -2.05
CA LEU A 24 7.79 -5.54 -1.65
C LEU A 24 8.67 -4.69 -2.52
N LYS A 25 9.73 -5.31 -2.98
CA LYS A 25 10.74 -4.70 -3.82
C LYS A 25 10.11 -4.26 -5.14
N SER A 26 9.16 -5.03 -5.63
CA SER A 26 8.41 -4.70 -6.78
C SER A 26 7.44 -3.56 -6.46
N PHE A 27 6.67 -3.78 -5.40
CA PHE A 27 5.65 -2.87 -4.90
C PHE A 27 6.21 -1.43 -4.72
N LYS A 28 7.40 -1.33 -4.12
CA LYS A 28 8.06 -0.02 -3.91
C LYS A 28 8.31 0.69 -5.23
N SER A 29 8.86 -0.05 -6.18
CA SER A 29 9.18 0.44 -7.47
C SER A 29 7.94 0.91 -8.21
N LEU A 30 6.95 0.07 -8.24
CA LEU A 30 5.68 0.34 -8.90
C LEU A 30 5.01 1.59 -8.37
N LEU A 31 5.10 1.82 -7.08
CA LEU A 31 4.48 3.01 -6.50
C LEU A 31 5.40 4.23 -6.73
N TRP A 32 6.58 3.98 -7.20
CA TRP A 32 7.49 5.04 -7.53
C TRP A 32 7.43 5.29 -9.03
N ALA A 33 6.67 4.46 -9.72
CA ALA A 33 6.57 4.50 -11.15
C ALA A 33 5.45 5.41 -11.60
N PHE A 34 4.49 5.64 -10.73
CA PHE A 34 3.42 6.55 -11.04
C PHE A 34 3.90 7.95 -10.59
N PRO A 35 3.39 9.03 -11.20
CA PRO A 35 3.76 10.38 -10.80
C PRO A 35 3.27 10.73 -9.40
N LEU A 36 4.21 10.84 -8.48
CA LEU A 36 3.90 11.10 -7.10
C LEU A 36 3.32 12.49 -6.96
N GLU A 37 2.36 12.59 -6.10
CA GLU A 37 1.73 13.85 -5.83
C GLU A 37 2.53 14.58 -4.76
N ASP A 38 2.12 15.80 -4.44
CA ASP A 38 2.89 16.71 -3.55
C ASP A 38 3.32 16.06 -2.23
N VAL A 39 2.38 15.49 -1.51
CA VAL A 39 2.70 14.86 -0.22
C VAL A 39 3.38 13.49 -0.45
N LEU A 40 3.08 12.85 -1.56
CA LEU A 40 3.65 11.54 -1.90
C LEU A 40 5.13 11.64 -2.19
N GLN A 41 5.54 12.79 -2.64
CA GLN A 41 6.92 13.03 -2.96
C GLN A 41 7.77 13.18 -1.67
N LYS A 42 7.11 13.30 -0.53
CA LYS A 42 7.82 13.39 0.73
C LYS A 42 8.22 11.99 1.19
N THR A 43 7.48 10.98 0.72
CA THR A 43 7.62 9.59 1.14
C THR A 43 9.10 9.15 1.17
N PRO A 44 9.64 8.91 2.37
CA PRO A 44 11.03 8.59 2.57
C PRO A 44 11.38 7.20 2.05
N TRP A 45 11.96 7.15 0.85
CA TRP A 45 12.38 5.89 0.26
C TRP A 45 13.45 5.25 1.13
N SER A 46 14.28 6.07 1.72
CA SER A 46 15.33 5.60 2.62
C SER A 46 14.72 4.79 3.79
N GLU A 47 13.50 5.15 4.17
CA GLU A 47 12.78 4.43 5.19
C GLU A 47 12.10 3.23 4.58
N VAL A 48 11.48 3.41 3.40
CA VAL A 48 10.76 2.31 2.74
C VAL A 48 11.72 1.16 2.41
N GLU A 49 12.99 1.50 2.17
CA GLU A 49 14.02 0.56 1.88
C GLU A 49 14.18 -0.46 2.96
N GLU A 50 14.33 0.00 4.16
CA GLU A 50 14.59 -0.90 5.26
C GLU A 50 13.31 -1.24 6.03
N ALA A 51 12.20 -0.96 5.41
CA ALA A 51 10.90 -1.24 5.97
C ALA A 51 10.24 -2.35 5.22
N ASP A 52 9.63 -3.24 5.95
CA ASP A 52 8.92 -4.32 5.35
C ASP A 52 7.56 -4.40 5.95
N GLY A 53 6.62 -4.88 5.16
CA GLY A 53 5.26 -5.14 5.60
C GLY A 53 4.57 -3.99 6.28
N LYS A 54 4.39 -4.13 7.60
CA LYS A 54 3.71 -3.16 8.42
C LYS A 54 4.43 -1.86 8.39
N LYS A 55 5.75 -1.91 8.39
CA LYS A 55 6.53 -0.71 8.40
C LYS A 55 6.30 0.09 7.15
N LEU A 56 6.18 -0.58 6.04
CA LEU A 56 5.93 0.09 4.79
C LEU A 56 4.53 0.72 4.83
N ALA A 57 3.57 -0.02 5.37
CA ALA A 57 2.20 0.49 5.52
C ALA A 57 2.19 1.76 6.38
N GLU A 58 3.06 1.77 7.39
CA GLU A 58 3.23 2.87 8.33
C GLU A 58 3.82 4.10 7.61
N ILE A 59 4.55 3.84 6.55
CA ILE A 59 5.10 4.89 5.73
C ILE A 59 4.05 5.38 4.70
N LEU A 60 3.24 4.44 4.19
CA LEU A 60 2.13 4.81 3.27
C LEU A 60 1.12 5.72 3.96
N VAL A 61 0.78 5.40 5.21
CA VAL A 61 -0.21 6.18 5.95
C VAL A 61 0.38 7.55 6.39
N ASN A 62 1.69 7.66 6.29
CA ASN A 62 2.40 8.89 6.63
C ASN A 62 2.10 9.97 5.61
N THR A 63 2.05 9.59 4.35
CA THR A 63 1.86 10.57 3.32
C THR A 63 0.46 10.51 2.70
N SER A 64 -0.09 9.34 2.58
CA SER A 64 -1.32 9.20 1.85
C SER A 64 -2.54 9.02 2.77
N SER A 65 -3.67 9.49 2.30
CA SER A 65 -4.94 9.34 2.97
C SER A 65 -5.49 7.95 2.69
N GLU A 66 -6.31 7.43 3.61
CA GLU A 66 -6.92 6.10 3.47
C GLU A 66 -7.66 5.93 2.15
N ASN A 67 -8.37 6.96 1.74
CA ASN A 67 -9.18 6.90 0.53
C ASN A 67 -8.30 6.91 -0.72
N TRP A 68 -7.06 7.28 -0.54
CA TRP A 68 -6.08 7.31 -1.60
C TRP A 68 -5.38 5.95 -1.66
N ILE A 69 -4.89 5.51 -0.49
CA ILE A 69 -4.10 4.27 -0.38
C ILE A 69 -4.90 3.07 -0.83
N ARG A 70 -6.19 3.09 -0.55
CA ARG A 70 -7.06 1.99 -0.91
C ARG A 70 -7.08 1.75 -2.42
N ASN A 71 -6.97 2.82 -3.19
CA ASN A 71 -6.91 2.71 -4.64
C ASN A 71 -5.52 2.26 -5.03
N ALA A 72 -4.54 2.92 -4.42
CA ALA A 72 -3.15 2.71 -4.68
C ALA A 72 -2.72 1.27 -4.50
N THR A 73 -2.94 0.72 -3.32
CA THR A 73 -2.47 -0.62 -3.01
C THR A 73 -3.10 -1.68 -3.91
N VAL A 74 -4.35 -1.48 -4.31
CA VAL A 74 -5.00 -2.41 -5.21
C VAL A 74 -4.35 -2.31 -6.58
N ASN A 75 -4.24 -1.09 -7.07
CA ASN A 75 -3.62 -0.80 -8.38
C ASN A 75 -2.19 -1.35 -8.47
N ILE A 76 -1.43 -1.18 -7.39
CA ILE A 76 -0.07 -1.71 -7.35
C ILE A 76 -0.10 -3.24 -7.41
N LEU A 77 -1.02 -3.87 -6.69
CA LEU A 77 -1.09 -5.33 -6.70
C LEU A 77 -1.59 -5.83 -8.04
N GLU A 78 -2.48 -5.06 -8.66
CA GLU A 78 -2.99 -5.34 -10.01
C GLU A 78 -1.84 -5.33 -11.00
N GLU A 79 -0.88 -4.45 -10.77
CA GLU A 79 0.26 -4.31 -11.64
C GLU A 79 1.21 -5.51 -11.41
N MET A 80 1.17 -6.05 -10.20
CA MET A 80 1.98 -7.22 -9.83
C MET A 80 1.25 -8.51 -10.25
N ASN A 81 0.04 -8.34 -10.77
CA ASN A 81 -0.85 -9.44 -11.22
C ASN A 81 -1.28 -10.29 -10.01
N LEU A 82 -1.38 -9.64 -8.89
CA LEU A 82 -1.81 -10.24 -7.66
C LEU A 82 -3.31 -10.37 -7.63
N THR A 83 -3.77 -11.53 -7.25
CA THR A 83 -5.17 -11.79 -7.11
C THR A 83 -5.46 -12.16 -5.68
N GLU A 84 -4.79 -13.22 -5.24
CA GLU A 84 -4.95 -13.84 -3.95
C GLU A 84 -5.17 -12.85 -2.79
N LEU A 85 -4.20 -12.00 -2.51
CA LEU A 85 -4.39 -11.03 -1.46
C LEU A 85 -4.95 -9.72 -1.99
N CYS A 86 -4.89 -9.50 -3.27
CA CYS A 86 -5.40 -8.25 -3.84
C CYS A 86 -6.92 -8.24 -3.73
N LYS A 87 -7.51 -9.41 -3.83
CA LYS A 87 -8.94 -9.59 -3.67
C LYS A 87 -9.35 -9.33 -2.23
N MET A 88 -8.41 -9.47 -1.32
CA MET A 88 -8.64 -9.18 0.06
C MET A 88 -8.68 -7.67 0.21
N ALA A 89 -7.82 -7.01 -0.53
CA ALA A 89 -7.78 -5.56 -0.53
C ALA A 89 -9.04 -4.99 -1.17
N LYS A 90 -9.49 -5.64 -2.23
CA LYS A 90 -10.72 -5.26 -2.93
C LYS A 90 -11.96 -5.48 -2.04
N ALA A 91 -11.79 -6.27 -1.01
CA ALA A 91 -12.83 -6.52 -0.05
C ALA A 91 -12.73 -5.52 1.10
N GLU A 92 -11.60 -5.56 1.72
CA GLU A 92 -11.27 -4.82 2.92
C GLU A 92 -10.99 -3.33 2.68
N MET A 93 -9.98 -3.03 1.87
CA MET A 93 -9.61 -1.63 1.61
C MET A 93 -10.62 -0.92 0.76
N MET A 94 -11.39 -1.67 0.02
CA MET A 94 -12.46 -1.08 -0.71
C MET A 94 -13.68 -0.97 0.16
N GLU A 95 -13.65 0.06 0.97
CA GLU A 95 -14.67 0.36 1.93
C GLU A 95 -15.86 1.04 1.24
N ASP A 96 -16.60 0.23 0.53
CA ASP A 96 -17.80 0.64 -0.17
C ASP A 96 -18.69 -0.55 -0.26
N GLY A 97 -19.95 -0.32 -0.50
CA GLY A 97 -20.86 -1.40 -0.75
C GLY A 97 -20.91 -1.65 -2.23
N GLN A 98 -21.99 -2.16 -2.73
CA GLN A 98 -22.09 -2.37 -4.13
C GLN A 98 -23.11 -1.53 -4.78
N MET A 3 -12.70 2.11 7.91
CA MET A 3 -13.60 2.58 8.97
C MET A 3 -12.80 3.03 10.18
N THR A 4 -12.09 2.11 10.80
CA THR A 4 -11.28 2.45 11.93
C THR A 4 -9.81 2.58 11.52
N SER A 5 -9.12 3.58 12.07
CA SER A 5 -7.71 3.81 11.80
C SER A 5 -6.83 2.55 12.12
N PRO A 6 -7.02 1.87 13.30
CA PRO A 6 -6.30 0.62 13.59
C PRO A 6 -6.52 -0.44 12.50
N GLN A 7 -7.77 -0.64 12.09
CA GLN A 7 -8.08 -1.62 11.07
C GLN A 7 -7.58 -1.19 9.71
N LEU A 8 -7.54 0.10 9.49
CA LEU A 8 -7.01 0.71 8.27
C LEU A 8 -5.56 0.24 8.08
N GLU A 9 -4.73 0.53 9.07
CA GLU A 9 -3.32 0.18 9.02
C GLU A 9 -3.17 -1.34 9.02
N TRP A 10 -4.05 -2.01 9.74
CA TRP A 10 -4.09 -3.46 9.78
C TRP A 10 -4.36 -4.03 8.40
N THR A 11 -5.35 -3.51 7.70
CA THR A 11 -5.70 -4.06 6.42
C THR A 11 -4.56 -3.93 5.43
N LEU A 12 -3.93 -2.78 5.46
CA LEU A 12 -2.79 -2.52 4.62
C LEU A 12 -1.66 -3.50 4.96
N GLN A 13 -1.33 -3.57 6.27
CA GLN A 13 -0.22 -4.38 6.75
C GLN A 13 -0.42 -5.84 6.38
N THR A 14 -1.64 -6.32 6.50
CA THR A 14 -1.99 -7.70 6.25
C THR A 14 -1.70 -8.08 4.78
N LEU A 15 -1.86 -7.13 3.90
CA LEU A 15 -1.57 -7.33 2.49
C LEU A 15 -0.06 -7.38 2.32
N LEU A 16 0.61 -6.42 2.92
CA LEU A 16 2.06 -6.29 2.81
C LEU A 16 2.81 -7.34 3.68
N GLU A 17 2.09 -8.06 4.50
CA GLU A 17 2.68 -9.17 5.22
C GLU A 17 2.59 -10.43 4.38
N GLN A 18 1.76 -10.37 3.38
CA GLN A 18 1.60 -11.46 2.45
C GLN A 18 2.50 -11.23 1.23
N LEU A 19 2.82 -9.98 0.98
CA LEU A 19 3.72 -9.64 -0.10
C LEU A 19 4.89 -8.87 0.50
N ASN A 20 6.07 -9.42 0.46
CA ASN A 20 7.24 -8.74 0.96
C ASN A 20 8.53 -9.35 0.51
N GLU A 21 8.68 -10.67 0.75
CA GLU A 21 9.93 -11.46 0.50
C GLU A 21 10.75 -10.94 -0.67
N ASP A 22 10.17 -11.01 -1.84
CA ASP A 22 10.82 -10.51 -3.03
C ASP A 22 9.78 -9.73 -3.79
N GLU A 23 8.76 -9.40 -3.08
CA GLU A 23 7.56 -8.81 -3.62
C GLU A 23 7.56 -7.32 -3.35
N LEU A 24 8.08 -6.97 -2.19
CA LEU A 24 8.08 -5.60 -1.73
C LEU A 24 8.94 -4.76 -2.64
N LYS A 25 9.94 -5.41 -3.18
CA LYS A 25 10.87 -4.82 -4.12
C LYS A 25 10.12 -4.26 -5.32
N SER A 26 9.24 -5.07 -5.86
CA SER A 26 8.40 -4.72 -6.93
C SER A 26 7.45 -3.60 -6.50
N PHE A 27 6.78 -3.82 -5.38
CA PHE A 27 5.82 -2.90 -4.81
C PHE A 27 6.41 -1.49 -4.70
N LYS A 28 7.58 -1.39 -4.08
CA LYS A 28 8.31 -0.13 -3.90
C LYS A 28 8.57 0.55 -5.24
N SER A 29 8.96 -0.23 -6.21
CA SER A 29 9.34 0.26 -7.51
C SER A 29 8.11 0.80 -8.27
N LEU A 30 7.01 0.10 -8.17
CA LEU A 30 5.75 0.46 -8.83
C LEU A 30 5.15 1.69 -8.17
N LEU A 31 5.33 1.74 -6.88
CA LEU A 31 4.96 2.87 -6.05
C LEU A 31 5.80 4.10 -6.42
N TRP A 32 7.00 3.85 -6.88
CA TRP A 32 7.85 4.93 -7.30
C TRP A 32 7.74 5.16 -8.79
N ALA A 33 6.88 4.39 -9.43
CA ALA A 33 6.71 4.46 -10.87
C ALA A 33 5.48 5.25 -11.23
N PHE A 34 4.52 5.31 -10.33
CA PHE A 34 3.31 6.06 -10.60
C PHE A 34 3.59 7.57 -10.40
N PRO A 35 2.77 8.45 -10.98
CA PRO A 35 2.89 9.89 -10.74
C PRO A 35 2.60 10.19 -9.27
N LEU A 36 3.60 10.67 -8.55
CA LEU A 36 3.50 10.86 -7.10
C LEU A 36 2.61 12.04 -6.70
N GLU A 37 2.18 12.78 -7.71
CA GLU A 37 1.29 13.92 -7.58
C GLU A 37 1.93 15.07 -6.81
N ASP A 38 1.96 14.97 -5.49
CA ASP A 38 2.56 16.00 -4.64
C ASP A 38 2.93 15.44 -3.30
N VAL A 39 1.94 14.92 -2.60
CA VAL A 39 2.13 14.44 -1.23
C VAL A 39 3.08 13.22 -1.18
N LEU A 40 3.11 12.45 -2.25
CA LEU A 40 3.99 11.29 -2.31
C LEU A 40 5.42 11.69 -2.64
N GLN A 41 5.64 12.96 -2.92
CA GLN A 41 6.99 13.48 -3.14
C GLN A 41 7.60 13.82 -1.78
N LYS A 42 6.77 13.66 -0.77
CA LYS A 42 7.12 13.85 0.61
C LYS A 42 7.25 12.47 1.30
N THR A 43 7.37 11.43 0.50
CA THR A 43 7.48 10.10 1.03
C THR A 43 8.95 9.64 1.05
N PRO A 44 9.56 9.56 2.26
CA PRO A 44 10.96 9.11 2.44
C PRO A 44 11.21 7.65 2.03
N TRP A 45 11.82 7.47 0.86
CA TRP A 45 12.15 6.14 0.34
C TRP A 45 13.12 5.38 1.27
N SER A 46 14.00 6.08 1.96
CA SER A 46 14.94 5.43 2.85
C SER A 46 14.19 4.62 3.91
N GLU A 47 13.11 5.18 4.42
CA GLU A 47 12.30 4.48 5.37
C GLU A 47 11.54 3.36 4.72
N VAL A 48 11.01 3.61 3.51
CA VAL A 48 10.22 2.60 2.79
C VAL A 48 11.10 1.39 2.45
N GLU A 49 12.38 1.66 2.24
CA GLU A 49 13.34 0.68 1.87
C GLU A 49 13.58 -0.29 2.97
N GLU A 50 13.89 0.23 4.11
CA GLU A 50 14.25 -0.61 5.20
C GLU A 50 13.01 -1.16 5.92
N ALA A 51 11.87 -0.72 5.49
CA ALA A 51 10.62 -1.15 6.02
C ALA A 51 10.12 -2.32 5.24
N ASP A 52 9.46 -3.18 5.92
CA ASP A 52 8.84 -4.33 5.34
C ASP A 52 7.48 -4.46 5.92
N GLY A 53 6.59 -5.06 5.14
CA GLY A 53 5.24 -5.37 5.57
C GLY A 53 4.51 -4.24 6.27
N LYS A 54 4.38 -4.36 7.59
CA LYS A 54 3.62 -3.42 8.39
C LYS A 54 4.26 -2.07 8.35
N LYS A 55 5.57 -2.06 8.42
CA LYS A 55 6.27 -0.81 8.47
C LYS A 55 6.06 -0.01 7.21
N LEU A 56 6.00 -0.70 6.10
CA LEU A 56 5.81 -0.03 4.84
C LEU A 56 4.40 0.56 4.77
N ALA A 57 3.41 -0.22 5.22
CA ALA A 57 2.01 0.23 5.28
C ALA A 57 1.88 1.48 6.17
N GLU A 58 2.72 1.53 7.19
CA GLU A 58 2.77 2.62 8.15
C GLU A 58 3.30 3.89 7.48
N ILE A 59 4.15 3.71 6.50
CA ILE A 59 4.72 4.83 5.78
C ILE A 59 3.73 5.34 4.72
N LEU A 60 2.87 4.45 4.23
CA LEU A 60 1.80 4.86 3.31
C LEU A 60 0.84 5.83 4.01
N VAL A 61 0.54 5.55 5.28
CA VAL A 61 -0.38 6.41 6.04
C VAL A 61 0.35 7.65 6.59
N ASN A 62 1.63 7.74 6.29
CA ASN A 62 2.43 8.87 6.73
C ASN A 62 2.24 10.03 5.75
N THR A 63 2.02 9.69 4.49
CA THR A 63 1.83 10.68 3.46
C THR A 63 0.42 10.66 2.87
N SER A 64 -0.02 9.52 2.43
CA SER A 64 -1.25 9.45 1.70
C SER A 64 -2.47 9.33 2.60
N SER A 65 -3.56 9.95 2.17
CA SER A 65 -4.84 9.80 2.79
C SER A 65 -5.33 8.40 2.48
N GLU A 66 -6.11 7.81 3.36
CA GLU A 66 -6.61 6.46 3.16
C GLU A 66 -7.54 6.41 1.96
N ASN A 67 -8.12 7.56 1.65
CA ASN A 67 -9.03 7.72 0.50
C ASN A 67 -8.24 7.66 -0.80
N TRP A 68 -6.93 7.79 -0.68
CA TRP A 68 -6.04 7.67 -1.78
C TRP A 68 -5.35 6.29 -1.71
N ILE A 69 -4.92 5.90 -0.50
CA ILE A 69 -4.24 4.61 -0.26
C ILE A 69 -5.10 3.44 -0.72
N ARG A 70 -6.41 3.56 -0.50
CA ARG A 70 -7.39 2.54 -0.90
C ARG A 70 -7.22 2.13 -2.35
N ASN A 71 -6.85 3.07 -3.20
CA ASN A 71 -6.67 2.79 -4.61
C ASN A 71 -5.25 2.34 -4.85
N ALA A 72 -4.31 3.00 -4.18
CA ALA A 72 -2.88 2.73 -4.31
C ALA A 72 -2.52 1.28 -4.01
N THR A 73 -2.96 0.78 -2.87
CA THR A 73 -2.61 -0.57 -2.41
C THR A 73 -3.43 -1.63 -3.15
N VAL A 74 -4.22 -1.20 -4.05
CA VAL A 74 -4.86 -2.09 -4.96
C VAL A 74 -4.08 -2.02 -6.26
N ASN A 75 -3.89 -0.80 -6.74
CA ASN A 75 -3.16 -0.49 -7.99
C ASN A 75 -1.79 -1.16 -8.05
N ILE A 76 -1.01 -1.05 -6.99
CA ILE A 76 0.35 -1.65 -6.96
C ILE A 76 0.24 -3.17 -7.11
N LEU A 77 -0.76 -3.73 -6.48
CA LEU A 77 -0.99 -5.15 -6.49
C LEU A 77 -1.53 -5.60 -7.85
N GLU A 78 -2.36 -4.75 -8.44
CA GLU A 78 -2.85 -4.93 -9.81
C GLU A 78 -1.64 -4.95 -10.76
N GLU A 79 -0.72 -4.02 -10.53
CA GLU A 79 0.52 -3.89 -11.29
C GLU A 79 1.41 -5.14 -11.15
N MET A 80 1.29 -5.83 -10.01
CA MET A 80 2.06 -7.05 -9.77
C MET A 80 1.29 -8.27 -10.24
N ASN A 81 0.06 -8.03 -10.70
CA ASN A 81 -0.86 -9.06 -11.23
C ASN A 81 -1.26 -10.02 -10.10
N LEU A 82 -1.35 -9.46 -8.93
CA LEU A 82 -1.72 -10.18 -7.75
C LEU A 82 -3.24 -10.20 -7.63
N THR A 83 -3.82 -11.37 -7.57
CA THR A 83 -5.23 -11.49 -7.37
C THR A 83 -5.56 -11.81 -5.92
N GLU A 84 -5.21 -13.02 -5.51
CA GLU A 84 -5.51 -13.59 -4.18
C GLU A 84 -5.54 -12.58 -3.01
N LEU A 85 -4.41 -11.97 -2.71
CA LEU A 85 -4.33 -11.00 -1.63
C LEU A 85 -4.94 -9.66 -2.02
N CYS A 86 -4.86 -9.31 -3.28
CA CYS A 86 -5.40 -8.03 -3.75
C CYS A 86 -6.91 -8.02 -3.59
N LYS A 87 -7.53 -9.19 -3.75
CA LYS A 87 -8.96 -9.36 -3.59
C LYS A 87 -9.37 -9.10 -2.15
N MET A 88 -8.45 -9.29 -1.23
CA MET A 88 -8.68 -8.99 0.16
C MET A 88 -8.74 -7.49 0.32
N ALA A 89 -7.91 -6.80 -0.43
CA ALA A 89 -7.85 -5.35 -0.41
C ALA A 89 -9.08 -4.78 -1.09
N LYS A 90 -9.50 -5.44 -2.17
CA LYS A 90 -10.73 -5.09 -2.90
C LYS A 90 -11.88 -5.10 -1.92
N ALA A 91 -11.90 -6.10 -1.10
CA ALA A 91 -12.96 -6.31 -0.16
C ALA A 91 -12.87 -5.38 1.04
N GLU A 92 -11.72 -5.31 1.61
CA GLU A 92 -11.53 -4.59 2.84
C GLU A 92 -11.19 -3.10 2.67
N MET A 93 -10.21 -2.77 1.86
CA MET A 93 -9.77 -1.37 1.73
C MET A 93 -10.58 -0.55 0.76
N MET A 94 -11.45 -1.19 0.03
CA MET A 94 -12.31 -0.46 -0.86
C MET A 94 -13.61 -0.09 -0.21
N GLU A 95 -13.58 1.06 0.44
CA GLU A 95 -14.77 1.59 1.11
C GLU A 95 -15.44 2.62 0.22
N ASP A 96 -14.97 2.63 -1.01
CA ASP A 96 -15.41 3.52 -2.10
C ASP A 96 -15.24 5.02 -1.73
N GLY A 97 -15.81 5.90 -2.51
CA GLY A 97 -15.66 7.31 -2.29
C GLY A 97 -15.53 8.02 -3.61
N GLN A 98 -16.48 7.78 -4.49
CA GLN A 98 -16.47 8.35 -5.81
C GLN A 98 -17.19 9.67 -5.78
N MET A 3 -12.06 2.86 4.62
CA MET A 3 -12.30 3.76 5.73
C MET A 3 -11.72 3.18 7.02
N THR A 4 -12.15 3.71 8.18
CA THR A 4 -11.62 3.46 9.49
C THR A 4 -10.19 3.96 9.62
N SER A 5 -9.60 3.79 10.76
CA SER A 5 -8.22 4.13 10.93
C SER A 5 -7.41 2.89 11.38
N PRO A 6 -7.80 2.15 12.47
CA PRO A 6 -7.06 0.97 12.90
C PRO A 6 -7.16 -0.14 11.87
N GLN A 7 -8.39 -0.49 11.45
CA GLN A 7 -8.59 -1.55 10.47
C GLN A 7 -8.02 -1.17 9.12
N LEU A 8 -8.02 0.11 8.85
CA LEU A 8 -7.47 0.67 7.62
C LEU A 8 -5.99 0.30 7.54
N GLU A 9 -5.23 0.74 8.52
CA GLU A 9 -3.80 0.52 8.57
C GLU A 9 -3.52 -0.99 8.69
N TRP A 10 -4.38 -1.68 9.45
CA TRP A 10 -4.31 -3.12 9.59
C TRP A 10 -4.45 -3.83 8.24
N THR A 11 -5.37 -3.38 7.41
CA THR A 11 -5.58 -4.06 6.17
C THR A 11 -4.36 -3.92 5.27
N LEU A 12 -3.79 -2.74 5.28
CA LEU A 12 -2.60 -2.45 4.53
C LEU A 12 -1.47 -3.38 4.95
N GLN A 13 -1.22 -3.42 6.28
CA GLN A 13 -0.13 -4.23 6.81
C GLN A 13 -0.34 -5.70 6.48
N THR A 14 -1.56 -6.19 6.65
CA THR A 14 -1.90 -7.60 6.43
C THR A 14 -1.56 -8.04 4.99
N LEU A 15 -1.71 -7.16 4.04
CA LEU A 15 -1.36 -7.45 2.67
C LEU A 15 0.16 -7.49 2.52
N LEU A 16 0.81 -6.51 3.10
CA LEU A 16 2.25 -6.35 3.01
C LEU A 16 3.00 -7.34 3.92
N GLU A 17 2.29 -7.96 4.83
CA GLU A 17 2.85 -8.99 5.65
C GLU A 17 2.76 -10.33 4.92
N GLN A 18 1.89 -10.37 3.92
CA GLN A 18 1.74 -11.54 3.07
C GLN A 18 2.66 -11.45 1.87
N LEU A 19 2.77 -10.28 1.30
CA LEU A 19 3.66 -10.05 0.17
C LEU A 19 4.84 -9.24 0.69
N ASN A 20 6.05 -9.72 0.54
CA ASN A 20 7.20 -8.96 1.04
C ASN A 20 8.53 -9.47 0.55
N GLU A 21 8.87 -10.71 0.92
CA GLU A 21 10.18 -11.33 0.68
C GLU A 21 10.83 -10.94 -0.65
N ASP A 22 10.31 -11.40 -1.73
CA ASP A 22 10.86 -11.04 -3.03
C ASP A 22 9.86 -10.19 -3.79
N GLU A 23 8.79 -9.92 -3.11
CA GLU A 23 7.62 -9.29 -3.69
C GLU A 23 7.71 -7.78 -3.54
N LEU A 24 8.22 -7.34 -2.39
CA LEU A 24 8.23 -5.93 -2.05
C LEU A 24 9.26 -5.19 -2.89
N LYS A 25 10.20 -5.95 -3.43
CA LYS A 25 11.24 -5.45 -4.31
C LYS A 25 10.61 -4.76 -5.53
N SER A 26 9.54 -5.36 -5.99
CA SER A 26 8.77 -4.86 -7.06
C SER A 26 7.97 -3.64 -6.60
N PHE A 27 7.21 -3.85 -5.53
CA PHE A 27 6.29 -2.88 -4.95
C PHE A 27 6.96 -1.50 -4.72
N LYS A 28 8.15 -1.51 -4.11
CA LYS A 28 8.89 -0.27 -3.80
C LYS A 28 9.20 0.57 -5.04
N SER A 29 9.36 -0.09 -6.13
CA SER A 29 9.60 0.54 -7.36
C SER A 29 8.30 0.98 -8.03
N LEU A 30 7.33 0.11 -7.97
CA LEU A 30 6.00 0.34 -8.54
C LEU A 30 5.29 1.57 -7.96
N LEU A 31 5.39 1.78 -6.66
CA LEU A 31 4.74 2.96 -6.07
C LEU A 31 5.58 4.21 -6.31
N TRP A 32 6.71 4.04 -6.95
CA TRP A 32 7.54 5.14 -7.31
C TRP A 32 7.36 5.42 -8.80
N ALA A 33 6.61 4.53 -9.44
CA ALA A 33 6.41 4.57 -10.89
C ALA A 33 5.16 5.32 -11.28
N PHE A 34 4.21 5.47 -10.37
CA PHE A 34 3.04 6.21 -10.69
C PHE A 34 3.35 7.70 -10.47
N PRO A 35 2.60 8.63 -11.09
CA PRO A 35 2.80 10.06 -10.87
C PRO A 35 2.63 10.44 -9.39
N LEU A 36 3.73 10.76 -8.75
CA LEU A 36 3.70 11.08 -7.33
C LEU A 36 3.14 12.46 -7.14
N GLU A 37 2.21 12.57 -6.25
CA GLU A 37 1.57 13.82 -5.97
C GLU A 37 2.33 14.55 -4.88
N ASP A 38 1.91 15.75 -4.51
CA ASP A 38 2.68 16.67 -3.61
C ASP A 38 3.23 16.01 -2.34
N VAL A 39 2.35 15.42 -1.56
CA VAL A 39 2.70 14.76 -0.31
C VAL A 39 3.54 13.49 -0.54
N LEU A 40 3.51 13.00 -1.75
CA LEU A 40 4.22 11.80 -2.12
C LEU A 40 5.57 12.15 -2.67
N GLN A 41 5.85 13.42 -2.77
CA GLN A 41 7.14 13.88 -3.25
C GLN A 41 8.10 14.08 -2.08
N LYS A 42 7.59 13.94 -0.86
CA LYS A 42 8.41 14.10 0.34
C LYS A 42 8.65 12.72 0.98
N THR A 43 8.27 11.68 0.26
CA THR A 43 8.32 10.31 0.71
C THR A 43 9.72 9.87 1.12
N PRO A 44 9.90 9.48 2.38
CA PRO A 44 11.16 8.98 2.85
C PRO A 44 11.46 7.57 2.31
N TRP A 45 12.14 7.49 1.17
CA TRP A 45 12.54 6.21 0.58
C TRP A 45 13.49 5.49 1.53
N SER A 46 14.29 6.24 2.28
CA SER A 46 15.19 5.66 3.26
C SER A 46 14.40 4.78 4.26
N GLU A 47 13.18 5.18 4.57
CA GLU A 47 12.28 4.39 5.37
C GLU A 47 11.80 3.19 4.57
N VAL A 48 11.25 3.46 3.37
CA VAL A 48 10.62 2.42 2.52
C VAL A 48 11.62 1.30 2.16
N GLU A 49 12.88 1.68 2.03
CA GLU A 49 13.95 0.82 1.63
C GLU A 49 14.09 -0.33 2.60
N GLU A 50 14.13 -0.02 3.88
CA GLU A 50 14.34 -1.05 4.88
C GLU A 50 13.00 -1.56 5.40
N ALA A 51 11.95 -0.91 5.01
CA ALA A 51 10.63 -1.25 5.45
C ALA A 51 10.07 -2.42 4.72
N ASP A 52 9.39 -3.22 5.47
CA ASP A 52 8.68 -4.34 4.94
C ASP A 52 7.38 -4.44 5.68
N GLY A 53 6.39 -5.00 5.03
CA GLY A 53 5.11 -5.27 5.65
C GLY A 53 4.48 -4.09 6.37
N LYS A 54 4.48 -4.16 7.69
CA LYS A 54 3.83 -3.16 8.53
C LYS A 54 4.52 -1.84 8.36
N LYS A 55 5.84 -1.88 8.36
CA LYS A 55 6.63 -0.68 8.28
C LYS A 55 6.33 0.08 7.01
N LEU A 56 6.08 -0.63 5.94
CA LEU A 56 5.79 0.00 4.69
C LEU A 56 4.41 0.66 4.73
N ALA A 57 3.43 -0.04 5.31
CA ALA A 57 2.05 0.49 5.45
C ALA A 57 2.06 1.79 6.24
N GLU A 58 2.97 1.85 7.19
CA GLU A 58 3.20 2.99 8.06
C GLU A 58 3.60 4.22 7.25
N ILE A 59 4.41 3.98 6.24
CA ILE A 59 4.91 5.04 5.38
C ILE A 59 3.82 5.49 4.40
N LEU A 60 2.97 4.54 4.02
CA LEU A 60 1.81 4.84 3.18
C LEU A 60 0.83 5.73 3.93
N VAL A 61 0.51 5.37 5.17
CA VAL A 61 -0.47 6.12 5.96
C VAL A 61 0.15 7.43 6.50
N ASN A 62 1.46 7.53 6.39
CA ASN A 62 2.20 8.73 6.77
C ASN A 62 1.93 9.82 5.73
N THR A 63 1.96 9.43 4.49
CA THR A 63 1.86 10.36 3.40
C THR A 63 0.45 10.47 2.83
N SER A 64 -0.15 9.37 2.54
CA SER A 64 -1.40 9.39 1.85
C SER A 64 -2.59 9.24 2.78
N SER A 65 -3.72 9.74 2.36
CA SER A 65 -4.94 9.63 3.08
C SER A 65 -5.63 8.32 2.73
N GLU A 66 -6.46 7.82 3.63
CA GLU A 66 -7.13 6.53 3.45
C GLU A 66 -7.97 6.44 2.16
N ASN A 67 -8.55 7.56 1.78
CA ASN A 67 -9.37 7.69 0.56
C ASN A 67 -8.52 7.52 -0.69
N TRP A 68 -7.26 7.84 -0.57
CA TRP A 68 -6.34 7.74 -1.67
C TRP A 68 -5.70 6.35 -1.66
N ILE A 69 -5.25 5.91 -0.47
CA ILE A 69 -4.55 4.63 -0.31
C ILE A 69 -5.41 3.45 -0.77
N ARG A 70 -6.73 3.56 -0.55
CA ARG A 70 -7.68 2.49 -0.90
C ARG A 70 -7.53 2.06 -2.36
N ASN A 71 -7.28 3.02 -3.23
CA ASN A 71 -7.12 2.73 -4.65
C ASN A 71 -5.68 2.38 -4.94
N ALA A 72 -4.78 3.10 -4.29
CA ALA A 72 -3.34 2.96 -4.49
C ALA A 72 -2.83 1.56 -4.22
N THR A 73 -3.14 1.02 -3.04
CA THR A 73 -2.63 -0.27 -2.65
C THR A 73 -3.14 -1.35 -3.60
N VAL A 74 -4.41 -1.26 -3.98
CA VAL A 74 -5.00 -2.20 -4.91
C VAL A 74 -4.26 -2.12 -6.23
N ASN A 75 -4.08 -0.91 -6.72
CA ASN A 75 -3.41 -0.66 -8.01
C ASN A 75 -2.00 -1.28 -8.03
N ILE A 76 -1.26 -1.19 -6.94
CA ILE A 76 0.08 -1.77 -6.91
C ILE A 76 0.00 -3.30 -6.98
N LEU A 77 -0.95 -3.87 -6.26
CA LEU A 77 -1.16 -5.32 -6.29
C LEU A 77 -1.66 -5.77 -7.65
N GLU A 78 -2.50 -4.94 -8.27
CA GLU A 78 -3.00 -5.18 -9.63
C GLU A 78 -1.84 -5.21 -10.59
N GLU A 79 -0.91 -4.28 -10.41
CA GLU A 79 0.26 -4.14 -11.26
C GLU A 79 1.21 -5.35 -11.08
N MET A 80 1.00 -6.12 -10.01
CA MET A 80 1.80 -7.31 -9.75
C MET A 80 0.98 -8.57 -9.99
N ASN A 81 -0.27 -8.39 -10.45
CA ASN A 81 -1.22 -9.49 -10.74
C ASN A 81 -1.43 -10.35 -9.46
N LEU A 82 -1.37 -9.71 -8.32
CA LEU A 82 -1.49 -10.39 -7.04
C LEU A 82 -2.93 -10.57 -6.62
N THR A 83 -3.66 -11.23 -7.48
CA THR A 83 -5.10 -11.45 -7.37
C THR A 83 -5.53 -11.91 -5.99
N GLU A 84 -4.98 -13.03 -5.55
CA GLU A 84 -5.35 -13.68 -4.28
C GLU A 84 -5.57 -12.71 -3.11
N LEU A 85 -4.59 -11.90 -2.81
CA LEU A 85 -4.70 -10.98 -1.72
C LEU A 85 -5.21 -9.61 -2.16
N CYS A 86 -5.02 -9.26 -3.43
CA CYS A 86 -5.51 -7.98 -3.96
C CYS A 86 -7.04 -7.99 -3.93
N LYS A 87 -7.61 -9.14 -4.19
CA LYS A 87 -9.04 -9.34 -4.13
C LYS A 87 -9.55 -9.20 -2.71
N MET A 88 -8.66 -9.41 -1.76
CA MET A 88 -9.01 -9.23 -0.37
C MET A 88 -8.89 -7.77 -0.05
N ALA A 89 -7.89 -7.12 -0.62
CA ALA A 89 -7.73 -5.67 -0.49
C ALA A 89 -8.98 -4.97 -1.03
N LYS A 90 -9.47 -5.46 -2.14
CA LYS A 90 -10.70 -4.96 -2.77
C LYS A 90 -11.95 -5.27 -1.93
N ALA A 91 -11.78 -6.05 -0.90
CA ALA A 91 -12.89 -6.42 -0.05
C ALA A 91 -12.67 -5.91 1.38
N GLU A 92 -11.49 -5.39 1.64
CA GLU A 92 -11.11 -4.96 2.98
C GLU A 92 -10.70 -3.49 3.00
N MET A 93 -9.83 -3.12 2.10
CA MET A 93 -9.41 -1.72 1.94
C MET A 93 -10.42 -0.98 1.10
N MET A 94 -11.36 -1.75 0.61
CA MET A 94 -12.51 -1.27 -0.09
C MET A 94 -13.71 -1.95 0.52
N GLU A 95 -14.35 -1.27 1.44
CA GLU A 95 -15.52 -1.82 2.12
C GLU A 95 -16.77 -1.52 1.31
N ASP A 96 -16.52 -1.04 0.15
CA ASP A 96 -17.51 -0.68 -0.79
C ASP A 96 -17.83 -1.87 -1.67
N GLY A 97 -19.07 -2.15 -1.80
CA GLY A 97 -19.52 -3.26 -2.54
C GLY A 97 -20.57 -3.96 -1.76
N GLN A 98 -20.42 -5.23 -1.59
CA GLN A 98 -21.34 -6.00 -0.80
C GLN A 98 -20.58 -6.91 0.10
N MET A 3 -12.75 4.23 4.66
CA MET A 3 -13.43 5.10 5.61
C MET A 3 -12.75 4.96 6.94
N THR A 4 -12.64 3.74 7.40
CA THR A 4 -11.96 3.47 8.63
C THR A 4 -10.44 3.35 8.46
N SER A 5 -9.73 4.21 9.16
CA SER A 5 -8.26 4.30 9.07
C SER A 5 -7.53 3.05 9.64
N PRO A 6 -7.85 2.58 10.92
CA PRO A 6 -7.13 1.46 11.51
C PRO A 6 -7.32 0.16 10.73
N GLN A 7 -8.49 -0.01 10.15
CA GLN A 7 -8.78 -1.21 9.39
C GLN A 7 -8.12 -1.14 8.03
N LEU A 8 -7.99 0.06 7.50
CA LEU A 8 -7.25 0.26 6.27
C LEU A 8 -5.81 -0.16 6.47
N GLU A 9 -5.19 0.39 7.53
CA GLU A 9 -3.81 0.09 7.86
C GLU A 9 -3.66 -1.40 8.14
N TRP A 10 -4.66 -1.98 8.80
CA TRP A 10 -4.71 -3.40 9.03
C TRP A 10 -4.70 -4.15 7.71
N THR A 11 -5.54 -3.73 6.78
CA THR A 11 -5.60 -4.42 5.50
C THR A 11 -4.26 -4.30 4.78
N LEU A 12 -3.66 -3.11 4.87
CA LEU A 12 -2.34 -2.86 4.32
C LEU A 12 -1.33 -3.85 4.88
N GLN A 13 -1.21 -3.86 6.22
CA GLN A 13 -0.25 -4.71 6.89
C GLN A 13 -0.49 -6.18 6.61
N THR A 14 -1.75 -6.59 6.62
CA THR A 14 -2.11 -7.98 6.40
C THR A 14 -1.67 -8.47 5.01
N LEU A 15 -1.83 -7.61 4.01
CA LEU A 15 -1.44 -7.94 2.63
C LEU A 15 0.08 -7.88 2.50
N LEU A 16 0.67 -6.87 3.10
CA LEU A 16 2.10 -6.65 2.99
C LEU A 16 2.89 -7.62 3.90
N GLU A 17 2.18 -8.38 4.71
CA GLU A 17 2.81 -9.42 5.49
C GLU A 17 2.74 -10.74 4.76
N GLN A 18 2.07 -10.72 3.62
CA GLN A 18 1.99 -11.86 2.75
C GLN A 18 3.03 -11.67 1.66
N LEU A 19 3.01 -10.50 1.07
CA LEU A 19 3.97 -10.16 0.05
C LEU A 19 5.02 -9.26 0.72
N ASN A 20 6.28 -9.66 0.72
CA ASN A 20 7.31 -8.80 1.32
C ASN A 20 8.73 -9.19 0.95
N GLU A 21 9.18 -10.35 1.44
CA GLU A 21 10.58 -10.84 1.30
C GLU A 21 11.27 -10.41 -0.03
N ASP A 22 10.83 -10.94 -1.15
CA ASP A 22 11.38 -10.52 -2.46
C ASP A 22 10.29 -9.77 -3.22
N GLU A 23 9.16 -9.72 -2.60
CA GLU A 23 7.94 -9.25 -3.22
C GLU A 23 7.81 -7.75 -3.13
N LEU A 24 8.24 -7.21 -2.00
CA LEU A 24 8.09 -5.80 -1.72
C LEU A 24 9.02 -4.99 -2.61
N LYS A 25 10.06 -5.66 -3.09
CA LYS A 25 11.04 -5.06 -3.99
C LYS A 25 10.33 -4.51 -5.24
N SER A 26 9.33 -5.25 -5.70
CA SER A 26 8.52 -4.86 -6.78
C SER A 26 7.60 -3.72 -6.37
N PHE A 27 6.87 -3.96 -5.28
CA PHE A 27 5.86 -3.05 -4.74
C PHE A 27 6.42 -1.62 -4.56
N LYS A 28 7.58 -1.52 -3.90
CA LYS A 28 8.25 -0.23 -3.63
C LYS A 28 8.51 0.51 -4.94
N SER A 29 8.99 -0.22 -5.90
CA SER A 29 9.37 0.26 -7.18
C SER A 29 8.17 0.74 -8.01
N LEU A 30 7.15 -0.09 -8.08
CA LEU A 30 5.90 0.22 -8.80
C LEU A 30 5.26 1.49 -8.30
N LEU A 31 5.38 1.69 -7.02
CA LEU A 31 4.91 2.88 -6.33
C LEU A 31 5.73 4.11 -6.78
N TRP A 32 6.94 3.87 -7.18
CA TRP A 32 7.79 4.94 -7.63
C TRP A 32 7.69 5.09 -9.15
N ALA A 33 7.05 4.13 -9.78
CA ALA A 33 6.91 4.09 -11.21
C ALA A 33 5.68 4.84 -11.67
N PHE A 34 4.66 4.90 -10.83
CA PHE A 34 3.47 5.58 -11.19
C PHE A 34 3.67 7.08 -10.89
N PRO A 35 3.07 7.98 -11.66
CA PRO A 35 3.12 9.41 -11.38
C PRO A 35 2.43 9.67 -10.06
N LEU A 36 3.21 10.10 -9.08
CA LEU A 36 2.73 10.29 -7.74
C LEU A 36 1.61 11.28 -7.73
N GLU A 37 0.56 10.90 -7.07
CA GLU A 37 -0.57 11.75 -6.94
C GLU A 37 -0.38 12.67 -5.73
N ASP A 38 -1.41 13.38 -5.35
CA ASP A 38 -1.27 14.46 -4.37
C ASP A 38 -0.74 14.01 -3.00
N VAL A 39 -0.03 14.92 -2.37
CA VAL A 39 0.64 14.78 -1.05
C VAL A 39 1.88 13.81 -1.06
N LEU A 40 1.97 12.95 -2.05
CA LEU A 40 3.06 11.96 -2.12
C LEU A 40 4.46 12.57 -2.25
N GLN A 41 4.56 13.79 -2.69
CA GLN A 41 5.85 14.46 -2.75
C GLN A 41 6.34 14.88 -1.37
N LYS A 42 6.90 13.90 -0.68
CA LYS A 42 7.43 13.98 0.67
C LYS A 42 7.84 12.58 1.12
N THR A 43 7.26 11.55 0.45
CA THR A 43 7.51 10.15 0.75
C THR A 43 9.01 9.85 0.85
N PRO A 44 9.49 9.53 2.05
CA PRO A 44 10.89 9.23 2.29
C PRO A 44 11.25 7.80 1.84
N TRP A 45 12.00 7.69 0.76
CA TRP A 45 12.42 6.40 0.23
C TRP A 45 13.39 5.71 1.20
N SER A 46 14.08 6.50 2.02
CA SER A 46 14.99 5.96 3.02
C SER A 46 14.22 5.09 4.01
N GLU A 47 12.98 5.46 4.28
CA GLU A 47 12.13 4.68 5.15
C GLU A 47 11.64 3.47 4.39
N VAL A 48 11.19 3.71 3.16
CA VAL A 48 10.66 2.67 2.26
C VAL A 48 11.68 1.53 2.08
N GLU A 49 12.92 1.91 1.85
CA GLU A 49 14.02 1.00 1.66
C GLU A 49 14.17 0.03 2.80
N GLU A 50 14.19 0.56 4.00
CA GLU A 50 14.47 -0.24 5.16
C GLU A 50 13.21 -0.86 5.76
N ALA A 51 12.09 -0.58 5.17
CA ALA A 51 10.82 -1.07 5.66
C ALA A 51 10.34 -2.27 4.93
N ASP A 52 9.58 -3.08 5.62
CA ASP A 52 8.97 -4.24 5.04
C ASP A 52 7.60 -4.38 5.63
N GLY A 53 6.69 -4.96 4.85
CA GLY A 53 5.34 -5.28 5.28
C GLY A 53 4.61 -4.20 6.04
N LYS A 54 4.48 -4.39 7.37
CA LYS A 54 3.75 -3.47 8.24
C LYS A 54 4.38 -2.11 8.19
N LYS A 55 5.69 -2.08 8.17
CA LYS A 55 6.40 -0.85 8.16
C LYS A 55 6.11 -0.05 6.91
N LEU A 56 5.98 -0.74 5.80
CA LEU A 56 5.72 -0.04 4.58
C LEU A 56 4.30 0.51 4.59
N ALA A 57 3.38 -0.23 5.21
CA ALA A 57 1.98 0.20 5.37
C ALA A 57 1.94 1.50 6.17
N GLU A 58 2.84 1.60 7.11
CA GLU A 58 2.98 2.73 7.98
C GLU A 58 3.50 3.95 7.18
N ILE A 59 4.22 3.68 6.12
CA ILE A 59 4.74 4.71 5.23
C ILE A 59 3.66 5.14 4.21
N LEU A 60 2.71 4.26 3.92
CA LEU A 60 1.57 4.62 3.08
C LEU A 60 0.71 5.65 3.81
N VAL A 61 0.53 5.46 5.11
CA VAL A 61 -0.27 6.39 5.91
C VAL A 61 0.55 7.63 6.31
N ASN A 62 1.82 7.59 5.98
CA ASN A 62 2.75 8.71 6.24
C ASN A 62 2.42 9.87 5.32
N THR A 63 1.91 9.56 4.17
CA THR A 63 1.62 10.55 3.18
C THR A 63 0.15 10.73 2.92
N SER A 64 -0.42 9.76 2.28
CA SER A 64 -1.75 9.87 1.76
C SER A 64 -2.81 9.61 2.82
N SER A 65 -3.98 10.12 2.54
CA SER A 65 -5.13 9.90 3.36
C SER A 65 -5.69 8.51 3.01
N GLU A 66 -6.42 7.90 3.93
CA GLU A 66 -6.87 6.52 3.78
C GLU A 66 -7.74 6.32 2.52
N ASN A 67 -8.45 7.36 2.16
CA ASN A 67 -9.34 7.33 0.99
C ASN A 67 -8.54 7.25 -0.30
N TRP A 68 -7.31 7.71 -0.29
CA TRP A 68 -6.49 7.62 -1.47
C TRP A 68 -5.67 6.33 -1.41
N ILE A 69 -5.28 5.92 -0.20
CA ILE A 69 -4.47 4.69 -0.02
C ILE A 69 -5.22 3.47 -0.54
N ARG A 70 -6.55 3.51 -0.43
CA ARG A 70 -7.39 2.43 -0.92
C ARG A 70 -7.29 2.30 -2.45
N ASN A 71 -6.79 3.33 -3.10
CA ASN A 71 -6.54 3.33 -4.53
C ASN A 71 -5.11 2.88 -4.79
N ALA A 72 -4.18 3.52 -4.06
CA ALA A 72 -2.73 3.29 -4.18
C ALA A 72 -2.35 1.82 -4.19
N THR A 73 -2.50 1.24 -3.05
CA THR A 73 -2.18 -0.07 -2.76
C THR A 73 -2.85 -1.06 -3.72
N VAL A 74 -4.14 -0.90 -3.95
CA VAL A 74 -4.87 -1.77 -4.87
C VAL A 74 -4.23 -1.74 -6.26
N ASN A 75 -3.91 -0.54 -6.70
CA ASN A 75 -3.25 -0.31 -7.98
C ASN A 75 -1.88 -1.00 -8.00
N ILE A 76 -1.14 -0.88 -6.91
CA ILE A 76 0.18 -1.51 -6.81
C ILE A 76 0.05 -3.04 -6.86
N LEU A 77 -0.86 -3.62 -6.06
CA LEU A 77 -1.02 -5.07 -6.08
C LEU A 77 -1.54 -5.57 -7.43
N GLU A 78 -2.41 -4.80 -8.04
CA GLU A 78 -2.89 -5.10 -9.39
C GLU A 78 -1.80 -4.91 -10.43
N GLU A 79 -0.81 -4.12 -10.11
CA GLU A 79 0.33 -3.95 -10.98
C GLU A 79 1.27 -5.15 -10.78
N MET A 80 1.22 -5.73 -9.58
CA MET A 80 2.01 -6.92 -9.26
C MET A 80 1.31 -8.17 -9.74
N ASN A 81 0.10 -8.00 -10.28
CA ASN A 81 -0.77 -9.09 -10.76
C ASN A 81 -1.18 -9.97 -9.56
N LEU A 82 -1.16 -9.37 -8.38
CA LEU A 82 -1.50 -10.05 -7.16
C LEU A 82 -2.96 -9.96 -6.88
N THR A 83 -3.72 -10.56 -7.73
CA THR A 83 -5.16 -10.51 -7.72
C THR A 83 -5.75 -11.07 -6.45
N GLU A 84 -5.42 -12.31 -6.16
CA GLU A 84 -5.93 -13.06 -5.00
C GLU A 84 -6.09 -12.22 -3.71
N LEU A 85 -5.01 -11.65 -3.23
CA LEU A 85 -5.04 -10.86 -2.01
C LEU A 85 -5.51 -9.43 -2.27
N CYS A 86 -5.25 -8.90 -3.45
CA CYS A 86 -5.66 -7.53 -3.78
C CYS A 86 -7.19 -7.45 -3.83
N LYS A 87 -7.80 -8.53 -4.24
CA LYS A 87 -9.24 -8.62 -4.30
C LYS A 87 -9.84 -8.72 -2.90
N MET A 88 -9.01 -9.06 -1.93
CA MET A 88 -9.43 -9.02 -0.54
C MET A 88 -9.33 -7.58 -0.10
N ALA A 89 -8.29 -6.90 -0.55
CA ALA A 89 -8.08 -5.47 -0.28
C ALA A 89 -9.30 -4.66 -0.74
N LYS A 90 -9.79 -4.99 -1.91
CA LYS A 90 -10.94 -4.30 -2.51
C LYS A 90 -12.25 -4.71 -1.81
N ALA A 91 -12.14 -5.65 -0.89
CA ALA A 91 -13.27 -6.13 -0.15
C ALA A 91 -13.08 -5.83 1.36
N GLU A 92 -11.96 -5.18 1.70
CA GLU A 92 -11.62 -4.93 3.10
C GLU A 92 -11.09 -3.53 3.34
N MET A 93 -10.12 -3.14 2.54
CA MET A 93 -9.45 -1.88 2.71
C MET A 93 -10.36 -0.77 2.28
N MET A 94 -11.12 -1.04 1.26
CA MET A 94 -12.11 -0.14 0.80
C MET A 94 -13.46 -0.64 1.24
N GLU A 95 -13.84 -0.27 2.43
CA GLU A 95 -15.10 -0.66 3.00
C GLU A 95 -16.17 0.36 2.72
N ASP A 96 -15.85 1.24 1.83
CA ASP A 96 -16.75 2.27 1.33
C ASP A 96 -17.64 1.66 0.26
N GLY A 97 -17.08 0.64 -0.42
CA GLY A 97 -17.81 -0.08 -1.43
C GLY A 97 -17.80 0.58 -2.79
N GLN A 98 -17.29 -0.10 -3.80
CA GLN A 98 -17.39 0.40 -5.16
C GLN A 98 -18.69 -0.12 -5.72
N MET A 3 -12.01 6.72 6.29
CA MET A 3 -12.04 5.32 6.71
C MET A 3 -11.63 5.27 8.16
N THR A 4 -11.29 4.12 8.65
CA THR A 4 -10.80 4.02 10.00
C THR A 4 -9.30 3.74 9.98
N SER A 5 -8.57 4.52 10.73
CA SER A 5 -7.11 4.43 10.79
C SER A 5 -6.60 3.00 11.12
N PRO A 6 -7.07 2.33 12.24
CA PRO A 6 -6.58 1.00 12.59
C PRO A 6 -6.91 -0.04 11.54
N GLN A 7 -8.11 0.03 10.98
CA GLN A 7 -8.54 -0.98 10.00
C GLN A 7 -7.85 -0.76 8.66
N LEU A 8 -7.69 0.50 8.28
CA LEU A 8 -6.97 0.87 7.06
C LEU A 8 -5.57 0.30 7.13
N GLU A 9 -4.86 0.72 8.17
CA GLU A 9 -3.49 0.34 8.36
C GLU A 9 -3.40 -1.18 8.50
N TRP A 10 -4.39 -1.79 9.17
CA TRP A 10 -4.49 -3.24 9.33
C TRP A 10 -4.61 -3.91 7.98
N THR A 11 -5.48 -3.43 7.14
CA THR A 11 -5.69 -4.06 5.87
C THR A 11 -4.44 -3.93 5.02
N LEU A 12 -3.84 -2.76 5.07
CA LEU A 12 -2.62 -2.49 4.37
C LEU A 12 -1.52 -3.46 4.83
N GLN A 13 -1.26 -3.49 6.16
CA GLN A 13 -0.22 -4.34 6.75
C GLN A 13 -0.45 -5.80 6.44
N THR A 14 -1.68 -6.25 6.59
CA THR A 14 -2.03 -7.64 6.42
C THR A 14 -1.69 -8.15 5.00
N LEU A 15 -1.77 -7.29 4.01
CA LEU A 15 -1.42 -7.65 2.64
C LEU A 15 0.09 -7.59 2.47
N LEU A 16 0.69 -6.58 3.04
CA LEU A 16 2.13 -6.37 2.94
C LEU A 16 2.91 -7.39 3.80
N GLU A 17 2.22 -8.02 4.72
CA GLU A 17 2.80 -9.11 5.51
C GLU A 17 2.67 -10.44 4.76
N GLN A 18 2.11 -10.38 3.56
CA GLN A 18 2.00 -11.53 2.68
C GLN A 18 2.99 -11.33 1.55
N LEU A 19 2.92 -10.18 0.93
CA LEU A 19 3.83 -9.82 -0.12
C LEU A 19 4.98 -9.03 0.52
N ASN A 20 6.16 -9.57 0.55
CA ASN A 20 7.26 -8.86 1.21
C ASN A 20 8.62 -9.40 0.88
N GLU A 21 8.77 -10.72 0.82
CA GLU A 21 10.05 -11.40 0.60
C GLU A 21 10.81 -10.80 -0.61
N ASP A 22 10.31 -11.03 -1.80
CA ASP A 22 10.87 -10.37 -2.98
C ASP A 22 9.82 -9.54 -3.65
N GLU A 23 8.69 -9.51 -3.01
CA GLU A 23 7.49 -8.88 -3.53
C GLU A 23 7.48 -7.41 -3.25
N LEU A 24 8.02 -7.03 -2.10
CA LEU A 24 7.96 -5.66 -1.65
C LEU A 24 8.86 -4.81 -2.52
N LYS A 25 9.90 -5.44 -3.01
CA LYS A 25 10.88 -4.83 -3.89
C LYS A 25 10.18 -4.30 -5.14
N SER A 26 9.32 -5.14 -5.69
CA SER A 26 8.51 -4.81 -6.80
C SER A 26 7.55 -3.69 -6.46
N PHE A 27 6.79 -3.91 -5.40
CA PHE A 27 5.77 -2.99 -4.89
C PHE A 27 6.34 -1.57 -4.70
N LYS A 28 7.51 -1.48 -4.05
CA LYS A 28 8.17 -0.20 -3.80
C LYS A 28 8.54 0.48 -5.13
N SER A 29 9.00 -0.31 -6.08
CA SER A 29 9.44 0.21 -7.35
C SER A 29 8.24 0.67 -8.18
N LEU A 30 7.17 -0.07 -8.11
CA LEU A 30 5.95 0.22 -8.86
C LEU A 30 5.28 1.47 -8.39
N LEU A 31 5.38 1.75 -7.11
CA LEU A 31 4.77 2.95 -6.58
C LEU A 31 5.70 4.14 -6.87
N TRP A 32 6.91 3.83 -7.24
CA TRP A 32 7.87 4.82 -7.59
C TRP A 32 7.79 5.08 -9.08
N ALA A 33 7.10 4.20 -9.79
CA ALA A 33 7.00 4.25 -11.23
C ALA A 33 5.92 5.21 -11.68
N PHE A 34 4.91 5.41 -10.86
CA PHE A 34 3.83 6.26 -11.25
C PHE A 34 4.15 7.71 -10.87
N PRO A 35 3.60 8.69 -11.61
CA PRO A 35 3.75 10.10 -11.26
C PRO A 35 3.03 10.41 -9.95
N LEU A 36 3.78 10.82 -8.96
CA LEU A 36 3.26 11.04 -7.63
C LEU A 36 2.32 12.23 -7.59
N GLU A 37 1.46 12.22 -6.61
CA GLU A 37 0.49 13.26 -6.42
C GLU A 37 0.78 14.03 -5.15
N ASP A 38 -0.15 14.89 -4.76
CA ASP A 38 -0.06 15.76 -3.59
C ASP A 38 0.37 15.04 -2.31
N VAL A 39 1.21 15.74 -1.54
CA VAL A 39 1.79 15.31 -0.27
C VAL A 39 2.89 14.22 -0.45
N LEU A 40 2.92 13.60 -1.61
CA LEU A 40 3.88 12.54 -1.87
C LEU A 40 5.23 13.09 -2.29
N GLN A 41 5.30 14.35 -2.66
CA GLN A 41 6.58 14.93 -3.04
C GLN A 41 7.41 15.20 -1.80
N LYS A 42 8.06 14.15 -1.32
CA LYS A 42 8.93 14.15 -0.14
C LYS A 42 9.32 12.70 0.19
N THR A 43 8.51 11.74 -0.32
CA THR A 43 8.57 10.31 0.00
C THR A 43 9.95 9.77 0.40
N PRO A 44 10.20 9.63 1.73
CA PRO A 44 11.46 9.12 2.25
C PRO A 44 11.72 7.64 1.91
N TRP A 45 12.32 7.40 0.75
CA TRP A 45 12.63 6.05 0.29
C TRP A 45 13.53 5.30 1.28
N SER A 46 14.46 5.97 1.96
CA SER A 46 15.32 5.26 2.91
C SER A 46 14.50 4.65 4.05
N GLU A 47 13.40 5.28 4.41
CA GLU A 47 12.54 4.75 5.43
C GLU A 47 11.69 3.63 4.86
N VAL A 48 11.32 3.74 3.59
CA VAL A 48 10.52 2.70 2.93
C VAL A 48 11.41 1.49 2.63
N GLU A 49 12.69 1.75 2.52
CA GLU A 49 13.68 0.79 2.18
C GLU A 49 13.85 -0.19 3.31
N GLU A 50 13.98 0.32 4.51
CA GLU A 50 14.21 -0.52 5.68
C GLU A 50 12.91 -1.02 6.27
N ALA A 51 11.84 -0.72 5.62
CA ALA A 51 10.54 -1.13 6.05
C ALA A 51 10.04 -2.26 5.24
N ASP A 52 9.45 -3.20 5.91
CA ASP A 52 8.84 -4.31 5.27
C ASP A 52 7.47 -4.52 5.86
N GLY A 53 6.56 -4.98 5.04
CA GLY A 53 5.22 -5.33 5.46
C GLY A 53 4.50 -4.23 6.23
N LYS A 54 4.36 -4.46 7.53
CA LYS A 54 3.66 -3.59 8.44
C LYS A 54 4.28 -2.21 8.48
N LYS A 55 5.59 -2.17 8.43
CA LYS A 55 6.30 -0.90 8.50
C LYS A 55 6.07 -0.06 7.28
N LEU A 56 5.98 -0.70 6.13
CA LEU A 56 5.77 0.01 4.90
C LEU A 56 4.37 0.66 4.90
N ALA A 57 3.38 -0.07 5.40
CA ALA A 57 1.99 0.45 5.52
C ALA A 57 1.96 1.71 6.37
N GLU A 58 2.80 1.70 7.38
CA GLU A 58 2.93 2.77 8.33
C GLU A 58 3.51 4.03 7.65
N ILE A 59 4.31 3.81 6.64
CA ILE A 59 4.90 4.89 5.90
C ILE A 59 3.93 5.37 4.82
N LEU A 60 3.08 4.47 4.33
CA LEU A 60 2.01 4.85 3.42
C LEU A 60 1.05 5.82 4.09
N VAL A 61 0.71 5.55 5.34
CA VAL A 61 -0.23 6.41 6.08
C VAL A 61 0.45 7.72 6.52
N ASN A 62 1.76 7.74 6.45
CA ASN A 62 2.56 8.90 6.81
C ASN A 62 2.36 10.03 5.81
N THR A 63 2.33 9.68 4.56
CA THR A 63 2.21 10.68 3.53
C THR A 63 0.84 10.67 2.86
N SER A 64 0.51 9.56 2.30
CA SER A 64 -0.64 9.41 1.49
C SER A 64 -1.94 9.55 2.30
N SER A 65 -2.92 10.17 1.71
CA SER A 65 -4.21 10.31 2.32
C SER A 65 -4.89 8.92 2.33
N GLU A 66 -5.53 8.57 3.44
CA GLU A 66 -6.09 7.23 3.65
C GLU A 66 -7.04 6.77 2.52
N ASN A 67 -7.87 7.67 2.05
CA ASN A 67 -8.84 7.34 1.00
C ASN A 67 -8.15 7.24 -0.36
N TRP A 68 -6.96 7.75 -0.42
CA TRP A 68 -6.17 7.65 -1.61
C TRP A 68 -5.45 6.30 -1.61
N ILE A 69 -4.92 5.93 -0.42
CA ILE A 69 -4.12 4.70 -0.25
C ILE A 69 -4.93 3.46 -0.58
N ARG A 70 -6.20 3.48 -0.21
CA ARG A 70 -7.11 2.34 -0.40
C ARG A 70 -7.09 1.87 -1.86
N ASN A 71 -7.09 2.81 -2.78
CA ASN A 71 -7.08 2.50 -4.20
C ASN A 71 -5.65 2.31 -4.67
N ALA A 72 -4.75 3.11 -4.10
CA ALA A 72 -3.34 3.11 -4.46
C ALA A 72 -2.71 1.74 -4.35
N THR A 73 -2.86 1.13 -3.19
CA THR A 73 -2.27 -0.16 -2.93
C THR A 73 -2.87 -1.23 -3.84
N VAL A 74 -4.16 -1.10 -4.13
CA VAL A 74 -4.85 -2.06 -4.96
C VAL A 74 -4.33 -1.99 -6.39
N ASN A 75 -4.12 -0.78 -6.87
CA ASN A 75 -3.57 -0.57 -8.21
C ASN A 75 -2.19 -1.20 -8.31
N ILE A 76 -1.36 -1.02 -7.28
CA ILE A 76 -0.01 -1.62 -7.26
C ILE A 76 -0.12 -3.16 -7.25
N LEU A 77 -1.07 -3.70 -6.46
CA LEU A 77 -1.34 -5.14 -6.44
C LEU A 77 -1.78 -5.63 -7.83
N GLU A 78 -2.63 -4.84 -8.46
CA GLU A 78 -3.07 -5.10 -9.83
C GLU A 78 -1.89 -5.06 -10.81
N GLU A 79 -0.95 -4.16 -10.57
CA GLU A 79 0.28 -4.04 -11.37
C GLU A 79 1.22 -5.23 -11.15
N MET A 80 1.06 -5.91 -10.02
CA MET A 80 1.89 -7.07 -9.72
C MET A 80 1.23 -8.35 -10.21
N ASN A 81 0.01 -8.19 -10.74
CA ASN A 81 -0.82 -9.30 -11.28
C ASN A 81 -1.29 -10.20 -10.11
N LEU A 82 -1.29 -9.63 -8.93
CA LEU A 82 -1.74 -10.32 -7.74
C LEU A 82 -3.25 -10.33 -7.71
N THR A 83 -3.85 -11.45 -7.37
CA THR A 83 -5.29 -11.53 -7.32
C THR A 83 -5.76 -11.82 -5.92
N GLU A 84 -5.27 -12.90 -5.37
CA GLU A 84 -5.65 -13.41 -4.05
C GLU A 84 -5.72 -12.32 -2.97
N LEU A 85 -4.60 -11.72 -2.66
CA LEU A 85 -4.55 -10.69 -1.66
C LEU A 85 -5.06 -9.34 -2.20
N CYS A 86 -5.02 -9.17 -3.48
CA CYS A 86 -5.49 -7.95 -4.10
C CYS A 86 -7.01 -7.86 -3.95
N LYS A 87 -7.66 -8.99 -4.11
CA LYS A 87 -9.08 -9.12 -3.95
C LYS A 87 -9.45 -9.05 -2.48
N MET A 88 -8.50 -9.37 -1.63
CA MET A 88 -8.67 -9.22 -0.20
C MET A 88 -8.73 -7.73 0.09
N ALA A 89 -7.93 -6.96 -0.64
CA ALA A 89 -7.92 -5.53 -0.52
C ALA A 89 -9.19 -4.96 -1.12
N LYS A 90 -9.65 -5.59 -2.21
CA LYS A 90 -10.92 -5.24 -2.89
C LYS A 90 -12.11 -5.40 -1.97
N ALA A 91 -11.98 -6.26 -1.01
CA ALA A 91 -13.06 -6.51 -0.09
C ALA A 91 -13.02 -5.55 1.09
N GLU A 92 -11.86 -5.06 1.38
CA GLU A 92 -11.61 -4.30 2.60
C GLU A 92 -11.33 -2.81 2.36
N MET A 93 -10.19 -2.52 1.74
CA MET A 93 -9.80 -1.15 1.44
C MET A 93 -10.59 -0.60 0.27
N MET A 94 -10.68 -1.41 -0.78
CA MET A 94 -11.51 -1.14 -1.97
C MET A 94 -11.06 0.10 -2.75
N GLU A 95 -11.83 0.42 -3.77
CA GLU A 95 -11.65 1.63 -4.55
C GLU A 95 -12.28 2.79 -3.79
N ASP A 96 -12.29 3.95 -4.40
CA ASP A 96 -12.89 5.13 -3.77
C ASP A 96 -14.39 4.93 -3.56
N GLY A 97 -15.09 4.73 -4.63
CA GLY A 97 -16.50 4.50 -4.53
C GLY A 97 -17.27 5.28 -5.54
N GLN A 98 -17.10 4.92 -6.78
CA GLN A 98 -17.81 5.57 -7.85
C GLN A 98 -19.10 4.81 -8.11
N MET A 3 -12.19 6.58 7.18
CA MET A 3 -12.30 5.21 7.70
C MET A 3 -11.30 5.05 8.83
N THR A 4 -11.63 4.22 9.83
CA THR A 4 -10.76 3.99 10.99
C THR A 4 -9.34 3.67 10.60
N SER A 5 -8.43 4.46 11.09
CA SER A 5 -7.04 4.39 10.72
C SER A 5 -6.31 3.09 11.17
N PRO A 6 -6.41 2.63 12.47
CA PRO A 6 -5.75 1.38 12.92
C PRO A 6 -6.13 0.18 12.07
N GLN A 7 -7.42 0.05 11.80
CA GLN A 7 -7.96 -1.06 11.02
C GLN A 7 -7.61 -0.92 9.53
N LEU A 8 -7.45 0.32 9.11
CA LEU A 8 -7.02 0.64 7.75
C LEU A 8 -5.56 0.22 7.60
N GLU A 9 -4.76 0.62 8.56
CA GLU A 9 -3.36 0.31 8.59
C GLU A 9 -3.20 -1.21 8.71
N TRP A 10 -4.12 -1.82 9.48
CA TRP A 10 -4.19 -3.26 9.59
C TRP A 10 -4.39 -3.88 8.22
N THR A 11 -5.32 -3.36 7.47
CA THR A 11 -5.62 -3.91 6.17
C THR A 11 -4.39 -3.85 5.26
N LEU A 12 -3.75 -2.71 5.28
CA LEU A 12 -2.55 -2.50 4.50
C LEU A 12 -1.44 -3.44 4.94
N GLN A 13 -1.20 -3.50 6.24
CA GLN A 13 -0.14 -4.32 6.77
C GLN A 13 -0.41 -5.80 6.48
N THR A 14 -1.65 -6.21 6.56
CA THR A 14 -2.03 -7.59 6.31
C THR A 14 -1.71 -7.99 4.86
N LEU A 15 -1.85 -7.05 3.95
CA LEU A 15 -1.51 -7.29 2.56
C LEU A 15 0.01 -7.32 2.42
N LEU A 16 0.66 -6.35 3.00
CA LEU A 16 2.10 -6.21 2.91
C LEU A 16 2.86 -7.23 3.79
N GLU A 17 2.16 -7.90 4.68
CA GLU A 17 2.76 -8.99 5.44
C GLU A 17 2.68 -10.27 4.63
N GLN A 18 1.80 -10.28 3.66
CA GLN A 18 1.68 -11.39 2.74
C GLN A 18 2.69 -11.23 1.63
N LEU A 19 2.86 -10.00 1.17
CA LEU A 19 3.79 -9.71 0.10
C LEU A 19 4.96 -8.91 0.67
N ASN A 20 6.14 -9.48 0.70
CA ASN A 20 7.32 -8.75 1.20
C ASN A 20 8.64 -9.43 0.94
N GLU A 21 8.63 -10.74 0.76
CA GLU A 21 9.86 -11.54 0.55
C GLU A 21 10.76 -10.94 -0.56
N ASP A 22 10.31 -11.01 -1.78
CA ASP A 22 10.98 -10.29 -2.88
C ASP A 22 9.96 -9.31 -3.46
N GLU A 23 8.73 -9.59 -3.11
CA GLU A 23 7.54 -8.92 -3.56
C GLU A 23 7.59 -7.43 -3.26
N LEU A 24 8.12 -7.08 -2.11
CA LEU A 24 8.13 -5.71 -1.64
C LEU A 24 9.00 -4.85 -2.53
N LYS A 25 10.02 -5.46 -3.07
CA LYS A 25 11.00 -4.80 -3.93
C LYS A 25 10.31 -4.30 -5.19
N SER A 26 9.39 -5.10 -5.69
CA SER A 26 8.58 -4.78 -6.79
C SER A 26 7.63 -3.64 -6.42
N PHE A 27 6.93 -3.84 -5.32
CA PHE A 27 5.93 -2.92 -4.79
C PHE A 27 6.54 -1.50 -4.60
N LYS A 28 7.72 -1.42 -3.96
CA LYS A 28 8.46 -0.16 -3.76
C LYS A 28 8.64 0.56 -5.09
N SER A 29 9.16 -0.17 -6.04
CA SER A 29 9.47 0.28 -7.35
C SER A 29 8.24 0.75 -8.12
N LEU A 30 7.23 -0.07 -8.14
CA LEU A 30 5.97 0.22 -8.80
C LEU A 30 5.31 1.48 -8.29
N LEU A 31 5.36 1.72 -7.00
CA LEU A 31 4.73 2.91 -6.45
C LEU A 31 5.62 4.13 -6.71
N TRP A 32 6.86 3.88 -7.07
CA TRP A 32 7.76 4.95 -7.39
C TRP A 32 7.68 5.26 -8.87
N ALA A 33 6.99 4.40 -9.59
CA ALA A 33 6.86 4.53 -11.01
C ALA A 33 5.79 5.54 -11.36
N PHE A 34 4.65 5.45 -10.69
CA PHE A 34 3.56 6.34 -10.98
C PHE A 34 3.92 7.76 -10.52
N PRO A 35 3.49 8.80 -11.24
CA PRO A 35 3.82 10.18 -10.90
C PRO A 35 3.08 10.66 -9.64
N LEU A 36 3.83 10.81 -8.57
CA LEU A 36 3.30 11.20 -7.27
C LEU A 36 2.80 12.64 -7.36
N GLU A 37 1.56 12.83 -6.97
CA GLU A 37 0.89 14.11 -7.13
C GLU A 37 1.28 15.13 -6.05
N ASP A 38 0.63 15.04 -4.92
CA ASP A 38 0.87 15.94 -3.79
C ASP A 38 0.91 15.10 -2.55
N VAL A 39 1.42 15.68 -1.45
CA VAL A 39 1.60 15.01 -0.16
C VAL A 39 2.74 13.95 -0.22
N LEU A 40 2.76 13.21 -1.29
CA LEU A 40 3.79 12.26 -1.61
C LEU A 40 4.99 13.03 -2.14
N GLN A 41 5.82 12.36 -2.98
CA GLN A 41 7.00 12.95 -3.63
C GLN A 41 8.15 13.12 -2.64
N LYS A 42 7.86 13.65 -1.48
CA LYS A 42 8.83 13.79 -0.41
C LYS A 42 8.89 12.47 0.37
N THR A 43 8.17 11.48 -0.13
CA THR A 43 8.08 10.17 0.45
C THR A 43 9.48 9.58 0.66
N PRO A 44 9.86 9.35 1.92
CA PRO A 44 11.20 8.87 2.26
C PRO A 44 11.47 7.41 1.82
N TRP A 45 12.20 7.27 0.72
CA TRP A 45 12.55 5.95 0.18
C TRP A 45 13.44 5.18 1.15
N SER A 46 14.30 5.86 1.90
CA SER A 46 15.13 5.17 2.87
C SER A 46 14.26 4.45 3.91
N GLU A 47 13.10 5.03 4.21
CA GLU A 47 12.16 4.40 5.09
C GLU A 47 11.52 3.23 4.39
N VAL A 48 11.10 3.44 3.12
CA VAL A 48 10.41 2.40 2.35
C VAL A 48 11.34 1.20 2.11
N GLU A 49 12.63 1.50 2.00
CA GLU A 49 13.64 0.52 1.74
C GLU A 49 13.82 -0.40 2.89
N GLU A 50 14.02 0.17 4.05
CA GLU A 50 14.29 -0.63 5.20
C GLU A 50 13.00 -1.10 5.87
N ALA A 51 11.89 -0.72 5.30
CA ALA A 51 10.60 -1.12 5.78
C ALA A 51 10.23 -2.44 5.21
N ASP A 52 9.42 -3.12 5.93
CA ASP A 52 8.89 -4.37 5.50
C ASP A 52 7.50 -4.45 6.01
N GLY A 53 6.62 -5.05 5.21
CA GLY A 53 5.24 -5.32 5.59
C GLY A 53 4.52 -4.17 6.28
N LYS A 54 4.38 -4.28 7.59
CA LYS A 54 3.68 -3.30 8.43
C LYS A 54 4.35 -1.98 8.35
N LYS A 55 5.65 -2.01 8.38
CA LYS A 55 6.45 -0.82 8.42
C LYS A 55 6.31 -0.04 7.13
N LEU A 56 6.13 -0.74 6.03
CA LEU A 56 5.95 -0.10 4.77
C LEU A 56 4.57 0.54 4.70
N ALA A 57 3.57 -0.17 5.22
CA ALA A 57 2.19 0.34 5.29
C ALA A 57 2.13 1.62 6.13
N GLU A 58 3.00 1.66 7.12
CA GLU A 58 3.16 2.79 8.03
C GLU A 58 3.61 4.05 7.27
N ILE A 59 4.31 3.84 6.20
CA ILE A 59 4.81 4.92 5.39
C ILE A 59 3.72 5.42 4.46
N LEU A 60 2.88 4.50 3.99
CA LEU A 60 1.73 4.86 3.16
C LEU A 60 0.77 5.75 3.93
N VAL A 61 0.53 5.39 5.20
CA VAL A 61 -0.38 6.17 6.03
C VAL A 61 0.31 7.42 6.58
N ASN A 62 1.61 7.52 6.34
CA ASN A 62 2.38 8.67 6.79
C ASN A 62 2.20 9.81 5.79
N THR A 63 1.79 9.46 4.60
CA THR A 63 1.57 10.43 3.58
C THR A 63 0.10 10.58 3.20
N SER A 64 -0.41 9.61 2.50
CA SER A 64 -1.68 9.72 1.85
C SER A 64 -2.85 9.36 2.75
N SER A 65 -4.00 9.89 2.40
CA SER A 65 -5.24 9.60 3.07
C SER A 65 -5.69 8.20 2.61
N GLU A 66 -6.46 7.50 3.44
CA GLU A 66 -6.85 6.14 3.14
C GLU A 66 -7.71 6.07 1.88
N ASN A 67 -8.52 7.11 1.68
CA ASN A 67 -9.40 7.21 0.52
C ASN A 67 -8.59 7.23 -0.78
N TRP A 68 -7.38 7.76 -0.71
CA TRP A 68 -6.51 7.80 -1.87
C TRP A 68 -5.75 6.47 -1.95
N ILE A 69 -5.29 5.99 -0.80
CA ILE A 69 -4.51 4.75 -0.72
C ILE A 69 -5.34 3.54 -1.22
N ARG A 70 -6.68 3.62 -1.06
CA ARG A 70 -7.58 2.52 -1.46
C ARG A 70 -7.51 2.25 -2.96
N ASN A 71 -7.05 3.22 -3.71
CA ASN A 71 -6.86 3.03 -5.13
C ASN A 71 -5.43 2.63 -5.36
N ALA A 72 -4.53 3.41 -4.76
CA ALA A 72 -3.08 3.25 -4.90
C ALA A 72 -2.60 1.84 -4.62
N THR A 73 -2.86 1.34 -3.41
CA THR A 73 -2.33 0.04 -3.00
C THR A 73 -2.90 -1.06 -3.88
N VAL A 74 -4.16 -0.92 -4.26
CA VAL A 74 -4.84 -1.89 -5.07
C VAL A 74 -4.20 -1.98 -6.45
N ASN A 75 -3.97 -0.83 -7.06
CA ASN A 75 -3.37 -0.78 -8.38
C ASN A 75 -1.96 -1.36 -8.37
N ILE A 76 -1.18 -1.11 -7.33
CA ILE A 76 0.17 -1.67 -7.23
C ILE A 76 0.08 -3.21 -7.18
N LEU A 77 -0.86 -3.73 -6.39
CA LEU A 77 -1.08 -5.18 -6.32
C LEU A 77 -1.52 -5.72 -7.69
N GLU A 78 -2.34 -4.96 -8.37
CA GLU A 78 -2.78 -5.31 -9.71
C GLU A 78 -1.60 -5.33 -10.69
N GLU A 79 -0.71 -4.36 -10.52
CA GLU A 79 0.50 -4.26 -11.32
C GLU A 79 1.50 -5.37 -10.99
N MET A 80 1.33 -5.99 -9.84
CA MET A 80 2.16 -7.12 -9.45
C MET A 80 1.50 -8.42 -9.91
N ASN A 81 0.36 -8.26 -10.59
CA ASN A 81 -0.45 -9.36 -11.10
C ASN A 81 -0.95 -10.22 -9.93
N LEU A 82 -1.28 -9.55 -8.86
CA LEU A 82 -1.81 -10.20 -7.68
C LEU A 82 -3.33 -10.09 -7.69
N THR A 83 -4.00 -11.17 -7.35
CA THR A 83 -5.43 -11.18 -7.28
C THR A 83 -5.88 -11.55 -5.90
N GLU A 84 -5.42 -12.69 -5.44
CA GLU A 84 -5.77 -13.29 -4.16
C GLU A 84 -5.82 -12.30 -2.98
N LEU A 85 -4.74 -11.63 -2.75
CA LEU A 85 -4.70 -10.65 -1.66
C LEU A 85 -5.18 -9.28 -2.14
N CYS A 86 -5.14 -9.04 -3.41
CA CYS A 86 -5.58 -7.77 -3.95
C CYS A 86 -7.10 -7.66 -3.86
N LYS A 87 -7.77 -8.76 -4.10
CA LYS A 87 -9.21 -8.87 -3.98
C LYS A 87 -9.63 -8.78 -2.53
N MET A 88 -8.69 -9.12 -1.65
CA MET A 88 -8.89 -8.98 -0.23
C MET A 88 -8.91 -7.49 0.07
N ALA A 89 -7.99 -6.77 -0.53
CA ALA A 89 -7.92 -5.31 -0.40
C ALA A 89 -9.21 -4.68 -0.94
N LYS A 90 -9.67 -5.19 -2.06
CA LYS A 90 -10.90 -4.72 -2.71
C LYS A 90 -12.16 -5.03 -1.87
N ALA A 91 -11.98 -5.73 -0.77
CA ALA A 91 -13.08 -6.06 0.13
C ALA A 91 -12.90 -5.37 1.48
N GLU A 92 -11.73 -5.55 2.01
CA GLU A 92 -11.33 -5.10 3.33
C GLU A 92 -11.05 -3.62 3.39
N MET A 93 -10.31 -3.18 2.42
CA MET A 93 -9.81 -1.85 2.41
C MET A 93 -10.80 -0.94 1.70
N MET A 94 -11.50 -1.51 0.75
CA MET A 94 -12.50 -0.80 0.01
C MET A 94 -13.86 -1.08 0.60
N GLU A 95 -14.43 -0.12 1.29
CA GLU A 95 -15.74 -0.30 1.84
C GLU A 95 -16.76 -0.38 0.71
N ASP A 96 -17.60 -1.36 0.80
CA ASP A 96 -18.59 -1.64 -0.21
C ASP A 96 -19.86 -0.93 0.13
N GLY A 97 -20.24 -1.03 1.37
CA GLY A 97 -21.49 -0.51 1.80
C GLY A 97 -22.26 -1.57 2.49
N GLN A 98 -22.13 -2.78 1.99
CA GLN A 98 -22.76 -3.94 2.58
C GLN A 98 -21.76 -5.05 2.71
N MET A 3 -11.52 3.85 7.03
CA MET A 3 -12.52 4.34 7.99
C MET A 3 -12.05 4.12 9.42
N THR A 4 -12.13 2.89 9.89
CA THR A 4 -11.66 2.55 11.22
C THR A 4 -10.15 2.49 11.24
N SER A 5 -9.55 3.16 12.17
CA SER A 5 -8.10 3.35 12.22
C SER A 5 -7.27 2.03 12.31
N PRO A 6 -7.52 1.12 13.32
CA PRO A 6 -6.74 -0.12 13.44
C PRO A 6 -6.90 -1.00 12.21
N GLN A 7 -8.16 -1.19 11.81
CA GLN A 7 -8.51 -2.03 10.67
C GLN A 7 -7.95 -1.48 9.37
N LEU A 8 -7.81 -0.18 9.30
CA LEU A 8 -7.30 0.51 8.13
C LEU A 8 -5.86 0.05 7.87
N GLU A 9 -5.00 0.29 8.83
CA GLU A 9 -3.60 -0.06 8.70
C GLU A 9 -3.44 -1.59 8.72
N TRP A 10 -4.31 -2.26 9.48
CA TRP A 10 -4.33 -3.71 9.54
C TRP A 10 -4.48 -4.29 8.15
N THR A 11 -5.43 -3.79 7.39
CA THR A 11 -5.68 -4.31 6.06
C THR A 11 -4.44 -4.17 5.19
N LEU A 12 -3.81 -3.03 5.28
CA LEU A 12 -2.61 -2.75 4.53
C LEU A 12 -1.47 -3.67 4.95
N GLN A 13 -1.25 -3.79 6.25
CA GLN A 13 -0.16 -4.58 6.76
C GLN A 13 -0.37 -6.05 6.42
N THR A 14 -1.62 -6.51 6.50
CA THR A 14 -1.95 -7.90 6.25
C THR A 14 -1.59 -8.31 4.80
N LEU A 15 -1.66 -7.37 3.89
CA LEU A 15 -1.30 -7.60 2.51
C LEU A 15 0.22 -7.60 2.41
N LEU A 16 0.82 -6.61 3.03
CA LEU A 16 2.25 -6.40 2.96
C LEU A 16 3.06 -7.39 3.82
N GLU A 17 2.38 -8.09 4.72
CA GLU A 17 3.02 -9.14 5.49
C GLU A 17 3.07 -10.42 4.68
N GLN A 18 2.33 -10.44 3.60
CA GLN A 18 2.32 -11.54 2.67
C GLN A 18 3.32 -11.29 1.55
N LEU A 19 3.21 -10.12 0.93
CA LEU A 19 4.12 -9.73 -0.12
C LEU A 19 5.23 -8.89 0.55
N ASN A 20 6.46 -9.32 0.54
CA ASN A 20 7.51 -8.54 1.23
C ASN A 20 8.92 -8.97 0.95
N GLU A 21 9.14 -10.25 0.73
CA GLU A 21 10.49 -10.76 0.51
C GLU A 21 11.12 -10.13 -0.74
N ASP A 22 10.73 -10.59 -1.92
CA ASP A 22 11.22 -9.97 -3.14
C ASP A 22 10.12 -9.10 -3.70
N GLU A 23 8.99 -9.26 -3.09
CA GLU A 23 7.73 -8.67 -3.53
C GLU A 23 7.65 -7.21 -3.17
N LEU A 24 8.28 -6.85 -2.07
CA LEU A 24 8.20 -5.49 -1.60
C LEU A 24 9.01 -4.60 -2.51
N LYS A 25 10.02 -5.20 -3.10
CA LYS A 25 10.93 -4.52 -4.00
C LYS A 25 10.19 -4.09 -5.26
N SER A 26 9.30 -4.96 -5.69
CA SER A 26 8.42 -4.71 -6.77
C SER A 26 7.51 -3.55 -6.39
N PHE A 27 6.84 -3.72 -5.27
CA PHE A 27 5.87 -2.77 -4.74
C PHE A 27 6.50 -1.36 -4.59
N LYS A 28 7.71 -1.30 -3.99
CA LYS A 28 8.46 -0.03 -3.82
C LYS A 28 8.63 0.68 -5.16
N SER A 29 9.10 -0.05 -6.14
CA SER A 29 9.32 0.43 -7.45
C SER A 29 8.03 0.86 -8.14
N LEU A 30 7.05 0.02 -8.09
CA LEU A 30 5.75 0.26 -8.69
C LEU A 30 5.04 1.45 -8.07
N LEU A 31 5.23 1.66 -6.77
CA LEU A 31 4.59 2.78 -6.11
C LEU A 31 5.29 4.06 -6.53
N TRP A 32 6.51 3.92 -6.96
CA TRP A 32 7.28 5.05 -7.39
C TRP A 32 6.82 5.51 -8.79
N ALA A 33 5.85 4.80 -9.33
CA ALA A 33 5.31 5.08 -10.64
C ALA A 33 3.98 5.84 -10.58
N PHE A 34 3.33 5.90 -9.41
CA PHE A 34 2.05 6.57 -9.34
C PHE A 34 2.23 8.08 -9.48
N PRO A 35 1.20 8.82 -9.87
CA PRO A 35 1.28 10.27 -9.92
C PRO A 35 1.27 10.86 -8.51
N LEU A 36 2.43 11.36 -8.11
CA LEU A 36 2.62 11.95 -6.81
C LEU A 36 1.89 13.25 -6.69
N GLU A 37 1.46 13.52 -5.50
CA GLU A 37 0.77 14.71 -5.20
C GLU A 37 1.66 15.50 -4.25
N ASP A 38 1.23 16.66 -3.79
CA ASP A 38 2.09 17.55 -2.96
C ASP A 38 2.54 16.92 -1.65
N VAL A 39 1.71 16.10 -1.06
CA VAL A 39 2.09 15.43 0.19
C VAL A 39 3.02 14.25 -0.10
N LEU A 40 2.85 13.67 -1.27
CA LEU A 40 3.62 12.50 -1.67
C LEU A 40 4.92 12.90 -2.34
N GLN A 41 5.11 14.19 -2.56
CA GLN A 41 6.25 14.68 -3.30
C GLN A 41 7.56 14.65 -2.49
N LYS A 42 8.03 13.45 -2.31
CA LYS A 42 9.31 13.08 -1.76
C LYS A 42 9.31 11.58 -1.49
N THR A 43 8.40 11.17 -0.59
CA THR A 43 8.24 9.80 -0.09
C THR A 43 9.58 9.21 0.42
N PRO A 44 9.75 9.07 1.75
CA PRO A 44 11.02 8.59 2.32
C PRO A 44 11.38 7.14 1.94
N TRP A 45 11.99 6.99 0.76
CA TRP A 45 12.43 5.72 0.23
C TRP A 45 13.43 5.07 1.18
N SER A 46 14.23 5.88 1.82
CA SER A 46 15.20 5.40 2.79
C SER A 46 14.49 4.63 3.92
N GLU A 47 13.29 5.06 4.25
CA GLU A 47 12.52 4.40 5.25
C GLU A 47 11.80 3.21 4.68
N VAL A 48 11.33 3.34 3.43
CA VAL A 48 10.60 2.25 2.77
C VAL A 48 11.53 1.06 2.55
N GLU A 49 12.81 1.37 2.33
CA GLU A 49 13.82 0.39 2.11
C GLU A 49 14.05 -0.47 3.27
N GLU A 50 14.10 0.13 4.41
CA GLU A 50 14.40 -0.63 5.55
C GLU A 50 13.12 -1.04 6.29
N ALA A 51 12.01 -0.80 5.64
CA ALA A 51 10.70 -1.17 6.11
C ALA A 51 10.30 -2.42 5.45
N ASP A 52 9.33 -3.05 6.00
CA ASP A 52 8.79 -4.25 5.49
C ASP A 52 7.41 -4.38 6.02
N GLY A 53 6.54 -4.98 5.21
CA GLY A 53 5.17 -5.29 5.60
C GLY A 53 4.44 -4.19 6.32
N LYS A 54 4.33 -4.36 7.63
CA LYS A 54 3.61 -3.44 8.51
C LYS A 54 4.18 -2.06 8.40
N LYS A 55 5.48 -1.98 8.54
CA LYS A 55 6.16 -0.71 8.50
C LYS A 55 5.92 0.05 7.22
N LEU A 56 5.81 -0.66 6.11
CA LEU A 56 5.59 0.00 4.86
C LEU A 56 4.21 0.64 4.83
N ALA A 57 3.22 -0.06 5.39
CA ALA A 57 1.84 0.44 5.48
C ALA A 57 1.79 1.73 6.29
N GLU A 58 2.67 1.80 7.26
CA GLU A 58 2.78 2.93 8.15
C GLU A 58 3.31 4.16 7.39
N ILE A 59 4.19 3.89 6.45
CA ILE A 59 4.75 4.92 5.62
C ILE A 59 3.71 5.42 4.61
N LEU A 60 2.89 4.49 4.11
CA LEU A 60 1.79 4.85 3.22
C LEU A 60 0.79 5.76 3.91
N VAL A 61 0.37 5.41 5.12
CA VAL A 61 -0.61 6.23 5.85
C VAL A 61 0.01 7.55 6.31
N ASN A 62 1.33 7.57 6.42
CA ASN A 62 2.05 8.78 6.82
C ASN A 62 1.87 9.89 5.78
N THR A 63 1.93 9.52 4.53
CA THR A 63 1.88 10.51 3.47
C THR A 63 0.52 10.55 2.74
N SER A 64 -0.05 9.40 2.52
CA SER A 64 -1.26 9.34 1.75
C SER A 64 -2.50 9.36 2.63
N SER A 65 -3.57 9.91 2.11
CA SER A 65 -4.85 9.87 2.78
C SER A 65 -5.31 8.41 2.75
N GLU A 66 -5.91 7.94 3.82
CA GLU A 66 -6.31 6.53 3.92
C GLU A 66 -7.25 6.10 2.80
N ASN A 67 -8.17 6.96 2.42
CA ASN A 67 -9.16 6.59 1.40
C ASN A 67 -8.53 6.72 -0.02
N TRP A 68 -7.33 7.27 -0.07
CA TRP A 68 -6.59 7.41 -1.33
C TRP A 68 -5.79 6.14 -1.54
N ILE A 69 -5.34 5.57 -0.44
CA ILE A 69 -4.52 4.37 -0.44
C ILE A 69 -5.33 3.18 -0.97
N ARG A 70 -6.67 3.29 -0.89
CA ARG A 70 -7.59 2.24 -1.34
C ARG A 70 -7.34 1.91 -2.81
N ASN A 71 -6.93 2.91 -3.57
CA ASN A 71 -6.64 2.73 -4.97
C ASN A 71 -5.19 2.41 -5.13
N ALA A 72 -4.36 3.21 -4.45
CA ALA A 72 -2.91 3.11 -4.52
C ALA A 72 -2.40 1.70 -4.29
N THR A 73 -2.72 1.11 -3.13
CA THR A 73 -2.18 -0.18 -2.78
C THR A 73 -2.72 -1.28 -3.69
N VAL A 74 -3.96 -1.14 -4.10
CA VAL A 74 -4.61 -2.12 -4.93
C VAL A 74 -4.03 -2.10 -6.34
N ASN A 75 -3.83 -0.91 -6.88
CA ASN A 75 -3.24 -0.75 -8.21
C ASN A 75 -1.84 -1.32 -8.25
N ILE A 76 -1.10 -1.21 -7.15
CA ILE A 76 0.24 -1.79 -7.09
C ILE A 76 0.12 -3.32 -7.17
N LEU A 77 -0.80 -3.87 -6.38
CA LEU A 77 -1.07 -5.31 -6.39
C LEU A 77 -1.52 -5.78 -7.78
N GLU A 78 -2.39 -5.00 -8.40
CA GLU A 78 -2.87 -5.28 -9.75
C GLU A 78 -1.73 -5.19 -10.78
N GLU A 79 -0.79 -4.29 -10.53
CA GLU A 79 0.39 -4.11 -11.38
C GLU A 79 1.34 -5.33 -11.20
N MET A 80 1.23 -5.97 -10.04
CA MET A 80 2.02 -7.18 -9.71
C MET A 80 1.28 -8.43 -10.14
N ASN A 81 0.08 -8.23 -10.71
CA ASN A 81 -0.81 -9.30 -11.20
C ASN A 81 -1.35 -10.13 -10.00
N LEU A 82 -1.29 -9.54 -8.85
CA LEU A 82 -1.77 -10.16 -7.63
C LEU A 82 -3.26 -9.97 -7.54
N THR A 83 -3.97 -11.03 -7.29
CA THR A 83 -5.40 -10.95 -7.20
C THR A 83 -5.90 -11.36 -5.85
N GLU A 84 -5.43 -12.48 -5.39
CA GLU A 84 -5.85 -13.11 -4.14
C GLU A 84 -5.96 -12.11 -2.96
N LEU A 85 -4.85 -11.59 -2.50
CA LEU A 85 -4.85 -10.65 -1.39
C LEU A 85 -5.34 -9.27 -1.84
N CYS A 86 -5.19 -8.99 -3.11
CA CYS A 86 -5.61 -7.71 -3.70
C CYS A 86 -7.13 -7.55 -3.62
N LYS A 87 -7.82 -8.63 -3.86
CA LYS A 87 -9.26 -8.65 -3.79
C LYS A 87 -9.73 -8.50 -2.37
N MET A 88 -8.90 -8.89 -1.43
CA MET A 88 -9.17 -8.70 -0.02
C MET A 88 -9.03 -7.23 0.30
N ALA A 89 -8.06 -6.59 -0.33
CA ALA A 89 -7.84 -5.17 -0.17
C ALA A 89 -9.02 -4.42 -0.73
N LYS A 90 -9.51 -4.87 -1.89
CA LYS A 90 -10.70 -4.30 -2.53
C LYS A 90 -11.91 -4.46 -1.65
N ALA A 91 -11.95 -5.55 -0.94
CA ALA A 91 -13.07 -5.85 -0.09
C ALA A 91 -13.06 -5.01 1.19
N GLU A 92 -11.90 -4.87 1.73
CA GLU A 92 -11.71 -4.27 3.03
C GLU A 92 -11.40 -2.79 2.98
N MET A 93 -10.31 -2.47 2.35
CA MET A 93 -9.72 -1.16 2.41
C MET A 93 -10.48 -0.21 1.51
N MET A 94 -11.05 -0.73 0.46
CA MET A 94 -11.77 0.11 -0.44
C MET A 94 -13.13 0.42 0.08
N GLU A 95 -13.24 1.58 0.70
CA GLU A 95 -14.51 2.09 1.11
C GLU A 95 -15.37 2.27 -0.14
N ASP A 96 -16.63 1.96 -0.03
CA ASP A 96 -17.52 1.93 -1.18
C ASP A 96 -17.79 3.35 -1.72
N GLY A 97 -18.51 3.44 -2.82
CA GLY A 97 -18.79 4.71 -3.46
C GLY A 97 -19.79 5.55 -2.68
N GLN A 98 -19.39 5.97 -1.51
CA GLN A 98 -20.16 6.83 -0.65
C GLN A 98 -20.20 8.19 -1.30
N MET A 3 -14.07 0.67 7.57
CA MET A 3 -12.84 1.43 7.27
C MET A 3 -12.66 2.53 8.30
N THR A 4 -11.58 2.47 9.02
CA THR A 4 -11.21 3.50 9.97
C THR A 4 -9.70 3.45 10.01
N SER A 5 -9.07 4.46 10.53
CA SER A 5 -7.62 4.61 10.47
C SER A 5 -6.78 3.35 10.95
N PRO A 6 -7.03 2.78 12.18
CA PRO A 6 -6.27 1.60 12.64
C PRO A 6 -6.52 0.39 11.75
N GLN A 7 -7.77 0.22 11.35
CA GLN A 7 -8.19 -0.92 10.53
C GLN A 7 -7.72 -0.76 9.09
N LEU A 8 -7.58 0.46 8.68
CA LEU A 8 -7.09 0.82 7.36
C LEU A 8 -5.64 0.34 7.26
N GLU A 9 -4.85 0.73 8.25
CA GLU A 9 -3.47 0.36 8.32
C GLU A 9 -3.35 -1.13 8.58
N TRP A 10 -4.37 -1.69 9.24
CA TRP A 10 -4.45 -3.12 9.45
C TRP A 10 -4.53 -3.83 8.11
N THR A 11 -5.45 -3.41 7.25
CA THR A 11 -5.60 -4.04 5.95
C THR A 11 -4.29 -3.95 5.16
N LEU A 12 -3.69 -2.78 5.22
CA LEU A 12 -2.40 -2.55 4.58
C LEU A 12 -1.33 -3.47 5.10
N GLN A 13 -1.16 -3.50 6.42
CA GLN A 13 -0.13 -4.31 7.03
C GLN A 13 -0.38 -5.78 6.73
N THR A 14 -1.63 -6.20 6.76
CA THR A 14 -2.00 -7.57 6.51
C THR A 14 -1.59 -8.00 5.09
N LEU A 15 -1.87 -7.14 4.12
CA LEU A 15 -1.49 -7.39 2.73
C LEU A 15 0.03 -7.42 2.59
N LEU A 16 0.67 -6.42 3.17
CA LEU A 16 2.11 -6.28 3.06
C LEU A 16 2.87 -7.29 3.95
N GLU A 17 2.18 -7.94 4.87
CA GLU A 17 2.81 -9.02 5.63
C GLU A 17 2.64 -10.35 4.92
N GLN A 18 1.93 -10.31 3.82
CA GLN A 18 1.75 -11.46 2.96
C GLN A 18 2.70 -11.34 1.78
N LEU A 19 2.69 -10.19 1.15
CA LEU A 19 3.59 -9.89 0.06
C LEU A 19 4.73 -9.07 0.66
N ASN A 20 5.95 -9.54 0.62
CA ASN A 20 7.04 -8.77 1.23
C ASN A 20 8.42 -9.19 0.81
N GLU A 21 8.74 -10.47 1.00
CA GLU A 21 10.11 -10.99 0.81
C GLU A 21 10.71 -10.53 -0.55
N ASP A 22 10.24 -11.09 -1.63
CA ASP A 22 10.72 -10.67 -2.95
C ASP A 22 9.68 -9.78 -3.61
N GLU A 23 8.58 -9.68 -2.94
CA GLU A 23 7.38 -9.05 -3.46
C GLU A 23 7.43 -7.55 -3.26
N LEU A 24 7.95 -7.13 -2.11
CA LEU A 24 7.94 -5.73 -1.74
C LEU A 24 8.92 -4.95 -2.60
N LYS A 25 9.91 -5.66 -3.10
CA LYS A 25 10.94 -5.09 -3.97
C LYS A 25 10.30 -4.48 -5.20
N SER A 26 9.41 -5.23 -5.81
CA SER A 26 8.66 -4.83 -6.93
C SER A 26 7.69 -3.72 -6.57
N PHE A 27 6.92 -3.98 -5.53
CA PHE A 27 5.88 -3.09 -5.03
C PHE A 27 6.40 -1.65 -4.79
N LYS A 28 7.53 -1.52 -4.08
CA LYS A 28 8.14 -0.21 -3.78
C LYS A 28 8.48 0.53 -5.07
N SER A 29 9.12 -0.17 -5.97
CA SER A 29 9.53 0.33 -7.24
C SER A 29 8.36 0.78 -8.10
N LEU A 30 7.38 -0.07 -8.21
CA LEU A 30 6.17 0.19 -8.98
C LEU A 30 5.41 1.39 -8.49
N LEU A 31 5.37 1.60 -7.19
CA LEU A 31 4.64 2.74 -6.65
C LEU A 31 5.46 4.02 -6.85
N TRP A 32 6.72 3.86 -7.14
CA TRP A 32 7.57 4.99 -7.36
C TRP A 32 7.49 5.40 -8.84
N ALA A 33 6.90 4.53 -9.64
CA ALA A 33 6.81 4.72 -11.06
C ALA A 33 5.61 5.59 -11.45
N PHE A 34 4.59 5.66 -10.59
CA PHE A 34 3.47 6.50 -10.90
C PHE A 34 3.82 7.93 -10.48
N PRO A 35 3.22 8.96 -11.10
CA PRO A 35 3.45 10.33 -10.68
C PRO A 35 2.96 10.53 -9.25
N LEU A 36 3.92 10.61 -8.34
CA LEU A 36 3.63 10.72 -6.93
C LEU A 36 2.85 11.99 -6.65
N GLU A 37 3.38 13.10 -7.13
CA GLU A 37 2.73 14.42 -7.01
C GLU A 37 2.56 14.87 -5.54
N ASP A 38 1.91 16.02 -5.37
CA ASP A 38 1.50 16.64 -4.09
C ASP A 38 2.50 16.46 -2.93
N VAL A 39 2.23 15.50 -2.05
CA VAL A 39 3.05 15.24 -0.88
C VAL A 39 3.64 13.84 -0.97
N LEU A 40 3.40 13.18 -2.07
CA LEU A 40 3.88 11.83 -2.22
C LEU A 40 5.32 11.83 -2.65
N GLN A 41 5.77 12.98 -3.16
CA GLN A 41 7.19 13.17 -3.50
C GLN A 41 8.00 13.32 -2.22
N LYS A 42 7.32 13.56 -1.11
CA LYS A 42 7.95 13.71 0.18
C LYS A 42 8.40 12.36 0.71
N THR A 43 7.66 11.31 0.34
CA THR A 43 7.84 9.95 0.83
C THR A 43 9.31 9.52 0.84
N PRO A 44 9.90 9.45 2.05
CA PRO A 44 11.29 9.02 2.23
C PRO A 44 11.54 7.57 1.81
N TRP A 45 12.16 7.39 0.66
CA TRP A 45 12.52 6.04 0.19
C TRP A 45 13.52 5.41 1.17
N SER A 46 14.33 6.23 1.80
CA SER A 46 15.30 5.75 2.77
C SER A 46 14.60 5.05 3.95
N GLU A 47 13.37 5.44 4.23
CA GLU A 47 12.57 4.79 5.24
C GLU A 47 11.97 3.53 4.66
N VAL A 48 11.46 3.63 3.43
CA VAL A 48 10.77 2.52 2.76
C VAL A 48 11.74 1.36 2.50
N GLU A 49 13.03 1.69 2.32
CA GLU A 49 14.08 0.72 2.10
C GLU A 49 14.16 -0.29 3.21
N GLU A 50 14.25 0.19 4.43
CA GLU A 50 14.46 -0.69 5.56
C GLU A 50 13.14 -1.14 6.18
N ALA A 51 12.07 -0.74 5.56
CA ALA A 51 10.75 -1.07 6.02
C ALA A 51 10.19 -2.24 5.26
N ASP A 52 9.63 -3.14 5.98
CA ASP A 52 9.01 -4.29 5.42
C ASP A 52 7.60 -4.38 5.90
N GLY A 53 6.74 -4.91 5.04
CA GLY A 53 5.34 -5.18 5.35
C GLY A 53 4.61 -4.06 6.09
N LYS A 54 4.40 -4.29 7.37
CA LYS A 54 3.67 -3.40 8.26
C LYS A 54 4.32 -2.03 8.31
N LYS A 55 5.62 -2.01 8.26
CA LYS A 55 6.31 -0.77 8.32
C LYS A 55 6.12 0.05 7.08
N LEU A 56 6.07 -0.62 5.94
CA LEU A 56 5.89 0.08 4.70
C LEU A 56 4.51 0.75 4.70
N ALA A 57 3.52 0.03 5.22
CA ALA A 57 2.14 0.54 5.35
C ALA A 57 2.12 1.82 6.18
N GLU A 58 2.95 1.85 7.19
CA GLU A 58 3.04 2.93 8.12
C GLU A 58 3.72 4.16 7.47
N ILE A 59 4.51 3.90 6.45
CA ILE A 59 5.13 4.97 5.69
C ILE A 59 4.18 5.46 4.61
N LEU A 60 3.37 4.53 4.06
CA LEU A 60 2.32 4.90 3.11
C LEU A 60 1.37 5.91 3.74
N VAL A 61 0.91 5.63 4.96
CA VAL A 61 -0.02 6.54 5.66
C VAL A 61 0.68 7.82 6.15
N ASN A 62 1.99 7.90 5.96
CA ASN A 62 2.75 9.04 6.42
C ASN A 62 2.67 10.18 5.40
N THR A 63 2.52 9.83 4.13
CA THR A 63 2.39 10.82 3.07
C THR A 63 1.07 10.69 2.33
N SER A 64 0.62 9.47 2.15
CA SER A 64 -0.58 9.24 1.41
C SER A 64 -1.77 9.26 2.35
N SER A 65 -2.84 9.88 1.90
CA SER A 65 -4.07 9.87 2.62
C SER A 65 -4.54 8.44 2.71
N GLU A 66 -4.88 8.02 3.91
CA GLU A 66 -5.33 6.65 4.21
C GLU A 66 -6.48 6.23 3.26
N ASN A 67 -7.32 7.18 2.92
CA ASN A 67 -8.46 6.97 2.04
C ASN A 67 -8.00 6.79 0.59
N TRP A 68 -6.92 7.45 0.25
CA TRP A 68 -6.39 7.41 -1.10
C TRP A 68 -5.59 6.11 -1.31
N ILE A 69 -5.01 5.60 -0.24
CA ILE A 69 -4.19 4.40 -0.30
C ILE A 69 -5.03 3.18 -0.73
N ARG A 70 -6.35 3.25 -0.52
CA ARG A 70 -7.25 2.14 -0.86
C ARG A 70 -7.24 1.90 -2.37
N ASN A 71 -6.88 2.91 -3.14
CA ASN A 71 -6.76 2.75 -4.58
C ASN A 71 -5.30 2.46 -4.92
N ALA A 72 -4.40 3.12 -4.21
CA ALA A 72 -2.97 3.04 -4.43
C ALA A 72 -2.43 1.62 -4.36
N THR A 73 -2.56 0.98 -3.20
CA THR A 73 -1.98 -0.35 -2.99
C THR A 73 -2.64 -1.38 -3.91
N VAL A 74 -3.93 -1.21 -4.15
CA VAL A 74 -4.68 -2.09 -4.99
C VAL A 74 -4.15 -2.08 -6.42
N ASN A 75 -3.91 -0.88 -6.94
CA ASN A 75 -3.41 -0.72 -8.31
C ASN A 75 -2.04 -1.39 -8.45
N ILE A 76 -1.18 -1.25 -7.44
CA ILE A 76 0.18 -1.84 -7.48
C ILE A 76 0.07 -3.38 -7.47
N LEU A 77 -0.84 -3.90 -6.64
CA LEU A 77 -1.11 -5.33 -6.60
C LEU A 77 -1.58 -5.82 -7.98
N GLU A 78 -2.43 -5.03 -8.60
CA GLU A 78 -2.95 -5.30 -9.94
C GLU A 78 -1.82 -5.29 -10.98
N GLU A 79 -0.85 -4.37 -10.80
CA GLU A 79 0.35 -4.27 -11.65
C GLU A 79 1.20 -5.55 -11.54
N MET A 80 1.18 -6.15 -10.36
CA MET A 80 1.98 -7.34 -10.07
C MET A 80 1.22 -8.63 -10.38
N ASN A 81 0.00 -8.50 -10.91
CA ASN A 81 -0.88 -9.66 -11.26
C ASN A 81 -1.34 -10.38 -9.96
N LEU A 82 -1.25 -9.66 -8.87
CA LEU A 82 -1.64 -10.18 -7.59
C LEU A 82 -3.14 -10.01 -7.41
N THR A 83 -3.87 -11.03 -7.75
CA THR A 83 -5.31 -11.01 -7.62
C THR A 83 -5.73 -11.36 -6.22
N GLU A 84 -5.43 -12.59 -5.84
CA GLU A 84 -5.79 -13.22 -4.57
C GLU A 84 -5.89 -12.25 -3.35
N LEU A 85 -4.79 -11.65 -2.94
CA LEU A 85 -4.83 -10.77 -1.79
C LEU A 85 -5.35 -9.37 -2.14
N CYS A 86 -5.28 -8.99 -3.41
CA CYS A 86 -5.76 -7.68 -3.84
C CYS A 86 -7.28 -7.67 -3.75
N LYS A 87 -7.85 -8.81 -4.01
CA LYS A 87 -9.28 -9.03 -3.92
C LYS A 87 -9.73 -8.93 -2.47
N MET A 88 -8.78 -9.14 -1.56
CA MET A 88 -9.04 -8.97 -0.15
C MET A 88 -8.94 -7.51 0.20
N ALA A 89 -8.03 -6.82 -0.46
CA ALA A 89 -7.87 -5.38 -0.25
C ALA A 89 -9.12 -4.66 -0.74
N LYS A 90 -9.60 -5.07 -1.89
CA LYS A 90 -10.82 -4.52 -2.48
C LYS A 90 -12.03 -4.85 -1.61
N ALA A 91 -11.87 -5.83 -0.75
CA ALA A 91 -12.93 -6.27 0.12
C ALA A 91 -12.87 -5.60 1.48
N GLU A 92 -11.68 -5.48 2.00
CA GLU A 92 -11.46 -5.04 3.36
C GLU A 92 -11.04 -3.59 3.46
N MET A 93 -10.25 -3.13 2.52
CA MET A 93 -9.65 -1.81 2.63
C MET A 93 -10.55 -0.73 2.07
N MET A 94 -11.64 -1.13 1.48
CA MET A 94 -12.53 -0.18 0.85
C MET A 94 -13.41 0.54 1.84
N GLU A 95 -14.17 1.48 1.33
CA GLU A 95 -14.96 2.35 2.13
C GLU A 95 -16.19 1.63 2.66
N ASP A 96 -16.69 2.09 3.79
CA ASP A 96 -17.84 1.49 4.43
C ASP A 96 -19.06 1.62 3.56
N GLY A 97 -19.68 0.52 3.34
CA GLY A 97 -20.78 0.40 2.45
C GLY A 97 -20.68 -0.91 1.75
N GLN A 98 -19.44 -1.34 1.60
CA GLN A 98 -19.13 -2.63 1.03
C GLN A 98 -19.34 -3.67 2.11
N MET A 3 -16.77 2.45 6.38
CA MET A 3 -15.33 2.62 6.25
C MET A 3 -14.70 2.48 7.62
N THR A 4 -13.75 1.59 7.73
CA THR A 4 -13.17 1.27 9.00
C THR A 4 -11.85 2.00 9.26
N SER A 5 -11.59 2.29 10.52
CA SER A 5 -10.38 2.94 10.92
C SER A 5 -9.33 1.92 11.45
N PRO A 6 -9.66 0.93 12.35
CA PRO A 6 -8.67 -0.05 12.80
C PRO A 6 -8.29 -1.02 11.69
N GLN A 7 -9.15 -1.18 10.71
CA GLN A 7 -8.84 -2.04 9.60
C GLN A 7 -7.91 -1.35 8.62
N LEU A 8 -7.83 -0.01 8.72
CA LEU A 8 -6.95 0.81 7.86
C LEU A 8 -5.54 0.27 7.73
N GLU A 9 -4.75 0.39 8.78
CA GLU A 9 -3.37 0.04 8.64
C GLU A 9 -3.26 -1.48 8.74
N TRP A 10 -4.30 -2.10 9.27
CA TRP A 10 -4.37 -3.53 9.41
C TRP A 10 -4.44 -4.21 8.05
N THR A 11 -5.40 -3.85 7.22
CA THR A 11 -5.53 -4.48 5.91
C THR A 11 -4.27 -4.25 5.11
N LEU A 12 -3.79 -3.02 5.16
CA LEU A 12 -2.58 -2.66 4.46
C LEU A 12 -1.42 -3.56 4.92
N GLN A 13 -1.23 -3.66 6.24
CA GLN A 13 -0.14 -4.44 6.81
C GLN A 13 -0.31 -5.92 6.51
N THR A 14 -1.53 -6.41 6.62
CA THR A 14 -1.83 -7.83 6.41
C THR A 14 -1.48 -8.25 4.97
N LEU A 15 -1.69 -7.35 4.02
CA LEU A 15 -1.35 -7.60 2.63
C LEU A 15 0.17 -7.54 2.45
N LEU A 16 0.77 -6.51 3.00
CA LEU A 16 2.20 -6.27 2.89
C LEU A 16 3.02 -7.28 3.72
N GLU A 17 2.38 -7.93 4.67
CA GLU A 17 3.05 -8.98 5.44
C GLU A 17 3.05 -10.29 4.66
N GLN A 18 2.31 -10.30 3.57
CA GLN A 18 2.28 -11.43 2.65
C GLN A 18 3.28 -11.15 1.55
N LEU A 19 3.08 -10.05 0.86
CA LEU A 19 3.95 -9.66 -0.21
C LEU A 19 5.07 -8.80 0.39
N ASN A 20 6.29 -9.26 0.35
CA ASN A 20 7.39 -8.47 0.91
C ASN A 20 8.75 -8.97 0.51
N GLU A 21 9.02 -10.24 0.80
CA GLU A 21 10.35 -10.87 0.66
C GLU A 21 11.08 -10.42 -0.61
N ASP A 22 10.53 -10.73 -1.75
CA ASP A 22 11.06 -10.24 -3.01
C ASP A 22 9.95 -9.49 -3.75
N GLU A 23 8.89 -9.31 -3.03
CA GLU A 23 7.66 -8.76 -3.57
C GLU A 23 7.58 -7.27 -3.30
N LEU A 24 8.10 -6.83 -2.16
CA LEU A 24 8.00 -5.44 -1.76
C LEU A 24 8.88 -4.61 -2.66
N LYS A 25 9.93 -5.23 -3.14
CA LYS A 25 10.88 -4.65 -4.06
C LYS A 25 10.14 -4.11 -5.28
N SER A 26 9.21 -4.92 -5.78
CA SER A 26 8.37 -4.58 -6.85
C SER A 26 7.44 -3.43 -6.47
N PHE A 27 6.72 -3.63 -5.38
CA PHE A 27 5.73 -2.68 -4.84
C PHE A 27 6.35 -1.28 -4.67
N LYS A 28 7.52 -1.20 -4.01
CA LYS A 28 8.25 0.05 -3.79
C LYS A 28 8.51 0.76 -5.12
N SER A 29 8.98 0.00 -6.06
CA SER A 29 9.35 0.47 -7.35
C SER A 29 8.14 0.94 -8.15
N LEU A 30 7.13 0.11 -8.20
CA LEU A 30 5.89 0.39 -8.91
C LEU A 30 5.21 1.65 -8.38
N LEU A 31 5.32 1.89 -7.09
CA LEU A 31 4.71 3.08 -6.53
C LEU A 31 5.59 4.30 -6.82
N TRP A 32 6.81 4.05 -7.25
CA TRP A 32 7.73 5.10 -7.61
C TRP A 32 7.69 5.31 -9.12
N ALA A 33 6.94 4.45 -9.79
CA ALA A 33 6.84 4.48 -11.22
C ALA A 33 5.71 5.37 -11.68
N PHE A 34 4.62 5.38 -10.92
CA PHE A 34 3.50 6.23 -11.27
C PHE A 34 3.86 7.69 -10.95
N PRO A 35 3.27 8.68 -11.65
CA PRO A 35 3.53 10.10 -11.37
C PRO A 35 3.11 10.48 -9.96
N LEU A 36 4.10 10.70 -9.11
CA LEU A 36 3.86 10.99 -7.73
C LEU A 36 3.30 12.35 -7.54
N GLU A 37 2.33 12.41 -6.69
CA GLU A 37 1.67 13.62 -6.33
C GLU A 37 2.56 14.39 -5.34
N ASP A 38 2.19 15.61 -5.00
CA ASP A 38 3.04 16.50 -4.15
C ASP A 38 3.59 15.83 -2.89
N VAL A 39 2.70 15.23 -2.11
CA VAL A 39 3.11 14.60 -0.85
C VAL A 39 3.83 13.25 -1.11
N LEU A 40 3.58 12.67 -2.24
CA LEU A 40 4.13 11.37 -2.55
C LEU A 40 5.54 11.46 -3.09
N GLN A 41 5.85 12.58 -3.67
CA GLN A 41 7.17 12.79 -4.23
C GLN A 41 8.20 12.99 -3.11
N LYS A 42 7.72 13.32 -1.92
CA LYS A 42 8.58 13.57 -0.79
C LYS A 42 8.61 12.39 0.18
N THR A 43 7.90 11.32 -0.17
CA THR A 43 7.81 10.12 0.63
C THR A 43 9.21 9.59 0.94
N PRO A 44 9.54 9.43 2.22
CA PRO A 44 10.85 8.98 2.66
C PRO A 44 11.16 7.53 2.26
N TRP A 45 11.74 7.38 1.08
CA TRP A 45 12.12 6.08 0.52
C TRP A 45 13.10 5.36 1.44
N SER A 46 13.94 6.12 2.12
CA SER A 46 14.91 5.56 3.03
C SER A 46 14.20 4.77 4.16
N GLU A 47 12.99 5.19 4.50
CA GLU A 47 12.23 4.47 5.48
C GLU A 47 11.49 3.31 4.84
N VAL A 48 10.99 3.53 3.62
CA VAL A 48 10.21 2.52 2.90
C VAL A 48 11.09 1.33 2.54
N GLU A 49 12.39 1.60 2.35
CA GLU A 49 13.34 0.60 1.96
C GLU A 49 13.53 -0.42 3.04
N GLU A 50 13.79 0.06 4.23
CA GLU A 50 14.09 -0.85 5.29
C GLU A 50 12.82 -1.49 5.86
N ALA A 51 11.71 -0.88 5.56
CA ALA A 51 10.44 -1.33 6.04
C ALA A 51 9.91 -2.45 5.23
N ASP A 52 9.16 -3.28 5.89
CA ASP A 52 8.47 -4.37 5.27
C ASP A 52 7.13 -4.46 5.92
N GLY A 53 6.18 -5.01 5.18
CA GLY A 53 4.83 -5.28 5.68
C GLY A 53 4.17 -4.16 6.46
N LYS A 54 4.08 -4.37 7.76
CA LYS A 54 3.43 -3.45 8.68
C LYS A 54 4.12 -2.11 8.68
N LYS A 55 5.43 -2.16 8.60
CA LYS A 55 6.20 -0.97 8.66
C LYS A 55 5.97 -0.10 7.45
N LEU A 56 5.85 -0.74 6.31
CA LEU A 56 5.65 -0.02 5.08
C LEU A 56 4.28 0.67 5.08
N ALA A 57 3.27 -0.04 5.59
CA ALA A 57 1.90 0.51 5.70
C ALA A 57 1.90 1.78 6.53
N GLU A 58 2.73 1.77 7.56
CA GLU A 58 2.88 2.87 8.50
C GLU A 58 3.48 4.11 7.79
N ILE A 59 4.25 3.86 6.77
CA ILE A 59 4.87 4.92 6.01
C ILE A 59 3.89 5.43 4.92
N LEU A 60 3.12 4.51 4.34
CA LEU A 60 2.09 4.89 3.36
C LEU A 60 1.00 5.73 4.02
N VAL A 61 0.67 5.38 5.27
CA VAL A 61 -0.40 6.06 6.00
C VAL A 61 0.09 7.44 6.51
N ASN A 62 1.33 7.76 6.20
CA ASN A 62 1.94 9.00 6.61
C ASN A 62 1.85 10.04 5.49
N THR A 63 1.82 9.59 4.26
CA THR A 63 1.79 10.50 3.15
C THR A 63 0.38 10.74 2.60
N SER A 64 -0.42 9.71 2.47
CA SER A 64 -1.71 9.86 1.87
C SER A 64 -2.88 9.53 2.80
N SER A 65 -4.05 9.93 2.35
CA SER A 65 -5.30 9.65 3.01
C SER A 65 -5.66 8.17 2.75
N GLU A 66 -6.46 7.57 3.62
CA GLU A 66 -6.78 6.15 3.51
C GLU A 66 -7.53 5.86 2.21
N ASN A 67 -8.35 6.82 1.80
CA ASN A 67 -9.14 6.73 0.57
C ASN A 67 -8.21 6.56 -0.64
N TRP A 68 -7.03 7.11 -0.55
CA TRP A 68 -6.07 7.02 -1.60
C TRP A 68 -5.34 5.68 -1.50
N ILE A 69 -4.81 5.39 -0.32
CA ILE A 69 -3.97 4.21 -0.09
C ILE A 69 -4.74 2.93 -0.38
N ARG A 70 -6.02 2.93 -0.05
CA ARG A 70 -6.89 1.78 -0.27
C ARG A 70 -6.95 1.42 -1.75
N ASN A 71 -6.87 2.42 -2.59
CA ASN A 71 -6.95 2.22 -4.03
C ASN A 71 -5.54 1.98 -4.57
N ALA A 72 -4.59 2.64 -3.94
CA ALA A 72 -3.18 2.56 -4.30
C ALA A 72 -2.67 1.13 -4.27
N THR A 73 -2.83 0.49 -3.13
CA THR A 73 -2.38 -0.87 -2.95
C THR A 73 -3.09 -1.79 -3.92
N VAL A 74 -4.35 -1.52 -4.22
CA VAL A 74 -5.06 -2.31 -5.19
C VAL A 74 -4.37 -2.20 -6.56
N ASN A 75 -4.14 -0.98 -7.00
CA ASN A 75 -3.51 -0.75 -8.31
C ASN A 75 -2.09 -1.31 -8.39
N ILE A 76 -1.31 -1.10 -7.34
CA ILE A 76 0.08 -1.64 -7.30
C ILE A 76 0.03 -3.18 -7.36
N LEU A 77 -0.84 -3.77 -6.58
CA LEU A 77 -1.02 -5.19 -6.55
C LEU A 77 -1.54 -5.72 -7.90
N GLU A 78 -2.41 -4.96 -8.55
CA GLU A 78 -2.87 -5.25 -9.91
C GLU A 78 -1.66 -5.27 -10.86
N GLU A 79 -0.78 -4.32 -10.68
CA GLU A 79 0.45 -4.19 -11.45
C GLU A 79 1.43 -5.34 -11.18
N MET A 80 1.30 -5.96 -10.01
CA MET A 80 2.12 -7.11 -9.66
C MET A 80 1.43 -8.39 -10.11
N ASN A 81 0.21 -8.20 -10.62
CA ASN A 81 -0.68 -9.28 -11.10
C ASN A 81 -1.08 -10.18 -9.92
N LEU A 82 -1.17 -9.55 -8.76
CA LEU A 82 -1.58 -10.21 -7.55
C LEU A 82 -3.06 -10.03 -7.39
N THR A 83 -3.80 -11.08 -7.53
CA THR A 83 -5.23 -11.00 -7.46
C THR A 83 -5.75 -11.19 -6.04
N GLU A 84 -5.54 -12.40 -5.51
CA GLU A 84 -6.05 -12.86 -4.20
C GLU A 84 -6.10 -11.75 -3.10
N LEU A 85 -4.95 -11.27 -2.71
CA LEU A 85 -4.86 -10.30 -1.63
C LEU A 85 -5.31 -8.91 -2.07
N CYS A 86 -5.18 -8.63 -3.34
CA CYS A 86 -5.62 -7.35 -3.90
C CYS A 86 -7.15 -7.28 -3.80
N LYS A 87 -7.78 -8.37 -4.16
CA LYS A 87 -9.23 -8.49 -4.10
C LYS A 87 -9.69 -8.43 -2.67
N MET A 88 -8.87 -8.96 -1.78
CA MET A 88 -9.12 -8.94 -0.37
C MET A 88 -9.08 -7.51 0.13
N ALA A 89 -8.09 -6.75 -0.37
CA ALA A 89 -7.94 -5.33 -0.06
C ALA A 89 -9.20 -4.58 -0.46
N LYS A 90 -9.70 -4.91 -1.64
CA LYS A 90 -10.91 -4.32 -2.20
C LYS A 90 -12.15 -4.65 -1.36
N ALA A 91 -12.03 -5.68 -0.55
CA ALA A 91 -13.13 -6.13 0.28
C ALA A 91 -12.93 -5.75 1.75
N GLU A 92 -11.81 -5.08 2.04
CA GLU A 92 -11.50 -4.73 3.42
C GLU A 92 -11.18 -3.24 3.59
N MET A 93 -10.30 -2.73 2.75
CA MET A 93 -9.87 -1.32 2.82
C MET A 93 -10.85 -0.40 2.11
N MET A 94 -11.89 -0.98 1.60
CA MET A 94 -12.93 -0.25 0.93
C MET A 94 -14.18 -0.42 1.76
N GLU A 95 -15.21 0.33 1.46
CA GLU A 95 -16.49 0.16 2.13
C GLU A 95 -17.39 -0.62 1.20
N ASP A 96 -16.74 -1.26 0.27
CA ASP A 96 -17.35 -2.06 -0.76
C ASP A 96 -17.93 -3.29 -0.12
N GLY A 97 -19.21 -3.43 -0.24
CA GLY A 97 -19.89 -4.54 0.34
C GLY A 97 -21.12 -4.06 1.04
N GLN A 98 -22.04 -4.94 1.28
CA GLN A 98 -23.25 -4.57 1.95
C GLN A 98 -23.06 -4.57 3.44
N MET A 3 -12.26 4.32 5.93
CA MET A 3 -12.34 3.31 6.99
C MET A 3 -11.54 3.78 8.18
N THR A 4 -11.99 3.45 9.40
CA THR A 4 -11.31 3.86 10.62
C THR A 4 -9.85 3.43 10.58
N SER A 5 -9.04 4.26 11.13
CA SER A 5 -7.58 4.17 11.06
C SER A 5 -6.98 2.79 11.41
N PRO A 6 -7.33 2.14 12.57
CA PRO A 6 -6.80 0.82 12.91
C PRO A 6 -7.07 -0.22 11.84
N GLN A 7 -8.32 -0.33 11.40
CA GLN A 7 -8.69 -1.33 10.41
C GLN A 7 -8.15 -0.98 9.03
N LEU A 8 -8.08 0.30 8.76
CA LEU A 8 -7.56 0.83 7.51
C LEU A 8 -6.09 0.41 7.36
N GLU A 9 -5.31 0.71 8.38
CA GLU A 9 -3.91 0.39 8.42
C GLU A 9 -3.72 -1.13 8.49
N TRP A 10 -4.60 -1.78 9.24
CA TRP A 10 -4.59 -3.23 9.36
C TRP A 10 -4.72 -3.89 8.01
N THR A 11 -5.63 -3.39 7.19
CA THR A 11 -5.84 -3.98 5.87
C THR A 11 -4.56 -3.89 5.03
N LEU A 12 -3.86 -2.79 5.18
CA LEU A 12 -2.60 -2.59 4.50
C LEU A 12 -1.54 -3.55 4.98
N GLN A 13 -1.31 -3.58 6.30
CA GLN A 13 -0.28 -4.42 6.88
C GLN A 13 -0.52 -5.88 6.54
N THR A 14 -1.75 -6.32 6.63
CA THR A 14 -2.13 -7.71 6.39
C THR A 14 -1.72 -8.19 4.98
N LEU A 15 -1.77 -7.30 4.01
CA LEU A 15 -1.39 -7.63 2.65
C LEU A 15 0.13 -7.62 2.54
N LEU A 16 0.72 -6.62 3.10
CA LEU A 16 2.16 -6.41 3.05
C LEU A 16 2.93 -7.40 3.93
N GLU A 17 2.25 -8.04 4.85
CA GLU A 17 2.86 -9.10 5.66
C GLU A 17 2.96 -10.38 4.83
N GLN A 18 2.19 -10.41 3.77
CA GLN A 18 2.18 -11.53 2.86
C GLN A 18 3.16 -11.26 1.72
N LEU A 19 3.06 -10.09 1.14
CA LEU A 19 3.94 -9.70 0.05
C LEU A 19 5.08 -8.86 0.64
N ASN A 20 6.30 -9.33 0.57
CA ASN A 20 7.41 -8.53 1.10
C ASN A 20 8.78 -9.03 0.67
N GLU A 21 9.08 -10.30 0.95
CA GLU A 21 10.43 -10.88 0.76
C GLU A 21 11.08 -10.50 -0.59
N ASP A 22 10.46 -10.88 -1.68
CA ASP A 22 10.95 -10.46 -3.00
C ASP A 22 9.83 -9.66 -3.67
N GLU A 23 8.78 -9.51 -2.92
CA GLU A 23 7.54 -8.95 -3.41
C GLU A 23 7.51 -7.45 -3.19
N LEU A 24 8.14 -7.00 -2.13
CA LEU A 24 8.11 -5.61 -1.77
C LEU A 24 8.97 -4.83 -2.74
N LYS A 25 9.92 -5.51 -3.32
CA LYS A 25 10.82 -4.96 -4.33
C LYS A 25 10.01 -4.44 -5.50
N SER A 26 8.99 -5.22 -5.86
CA SER A 26 8.08 -4.88 -6.88
C SER A 26 7.30 -3.63 -6.47
N PHE A 27 6.62 -3.74 -5.34
CA PHE A 27 5.76 -2.70 -4.79
C PHE A 27 6.48 -1.34 -4.69
N LYS A 28 7.68 -1.34 -4.10
CA LYS A 28 8.51 -0.12 -3.90
C LYS A 28 8.81 0.57 -5.22
N SER A 29 9.01 -0.21 -6.22
CA SER A 29 9.32 0.25 -7.50
C SER A 29 8.08 0.71 -8.26
N LEU A 30 7.07 -0.09 -8.23
CA LEU A 30 5.80 0.16 -8.90
C LEU A 30 5.10 1.41 -8.37
N LEU A 31 5.17 1.67 -7.07
CA LEU A 31 4.53 2.87 -6.55
C LEU A 31 5.40 4.10 -6.82
N TRP A 32 6.57 3.85 -7.36
CA TRP A 32 7.46 4.90 -7.72
C TRP A 32 7.27 5.23 -9.19
N ALA A 33 6.34 4.52 -9.83
CA ALA A 33 6.06 4.70 -11.24
C ALA A 33 4.96 5.72 -11.44
N PHE A 34 4.09 5.86 -10.45
CA PHE A 34 3.00 6.79 -10.56
C PHE A 34 3.49 8.20 -10.21
N PRO A 35 2.77 9.23 -10.64
CA PRO A 35 3.09 10.59 -10.24
C PRO A 35 2.63 10.84 -8.80
N LEU A 36 3.58 11.07 -7.93
CA LEU A 36 3.33 11.39 -6.55
C LEU A 36 2.65 12.75 -6.48
N GLU A 37 1.65 12.87 -5.64
CA GLU A 37 0.84 14.05 -5.63
C GLU A 37 0.94 14.83 -4.31
N ASP A 38 1.58 16.00 -4.38
CA ASP A 38 1.66 17.02 -3.29
C ASP A 38 2.29 16.51 -1.99
N VAL A 39 1.52 15.74 -1.21
CA VAL A 39 1.98 15.18 0.07
C VAL A 39 3.05 14.16 -0.21
N LEU A 40 2.90 13.52 -1.32
CA LEU A 40 3.88 12.60 -1.79
C LEU A 40 4.65 13.31 -2.86
N GLN A 41 5.91 13.47 -2.69
CA GLN A 41 6.71 14.06 -3.73
C GLN A 41 8.02 13.33 -3.80
N LYS A 42 8.68 13.26 -2.68
CA LYS A 42 9.88 12.49 -2.62
C LYS A 42 9.60 11.18 -1.92
N THR A 43 8.92 11.25 -0.75
CA THR A 43 8.63 10.10 0.10
C THR A 43 9.96 9.49 0.64
N PRO A 44 10.10 9.30 1.97
CA PRO A 44 11.32 8.75 2.54
C PRO A 44 11.62 7.31 2.05
N TRP A 45 12.40 7.19 0.97
CA TRP A 45 12.74 5.89 0.39
C TRP A 45 13.62 5.10 1.34
N SER A 46 14.39 5.77 2.17
CA SER A 46 15.23 5.10 3.15
C SER A 46 14.31 4.33 4.12
N GLU A 47 13.18 4.94 4.45
CA GLU A 47 12.15 4.28 5.22
C GLU A 47 11.60 3.12 4.43
N VAL A 48 11.11 3.41 3.21
CA VAL A 48 10.43 2.41 2.37
C VAL A 48 11.32 1.19 2.10
N GLU A 49 12.62 1.42 1.97
CA GLU A 49 13.54 0.39 1.64
C GLU A 49 13.71 -0.57 2.78
N GLU A 50 14.04 -0.06 3.92
CA GLU A 50 14.35 -0.91 5.01
C GLU A 50 13.10 -1.36 5.75
N ALA A 51 11.98 -0.87 5.30
CA ALA A 51 10.71 -1.25 5.82
C ALA A 51 10.21 -2.42 5.06
N ASP A 52 9.55 -3.26 5.77
CA ASP A 52 8.94 -4.41 5.21
C ASP A 52 7.62 -4.59 5.86
N GLY A 53 6.68 -5.14 5.10
CA GLY A 53 5.37 -5.47 5.59
C GLY A 53 4.66 -4.34 6.31
N LYS A 54 4.59 -4.46 7.64
CA LYS A 54 3.89 -3.50 8.47
C LYS A 54 4.52 -2.16 8.38
N LYS A 55 5.84 -2.12 8.43
CA LYS A 55 6.55 -0.86 8.42
C LYS A 55 6.29 -0.10 7.14
N LEU A 56 6.13 -0.81 6.05
CA LEU A 56 5.88 -0.15 4.80
C LEU A 56 4.48 0.43 4.79
N ALA A 57 3.52 -0.31 5.32
CA ALA A 57 2.12 0.14 5.42
C ALA A 57 2.04 1.42 6.26
N GLU A 58 2.94 1.50 7.23
CA GLU A 58 3.07 2.63 8.13
C GLU A 58 3.46 3.88 7.34
N ILE A 59 4.35 3.70 6.39
CA ILE A 59 4.85 4.78 5.57
C ILE A 59 3.75 5.28 4.62
N LEU A 60 2.89 4.36 4.20
CA LEU A 60 1.72 4.70 3.39
C LEU A 60 0.79 5.63 4.17
N VAL A 61 0.45 5.24 5.40
CA VAL A 61 -0.49 6.05 6.21
C VAL A 61 0.21 7.27 6.81
N ASN A 62 1.51 7.32 6.68
CA ASN A 62 2.28 8.45 7.14
C ASN A 62 2.15 9.60 6.15
N THR A 63 2.10 9.26 4.88
CA THR A 63 2.03 10.25 3.84
C THR A 63 0.64 10.33 3.21
N SER A 64 0.23 9.25 2.61
CA SER A 64 -0.96 9.21 1.79
C SER A 64 -2.26 9.21 2.60
N SER A 65 -3.26 9.86 2.06
CA SER A 65 -4.57 9.87 2.63
C SER A 65 -5.23 8.51 2.34
N GLU A 66 -5.93 7.94 3.30
CA GLU A 66 -6.55 6.60 3.18
C GLU A 66 -7.44 6.46 1.94
N ASN A 67 -8.17 7.52 1.62
CA ASN A 67 -9.11 7.52 0.48
C ASN A 67 -8.34 7.46 -0.85
N TRP A 68 -7.08 7.77 -0.78
CA TRP A 68 -6.21 7.70 -1.91
C TRP A 68 -5.51 6.33 -1.90
N ILE A 69 -5.06 5.91 -0.70
CA ILE A 69 -4.33 4.63 -0.54
C ILE A 69 -5.19 3.46 -0.99
N ARG A 70 -6.50 3.53 -0.71
CA ARG A 70 -7.45 2.47 -1.06
C ARG A 70 -7.50 2.18 -2.57
N ASN A 71 -7.03 3.10 -3.37
CA ASN A 71 -6.94 2.87 -4.81
C ASN A 71 -5.50 2.56 -5.16
N ALA A 72 -4.60 3.30 -4.53
CA ALA A 72 -3.16 3.20 -4.75
C ALA A 72 -2.64 1.79 -4.56
N THR A 73 -2.81 1.25 -3.34
CA THR A 73 -2.27 -0.05 -2.99
C THR A 73 -2.85 -1.14 -3.89
N VAL A 74 -4.16 -1.05 -4.14
CA VAL A 74 -4.87 -2.02 -4.94
C VAL A 74 -4.24 -2.13 -6.32
N ASN A 75 -4.05 -1.00 -6.97
CA ASN A 75 -3.51 -0.99 -8.32
C ASN A 75 -2.10 -1.54 -8.32
N ILE A 76 -1.34 -1.30 -7.26
CA ILE A 76 0.02 -1.82 -7.14
C ILE A 76 -0.01 -3.35 -7.00
N LEU A 77 -0.95 -3.87 -6.22
CA LEU A 77 -1.11 -5.33 -6.11
C LEU A 77 -1.50 -5.92 -7.45
N GLU A 78 -2.34 -5.21 -8.17
CA GLU A 78 -2.77 -5.59 -9.50
C GLU A 78 -1.56 -5.58 -10.47
N GLU A 79 -0.67 -4.61 -10.28
CA GLU A 79 0.59 -4.51 -11.04
C GLU A 79 1.53 -5.68 -10.71
N MET A 80 1.38 -6.24 -9.51
CA MET A 80 2.24 -7.34 -9.06
C MET A 80 1.64 -8.69 -9.41
N ASN A 81 0.58 -8.68 -10.24
CA ASN A 81 -0.11 -9.91 -10.72
C ASN A 81 -0.82 -10.62 -9.55
N LEU A 82 -1.00 -9.91 -8.47
CA LEU A 82 -1.61 -10.46 -7.30
C LEU A 82 -3.11 -10.35 -7.39
N THR A 83 -3.77 -11.44 -7.19
CA THR A 83 -5.20 -11.48 -7.22
C THR A 83 -5.72 -11.78 -5.85
N GLU A 84 -5.23 -12.87 -5.30
CA GLU A 84 -5.65 -13.42 -4.02
C GLU A 84 -5.78 -12.36 -2.91
N LEU A 85 -4.67 -11.82 -2.46
CA LEU A 85 -4.68 -10.82 -1.41
C LEU A 85 -5.17 -9.47 -1.93
N CYS A 86 -5.10 -9.26 -3.21
CA CYS A 86 -5.57 -8.01 -3.78
C CYS A 86 -7.09 -7.95 -3.68
N LYS A 87 -7.74 -9.07 -3.96
CA LYS A 87 -9.19 -9.19 -3.85
C LYS A 87 -9.61 -9.06 -2.39
N MET A 88 -8.69 -9.34 -1.49
CA MET A 88 -8.89 -9.13 -0.08
C MET A 88 -8.92 -7.62 0.16
N ALA A 89 -7.92 -6.94 -0.37
CA ALA A 89 -7.79 -5.48 -0.23
C ALA A 89 -9.01 -4.76 -0.82
N LYS A 90 -9.40 -5.17 -2.01
CA LYS A 90 -10.52 -4.54 -2.72
C LYS A 90 -11.84 -4.77 -1.98
N ALA A 91 -11.92 -5.85 -1.23
CA ALA A 91 -13.10 -6.15 -0.49
C ALA A 91 -13.07 -5.56 0.91
N GLU A 92 -11.89 -5.44 1.46
CA GLU A 92 -11.74 -5.01 2.83
C GLU A 92 -11.34 -3.56 3.00
N MET A 93 -10.38 -3.12 2.23
CA MET A 93 -9.81 -1.81 2.46
C MET A 93 -10.70 -0.71 1.91
N MET A 94 -11.38 -1.01 0.83
CA MET A 94 -12.20 -0.04 0.20
C MET A 94 -13.56 -0.03 0.83
N GLU A 95 -14.13 1.16 0.98
CA GLU A 95 -15.47 1.31 1.49
C GLU A 95 -16.44 0.52 0.62
N ASP A 96 -17.16 -0.37 1.24
CA ASP A 96 -18.10 -1.21 0.54
C ASP A 96 -19.25 -0.38 0.01
N GLY A 97 -19.77 -0.75 -1.12
CA GLY A 97 -20.81 0.02 -1.72
C GLY A 97 -22.12 -0.71 -1.80
N GLN A 98 -22.78 -0.89 -0.67
CA GLN A 98 -24.12 -1.47 -0.67
C GLN A 98 -25.06 -0.48 -1.31
N MET A 3 -10.97 3.84 7.73
CA MET A 3 -12.16 4.25 8.49
C MET A 3 -11.79 4.31 9.97
N THR A 4 -11.39 3.19 10.53
CA THR A 4 -10.85 3.16 11.86
C THR A 4 -9.39 2.84 11.80
N SER A 5 -8.58 3.62 12.47
CA SER A 5 -7.12 3.51 12.41
C SER A 5 -6.55 2.08 12.67
N PRO A 6 -6.98 1.34 13.75
CA PRO A 6 -6.48 -0.01 14.00
C PRO A 6 -6.93 -1.03 12.96
N GLN A 7 -7.92 -0.67 12.16
CA GLN A 7 -8.38 -1.56 11.10
C GLN A 7 -7.74 -1.16 9.79
N LEU A 8 -7.61 0.14 9.62
CA LEU A 8 -7.10 0.76 8.41
C LEU A 8 -5.68 0.30 8.15
N GLU A 9 -4.79 0.59 9.08
CA GLU A 9 -3.40 0.24 8.94
C GLU A 9 -3.26 -1.29 8.96
N TRP A 10 -4.19 -1.94 9.66
CA TRP A 10 -4.24 -3.38 9.71
C TRP A 10 -4.47 -3.96 8.32
N THR A 11 -5.42 -3.40 7.58
CA THR A 11 -5.77 -3.96 6.29
C THR A 11 -4.59 -3.87 5.35
N LEU A 12 -3.95 -2.72 5.39
CA LEU A 12 -2.82 -2.46 4.56
C LEU A 12 -1.67 -3.40 4.91
N GLN A 13 -1.39 -3.51 6.22
CA GLN A 13 -0.29 -4.33 6.68
C GLN A 13 -0.51 -5.78 6.33
N THR A 14 -1.74 -6.25 6.49
CA THR A 14 -2.08 -7.65 6.23
C THR A 14 -1.78 -8.06 4.77
N LEU A 15 -1.85 -7.11 3.87
CA LEU A 15 -1.52 -7.35 2.48
C LEU A 15 0.00 -7.38 2.33
N LEU A 16 0.62 -6.38 2.89
CA LEU A 16 2.05 -6.17 2.79
C LEU A 16 2.85 -7.18 3.66
N GLU A 17 2.18 -7.80 4.62
CA GLU A 17 2.81 -8.85 5.44
C GLU A 17 2.79 -10.17 4.68
N GLN A 18 2.06 -10.18 3.60
CA GLN A 18 2.02 -11.33 2.72
C GLN A 18 2.99 -11.10 1.56
N LEU A 19 2.91 -9.96 0.93
CA LEU A 19 3.81 -9.62 -0.14
C LEU A 19 4.95 -8.79 0.44
N ASN A 20 6.15 -9.31 0.48
CA ASN A 20 7.25 -8.54 1.04
C ASN A 20 8.61 -9.09 0.71
N GLU A 21 8.85 -10.37 1.03
CA GLU A 21 10.16 -11.04 0.94
C GLU A 21 10.92 -10.65 -0.33
N ASP A 22 10.33 -10.90 -1.48
CA ASP A 22 10.90 -10.43 -2.74
C ASP A 22 9.87 -9.65 -3.50
N GLU A 23 8.76 -9.44 -2.87
CA GLU A 23 7.60 -8.84 -3.50
C GLU A 23 7.59 -7.34 -3.29
N LEU A 24 8.09 -6.91 -2.14
CA LEU A 24 8.04 -5.49 -1.78
C LEU A 24 8.94 -4.71 -2.70
N LYS A 25 9.95 -5.40 -3.18
CA LYS A 25 10.94 -4.87 -4.10
C LYS A 25 10.25 -4.34 -5.37
N SER A 26 9.31 -5.12 -5.88
CA SER A 26 8.53 -4.76 -6.99
C SER A 26 7.63 -3.58 -6.65
N PHE A 27 6.89 -3.74 -5.55
CA PHE A 27 5.95 -2.76 -5.05
C PHE A 27 6.60 -1.36 -4.96
N LYS A 28 7.80 -1.32 -4.36
CA LYS A 28 8.58 -0.08 -4.18
C LYS A 28 8.81 0.64 -5.51
N SER A 29 9.12 -0.12 -6.52
CA SER A 29 9.42 0.44 -7.82
C SER A 29 8.11 0.88 -8.50
N LEU A 30 7.05 0.18 -8.20
CA LEU A 30 5.77 0.41 -8.84
C LEU A 30 5.06 1.63 -8.32
N LEU A 31 5.09 1.87 -7.03
CA LEU A 31 4.39 3.05 -6.54
C LEU A 31 5.25 4.28 -6.78
N TRP A 32 6.52 4.06 -7.03
CA TRP A 32 7.42 5.14 -7.36
C TRP A 32 7.28 5.46 -8.85
N ALA A 33 6.80 4.48 -9.59
CA ALA A 33 6.65 4.55 -11.03
C ALA A 33 5.53 5.47 -11.45
N PHE A 34 4.37 5.32 -10.84
CA PHE A 34 3.25 6.15 -11.22
C PHE A 34 3.47 7.57 -10.72
N PRO A 35 2.94 8.59 -11.40
CA PRO A 35 3.12 9.97 -11.01
C PRO A 35 2.50 10.28 -9.65
N LEU A 36 3.35 10.49 -8.68
CA LEU A 36 2.95 10.80 -7.35
C LEU A 36 2.46 12.20 -7.29
N GLU A 37 1.52 12.40 -6.45
CA GLU A 37 0.89 13.65 -6.33
C GLU A 37 1.62 14.53 -5.31
N ASP A 38 1.04 15.68 -5.03
CA ASP A 38 1.63 16.73 -4.17
C ASP A 38 2.26 16.24 -2.86
N VAL A 39 1.49 15.68 -1.95
CA VAL A 39 2.04 15.22 -0.67
C VAL A 39 2.95 14.01 -0.89
N LEU A 40 2.57 13.18 -1.84
CA LEU A 40 3.31 11.95 -2.11
C LEU A 40 4.66 12.15 -2.75
N GLN A 41 4.98 13.37 -3.13
CA GLN A 41 6.32 13.66 -3.60
C GLN A 41 7.29 13.68 -2.43
N LYS A 42 6.74 13.72 -1.24
CA LYS A 42 7.49 13.61 -0.03
C LYS A 42 7.25 12.21 0.50
N THR A 43 8.20 11.35 0.32
CA THR A 43 8.09 10.01 0.78
C THR A 43 9.48 9.38 0.91
N PRO A 44 9.85 9.01 2.14
CA PRO A 44 11.18 8.51 2.46
C PRO A 44 11.45 7.08 1.97
N TRP A 45 12.07 6.96 0.80
CA TRP A 45 12.45 5.65 0.25
C TRP A 45 13.39 4.94 1.21
N SER A 46 14.25 5.69 1.87
CA SER A 46 15.20 5.15 2.83
C SER A 46 14.47 4.36 3.94
N GLU A 47 13.26 4.82 4.29
CA GLU A 47 12.47 4.12 5.28
C GLU A 47 11.72 2.98 4.63
N VAL A 48 11.17 3.23 3.42
CA VAL A 48 10.38 2.20 2.69
C VAL A 48 11.26 0.98 2.38
N GLU A 49 12.57 1.25 2.25
CA GLU A 49 13.53 0.25 1.93
C GLU A 49 13.67 -0.73 3.06
N GLU A 50 13.90 -0.21 4.23
CA GLU A 50 14.18 -1.05 5.37
C GLU A 50 12.91 -1.69 5.92
N ALA A 51 11.81 -0.99 5.74
CA ALA A 51 10.51 -1.43 6.20
C ALA A 51 9.96 -2.55 5.36
N ASP A 52 9.07 -3.28 5.94
CA ASP A 52 8.37 -4.33 5.27
C ASP A 52 7.01 -4.44 5.89
N GLY A 53 6.06 -4.91 5.10
CA GLY A 53 4.71 -5.18 5.56
C GLY A 53 4.05 -4.06 6.35
N LYS A 54 3.99 -4.26 7.65
CA LYS A 54 3.36 -3.34 8.59
C LYS A 54 4.01 -2.01 8.52
N LYS A 55 5.31 -2.02 8.58
CA LYS A 55 6.07 -0.81 8.58
C LYS A 55 5.86 0.00 7.33
N LEU A 56 5.72 -0.66 6.21
CA LEU A 56 5.51 0.03 4.96
C LEU A 56 4.13 0.70 4.95
N ALA A 57 3.13 0.01 5.50
CA ALA A 57 1.76 0.55 5.62
C ALA A 57 1.78 1.81 6.48
N GLU A 58 2.66 1.80 7.46
CA GLU A 58 2.84 2.90 8.38
C GLU A 58 3.40 4.12 7.65
N ILE A 59 4.30 3.86 6.73
CA ILE A 59 4.91 4.89 5.92
C ILE A 59 3.90 5.43 4.89
N LEU A 60 3.06 4.54 4.39
CA LEU A 60 1.97 4.94 3.49
C LEU A 60 0.96 5.85 4.18
N VAL A 61 0.53 5.49 5.38
CA VAL A 61 -0.44 6.31 6.11
C VAL A 61 0.19 7.59 6.66
N ASN A 62 1.52 7.63 6.66
CA ASN A 62 2.27 8.79 7.12
C ASN A 62 2.15 9.91 6.10
N THR A 63 2.01 9.55 4.84
CA THR A 63 1.94 10.50 3.78
C THR A 63 0.54 10.58 3.16
N SER A 64 -0.02 9.46 2.87
CA SER A 64 -1.25 9.39 2.13
C SER A 64 -2.46 9.31 3.04
N SER A 65 -3.57 9.71 2.49
CA SER A 65 -4.84 9.58 3.11
C SER A 65 -5.36 8.19 2.76
N GLU A 66 -6.20 7.61 3.59
CA GLU A 66 -6.68 6.25 3.37
C GLU A 66 -7.46 6.12 2.07
N ASN A 67 -8.19 7.15 1.72
CA ASN A 67 -8.99 7.15 0.49
C ASN A 67 -8.08 7.18 -0.74
N TRP A 68 -6.84 7.56 -0.54
CA TRP A 68 -5.88 7.57 -1.61
C TRP A 68 -5.16 6.21 -1.64
N ILE A 69 -4.82 5.70 -0.46
CA ILE A 69 -4.11 4.42 -0.34
C ILE A 69 -4.95 3.27 -0.90
N ARG A 70 -6.27 3.35 -0.70
CA ARG A 70 -7.20 2.32 -1.24
C ARG A 70 -7.14 2.25 -2.77
N ASN A 71 -6.66 3.30 -3.39
CA ASN A 71 -6.45 3.29 -4.82
C ASN A 71 -5.07 2.79 -5.11
N ALA A 72 -4.09 3.40 -4.42
CA ALA A 72 -2.68 3.12 -4.57
C ALA A 72 -2.35 1.62 -4.49
N THR A 73 -2.58 1.04 -3.32
CA THR A 73 -2.23 -0.36 -3.06
C THR A 73 -2.94 -1.31 -4.03
N VAL A 74 -4.20 -1.07 -4.31
CA VAL A 74 -4.97 -1.97 -5.17
C VAL A 74 -4.33 -2.08 -6.56
N ASN A 75 -4.05 -0.95 -7.18
CA ASN A 75 -3.44 -0.96 -8.49
C ASN A 75 -2.07 -1.56 -8.45
N ILE A 76 -1.25 -1.22 -7.44
CA ILE A 76 0.12 -1.76 -7.36
C ILE A 76 0.09 -3.27 -7.25
N LEU A 77 -0.82 -3.79 -6.44
CA LEU A 77 -0.99 -5.21 -6.28
C LEU A 77 -1.46 -5.85 -7.59
N GLU A 78 -2.38 -5.18 -8.27
CA GLU A 78 -2.85 -5.64 -9.58
C GLU A 78 -1.71 -5.58 -10.62
N GLU A 79 -0.79 -4.63 -10.43
CA GLU A 79 0.37 -4.46 -11.31
C GLU A 79 1.50 -5.46 -10.99
N MET A 80 1.30 -6.23 -9.93
CA MET A 80 2.24 -7.29 -9.56
C MET A 80 1.65 -8.64 -9.91
N ASN A 81 0.54 -8.59 -10.66
CA ASN A 81 -0.20 -9.78 -11.13
C ASN A 81 -0.84 -10.51 -9.93
N LEU A 82 -0.99 -9.81 -8.84
CA LEU A 82 -1.53 -10.38 -7.63
C LEU A 82 -3.01 -10.11 -7.54
N THR A 83 -3.81 -11.13 -7.71
CA THR A 83 -5.24 -11.00 -7.55
C THR A 83 -5.67 -11.41 -6.17
N GLU A 84 -5.35 -12.64 -5.77
CA GLU A 84 -5.78 -13.24 -4.50
C GLU A 84 -5.76 -12.28 -3.27
N LEU A 85 -4.57 -11.88 -2.82
CA LEU A 85 -4.46 -10.97 -1.67
C LEU A 85 -4.97 -9.57 -2.00
N CYS A 86 -4.91 -9.21 -3.25
CA CYS A 86 -5.37 -7.89 -3.66
C CYS A 86 -6.88 -7.83 -3.54
N LYS A 87 -7.53 -8.95 -3.78
CA LYS A 87 -8.96 -9.07 -3.67
C LYS A 87 -9.41 -9.02 -2.21
N MET A 88 -8.45 -9.13 -1.32
CA MET A 88 -8.71 -8.93 0.09
C MET A 88 -8.75 -7.42 0.31
N ALA A 89 -7.81 -6.73 -0.31
CA ALA A 89 -7.71 -5.28 -0.23
C ALA A 89 -8.92 -4.64 -0.86
N LYS A 90 -9.32 -5.18 -1.99
CA LYS A 90 -10.46 -4.68 -2.74
C LYS A 90 -11.78 -5.03 -2.04
N ALA A 91 -11.69 -5.86 -1.04
CA ALA A 91 -12.85 -6.23 -0.26
C ALA A 91 -12.94 -5.36 0.99
N GLU A 92 -11.81 -5.22 1.61
CA GLU A 92 -11.65 -4.56 2.88
C GLU A 92 -11.40 -3.06 2.75
N MET A 93 -10.29 -2.69 2.11
CA MET A 93 -9.86 -1.28 1.95
C MET A 93 -10.77 -0.52 1.02
N MET A 94 -11.50 -1.23 0.20
CA MET A 94 -12.46 -0.60 -0.64
C MET A 94 -13.79 -0.54 0.06
N GLU A 95 -13.92 0.48 0.89
CA GLU A 95 -15.05 0.69 1.73
C GLU A 95 -15.91 1.75 1.09
N ASP A 96 -16.92 1.32 0.38
CA ASP A 96 -17.84 2.16 -0.39
C ASP A 96 -17.14 2.92 -1.51
N GLY A 97 -17.46 2.57 -2.72
CA GLY A 97 -16.86 3.19 -3.86
C GLY A 97 -17.70 2.98 -5.07
N GLN A 98 -17.18 3.32 -6.21
CA GLN A 98 -17.91 3.19 -7.44
C GLN A 98 -17.63 1.83 -8.06
N MET A 3 -10.22 7.98 8.92
CA MET A 3 -11.14 7.88 10.05
C MET A 3 -10.61 6.90 11.08
N THR A 4 -10.67 5.63 10.78
CA THR A 4 -10.14 4.63 11.65
C THR A 4 -8.74 4.29 11.23
N SER A 5 -7.83 4.44 12.11
CA SER A 5 -6.42 4.20 11.81
C SER A 5 -5.94 2.75 12.08
N PRO A 6 -6.39 2.04 13.19
CA PRO A 6 -5.99 0.65 13.42
C PRO A 6 -6.33 -0.26 12.25
N GLN A 7 -7.60 -0.28 11.89
CA GLN A 7 -8.12 -1.12 10.80
C GLN A 7 -7.47 -0.75 9.47
N LEU A 8 -7.22 0.53 9.31
CA LEU A 8 -6.60 1.10 8.13
C LEU A 8 -5.23 0.44 7.91
N GLU A 9 -4.36 0.70 8.87
CA GLU A 9 -3.00 0.23 8.83
C GLU A 9 -2.98 -1.29 8.87
N TRP A 10 -3.94 -1.86 9.59
CA TRP A 10 -4.11 -3.29 9.67
C TRP A 10 -4.33 -3.89 8.28
N THR A 11 -5.20 -3.29 7.51
CA THR A 11 -5.53 -3.84 6.21
C THR A 11 -4.30 -3.82 5.30
N LEU A 12 -3.60 -2.70 5.32
CA LEU A 12 -2.38 -2.55 4.57
C LEU A 12 -1.33 -3.55 5.00
N GLN A 13 -1.10 -3.62 6.31
CA GLN A 13 -0.07 -4.49 6.86
C GLN A 13 -0.38 -5.95 6.57
N THR A 14 -1.63 -6.34 6.69
CA THR A 14 -2.05 -7.72 6.45
C THR A 14 -1.74 -8.14 5.00
N LEU A 15 -1.83 -7.21 4.08
CA LEU A 15 -1.48 -7.46 2.70
C LEU A 15 0.03 -7.53 2.56
N LEU A 16 0.71 -6.57 3.16
CA LEU A 16 2.15 -6.44 3.09
C LEU A 16 2.89 -7.51 3.93
N GLU A 17 2.17 -8.19 4.76
CA GLU A 17 2.72 -9.31 5.51
C GLU A 17 2.56 -10.60 4.70
N GLN A 18 1.76 -10.52 3.66
CA GLN A 18 1.54 -11.65 2.75
C GLN A 18 2.41 -11.51 1.51
N LEU A 19 2.89 -10.30 1.26
CA LEU A 19 3.75 -10.02 0.13
C LEU A 19 4.93 -9.22 0.67
N ASN A 20 6.15 -9.71 0.54
CA ASN A 20 7.30 -8.94 1.05
C ASN A 20 8.66 -9.44 0.57
N GLU A 21 8.92 -10.74 0.74
CA GLU A 21 10.22 -11.38 0.47
C GLU A 21 10.86 -10.90 -0.87
N ASP A 22 10.23 -11.19 -1.98
CA ASP A 22 10.71 -10.70 -3.30
C ASP A 22 9.63 -9.80 -3.90
N GLU A 23 8.60 -9.65 -3.13
CA GLU A 23 7.39 -8.96 -3.53
C GLU A 23 7.49 -7.47 -3.28
N LEU A 24 8.10 -7.13 -2.15
CA LEU A 24 8.12 -5.74 -1.72
C LEU A 24 9.03 -4.93 -2.62
N LYS A 25 9.99 -5.62 -3.22
CA LYS A 25 10.93 -5.05 -4.19
C LYS A 25 10.14 -4.39 -5.31
N SER A 26 9.18 -5.15 -5.80
CA SER A 26 8.32 -4.76 -6.83
C SER A 26 7.41 -3.64 -6.37
N PHE A 27 6.72 -3.88 -5.28
CA PHE A 27 5.77 -2.94 -4.69
C PHE A 27 6.40 -1.54 -4.49
N LYS A 28 7.60 -1.50 -3.91
CA LYS A 28 8.33 -0.24 -3.67
C LYS A 28 8.63 0.48 -5.00
N SER A 29 9.07 -0.28 -5.96
CA SER A 29 9.42 0.22 -7.25
C SER A 29 8.21 0.72 -8.03
N LEU A 30 7.19 -0.08 -8.06
CA LEU A 30 5.93 0.23 -8.73
C LEU A 30 5.26 1.46 -8.14
N LEU A 31 5.44 1.69 -6.85
CA LEU A 31 4.84 2.85 -6.22
C LEU A 31 5.65 4.09 -6.59
N TRP A 32 6.86 3.87 -7.04
CA TRP A 32 7.72 4.95 -7.46
C TRP A 32 7.53 5.21 -8.94
N ALA A 33 6.80 4.31 -9.57
CA ALA A 33 6.57 4.36 -11.00
C ALA A 33 5.35 5.18 -11.35
N PHE A 34 4.34 5.15 -10.49
CA PHE A 34 3.16 5.93 -10.77
C PHE A 34 3.46 7.38 -10.45
N PRO A 35 2.81 8.34 -11.13
CA PRO A 35 3.02 9.75 -10.86
C PRO A 35 2.58 10.10 -9.44
N LEU A 36 3.55 10.37 -8.60
CA LEU A 36 3.30 10.74 -7.22
C LEU A 36 2.64 12.07 -7.19
N GLU A 37 1.62 12.21 -6.41
CA GLU A 37 0.87 13.43 -6.43
C GLU A 37 1.06 14.27 -5.19
N ASP A 38 1.61 15.45 -5.43
CA ASP A 38 1.83 16.54 -4.43
C ASP A 38 2.50 16.09 -3.13
N VAL A 39 1.72 15.60 -2.18
CA VAL A 39 2.23 15.18 -0.87
C VAL A 39 3.14 13.96 -1.03
N LEU A 40 2.85 13.17 -2.03
CA LEU A 40 3.63 11.97 -2.26
C LEU A 40 4.95 12.29 -2.92
N GLN A 41 5.12 13.52 -3.35
CA GLN A 41 6.35 13.92 -4.03
C GLN A 41 7.43 14.22 -3.00
N LYS A 42 7.87 13.15 -2.42
CA LYS A 42 8.89 13.09 -1.43
C LYS A 42 9.04 11.62 -1.09
N THR A 43 8.13 11.14 -0.21
CA THR A 43 8.08 9.78 0.30
C THR A 43 9.48 9.25 0.71
N PRO A 44 9.83 9.32 2.01
CA PRO A 44 11.17 8.96 2.50
C PRO A 44 11.55 7.52 2.13
N TRP A 45 12.34 7.38 1.07
CA TRP A 45 12.73 6.08 0.57
C TRP A 45 13.65 5.37 1.54
N SER A 46 14.40 6.11 2.34
CA SER A 46 15.29 5.49 3.31
C SER A 46 14.43 4.73 4.33
N GLU A 47 13.28 5.29 4.65
CA GLU A 47 12.31 4.64 5.50
C GLU A 47 11.75 3.43 4.77
N VAL A 48 11.30 3.65 3.54
CA VAL A 48 10.72 2.62 2.66
C VAL A 48 11.65 1.42 2.49
N GLU A 49 12.89 1.71 2.17
CA GLU A 49 13.92 0.72 1.89
C GLU A 49 14.09 -0.24 3.04
N GLU A 50 14.29 0.29 4.22
CA GLU A 50 14.55 -0.54 5.37
C GLU A 50 13.25 -1.03 6.03
N ALA A 51 12.14 -0.66 5.44
CA ALA A 51 10.86 -1.08 5.92
C ALA A 51 10.40 -2.30 5.19
N ASP A 52 9.67 -3.10 5.88
CA ASP A 52 9.13 -4.29 5.34
C ASP A 52 7.75 -4.45 5.87
N GLY A 53 6.88 -5.04 5.07
CA GLY A 53 5.52 -5.40 5.45
C GLY A 53 4.78 -4.35 6.26
N LYS A 54 4.69 -4.61 7.57
CA LYS A 54 3.97 -3.77 8.50
C LYS A 54 4.53 -2.37 8.55
N LYS A 55 5.84 -2.27 8.51
CA LYS A 55 6.49 -0.99 8.57
C LYS A 55 6.20 -0.15 7.37
N LEU A 56 6.10 -0.80 6.22
CA LEU A 56 5.86 -0.08 5.01
C LEU A 56 4.47 0.54 5.00
N ALA A 57 3.52 -0.17 5.62
CA ALA A 57 2.14 0.31 5.74
C ALA A 57 2.08 1.65 6.48
N GLU A 58 2.91 1.80 7.49
CA GLU A 58 2.97 3.00 8.30
C GLU A 58 3.48 4.20 7.48
N ILE A 59 4.34 3.92 6.53
CA ILE A 59 4.92 4.93 5.68
C ILE A 59 3.87 5.45 4.67
N LEU A 60 2.99 4.55 4.23
CA LEU A 60 1.88 4.94 3.36
C LEU A 60 0.90 5.86 4.09
N VAL A 61 0.55 5.50 5.32
CA VAL A 61 -0.42 6.28 6.10
C VAL A 61 0.16 7.61 6.56
N ASN A 62 1.48 7.72 6.49
CA ASN A 62 2.15 8.93 6.86
C ASN A 62 2.01 9.98 5.77
N THR A 63 2.01 9.54 4.53
CA THR A 63 1.94 10.46 3.43
C THR A 63 0.52 10.65 2.89
N SER A 64 -0.30 9.61 2.92
CA SER A 64 -1.62 9.74 2.39
C SER A 64 -2.65 9.15 3.36
N SER A 65 -3.92 9.36 3.05
CA SER A 65 -5.01 8.87 3.85
C SER A 65 -5.66 7.68 3.16
N GLU A 66 -6.37 6.87 3.91
CA GLU A 66 -6.94 5.61 3.41
C GLU A 66 -7.88 5.83 2.25
N ASN A 67 -8.58 6.93 2.28
CA ASN A 67 -9.55 7.28 1.23
C ASN A 67 -8.86 7.48 -0.14
N TRP A 68 -7.54 7.61 -0.12
CA TRP A 68 -6.77 7.70 -1.33
C TRP A 68 -5.95 6.40 -1.50
N ILE A 69 -5.33 5.95 -0.40
CA ILE A 69 -4.49 4.72 -0.38
C ILE A 69 -5.28 3.49 -0.86
N ARG A 70 -6.60 3.52 -0.62
CA ARG A 70 -7.51 2.43 -1.00
C ARG A 70 -7.41 2.13 -2.50
N ASN A 71 -7.06 3.11 -3.28
CA ASN A 71 -6.89 2.96 -4.72
C ASN A 71 -5.44 2.62 -5.03
N ALA A 72 -4.53 3.32 -4.33
CA ALA A 72 -3.10 3.19 -4.55
C ALA A 72 -2.57 1.78 -4.31
N THR A 73 -2.86 1.23 -3.14
CA THR A 73 -2.34 -0.09 -2.79
C THR A 73 -2.89 -1.16 -3.72
N VAL A 74 -4.11 -0.94 -4.18
CA VAL A 74 -4.76 -1.83 -5.09
C VAL A 74 -4.06 -1.81 -6.44
N ASN A 75 -3.82 -0.62 -6.96
CA ASN A 75 -3.16 -0.44 -8.27
C ASN A 75 -1.80 -1.13 -8.29
N ILE A 76 -1.08 -1.06 -7.18
CA ILE A 76 0.24 -1.70 -7.08
C ILE A 76 0.08 -3.23 -7.11
N LEU A 77 -0.85 -3.74 -6.31
CA LEU A 77 -1.15 -5.17 -6.26
C LEU A 77 -1.64 -5.68 -7.62
N GLU A 78 -2.46 -4.88 -8.26
CA GLU A 78 -2.96 -5.17 -9.60
C GLU A 78 -1.84 -5.15 -10.62
N GLU A 79 -0.80 -4.36 -10.35
CA GLU A 79 0.32 -4.23 -11.26
C GLU A 79 1.23 -5.45 -11.13
N MET A 80 1.19 -6.08 -9.97
CA MET A 80 1.96 -7.29 -9.74
C MET A 80 1.16 -8.52 -10.10
N ASN A 81 -0.12 -8.30 -10.47
CA ASN A 81 -1.07 -9.38 -10.79
C ASN A 81 -1.28 -10.26 -9.54
N LEU A 82 -1.28 -9.58 -8.39
CA LEU A 82 -1.46 -10.22 -7.10
C LEU A 82 -2.91 -10.33 -6.75
N THR A 83 -3.63 -11.00 -7.62
CA THR A 83 -5.08 -11.12 -7.58
C THR A 83 -5.62 -11.50 -6.22
N GLU A 84 -5.27 -12.69 -5.77
CA GLU A 84 -5.76 -13.27 -4.52
C GLU A 84 -5.85 -12.27 -3.33
N LEU A 85 -4.73 -11.69 -2.97
CA LEU A 85 -4.72 -10.76 -1.86
C LEU A 85 -5.16 -9.35 -2.28
N CYS A 86 -5.03 -9.04 -3.53
CA CYS A 86 -5.50 -7.75 -4.04
C CYS A 86 -7.01 -7.68 -3.94
N LYS A 87 -7.66 -8.81 -4.24
CA LYS A 87 -9.11 -8.93 -4.15
C LYS A 87 -9.56 -8.87 -2.70
N MET A 88 -8.62 -9.02 -1.79
CA MET A 88 -8.87 -8.85 -0.38
C MET A 88 -8.85 -7.38 -0.10
N ALA A 89 -7.84 -6.71 -0.64
CA ALA A 89 -7.66 -5.27 -0.49
C ALA A 89 -8.83 -4.52 -1.11
N LYS A 90 -9.27 -4.99 -2.25
CA LYS A 90 -10.39 -4.37 -2.95
C LYS A 90 -11.70 -4.62 -2.22
N ALA A 91 -11.67 -5.51 -1.27
CA ALA A 91 -12.84 -5.82 -0.48
C ALA A 91 -12.71 -5.30 0.97
N GLU A 92 -11.51 -4.88 1.34
CA GLU A 92 -11.22 -4.43 2.70
C GLU A 92 -10.74 -2.99 2.75
N MET A 93 -9.64 -2.73 2.06
CA MET A 93 -9.04 -1.41 1.99
C MET A 93 -9.95 -0.47 1.25
N MET A 94 -10.54 -0.98 0.21
CA MET A 94 -11.55 -0.24 -0.47
C MET A 94 -12.79 -0.33 0.36
N GLU A 95 -13.29 0.80 0.75
CA GLU A 95 -14.45 0.90 1.55
C GLU A 95 -15.62 0.69 0.62
N ASP A 96 -16.15 -0.49 0.71
CA ASP A 96 -17.10 -1.01 -0.21
C ASP A 96 -16.55 -1.08 -1.64
N GLY A 97 -15.73 -2.07 -1.85
CA GLY A 97 -15.16 -2.32 -3.13
C GLY A 97 -15.66 -3.64 -3.64
N GLN A 98 -15.73 -3.80 -4.92
CA GLN A 98 -16.25 -5.01 -5.49
C GLN A 98 -15.21 -6.08 -5.60
N MET A 3 -14.23 5.68 7.47
CA MET A 3 -13.22 4.65 7.70
C MET A 3 -12.58 4.86 9.04
N THR A 4 -11.60 4.07 9.34
CA THR A 4 -10.84 4.21 10.54
C THR A 4 -9.37 4.17 10.22
N SER A 5 -8.61 5.06 10.80
CA SER A 5 -7.19 5.14 10.58
C SER A 5 -6.37 3.87 11.03
N PRO A 6 -6.60 3.31 12.27
CA PRO A 6 -5.86 2.11 12.72
C PRO A 6 -6.18 0.87 11.87
N GLN A 7 -7.44 0.73 11.49
CA GLN A 7 -7.87 -0.44 10.76
C GLN A 7 -7.53 -0.34 9.28
N LEU A 8 -7.39 0.89 8.81
CA LEU A 8 -6.84 1.15 7.48
C LEU A 8 -5.45 0.55 7.44
N GLU A 9 -4.66 0.99 8.41
CA GLU A 9 -3.30 0.63 8.57
C GLU A 9 -3.20 -0.89 8.68
N TRP A 10 -4.10 -1.47 9.49
CA TRP A 10 -4.20 -2.91 9.64
C TRP A 10 -4.44 -3.60 8.30
N THR A 11 -5.40 -3.12 7.54
CA THR A 11 -5.74 -3.79 6.31
C THR A 11 -4.58 -3.73 5.32
N LEU A 12 -3.94 -2.58 5.27
CA LEU A 12 -2.78 -2.37 4.44
C LEU A 12 -1.67 -3.33 4.84
N GLN A 13 -1.32 -3.32 6.14
CA GLN A 13 -0.22 -4.12 6.65
C GLN A 13 -0.48 -5.59 6.41
N THR A 14 -1.71 -6.03 6.60
CA THR A 14 -2.09 -7.41 6.45
C THR A 14 -1.78 -7.93 5.03
N LEU A 15 -1.99 -7.08 4.03
CA LEU A 15 -1.67 -7.42 2.65
C LEU A 15 -0.17 -7.44 2.45
N LEU A 16 0.48 -6.46 3.03
CA LEU A 16 1.92 -6.30 2.91
C LEU A 16 2.68 -7.32 3.78
N GLU A 17 1.99 -7.99 4.68
CA GLU A 17 2.59 -9.05 5.47
C GLU A 17 2.41 -10.39 4.75
N GLN A 18 1.80 -10.31 3.59
CA GLN A 18 1.63 -11.45 2.71
C GLN A 18 2.60 -11.31 1.56
N LEU A 19 2.78 -10.09 1.11
CA LEU A 19 3.72 -9.80 0.06
C LEU A 19 4.83 -8.94 0.66
N ASN A 20 6.01 -9.45 0.76
CA ASN A 20 7.10 -8.65 1.33
C ASN A 20 8.46 -9.21 1.08
N GLU A 21 8.57 -10.55 1.12
CA GLU A 21 9.84 -11.28 0.96
C GLU A 21 10.73 -10.67 -0.11
N ASP A 22 10.37 -10.87 -1.35
CA ASP A 22 11.08 -10.18 -2.41
C ASP A 22 10.04 -9.42 -3.22
N GLU A 23 8.80 -9.60 -2.80
CA GLU A 23 7.63 -9.07 -3.46
C GLU A 23 7.61 -7.56 -3.34
N LEU A 24 8.08 -7.10 -2.20
CA LEU A 24 8.00 -5.70 -1.85
C LEU A 24 8.93 -4.86 -2.71
N LYS A 25 9.96 -5.49 -3.27
CA LYS A 25 10.90 -4.78 -4.10
C LYS A 25 10.21 -4.23 -5.32
N SER A 26 9.32 -5.02 -5.88
CA SER A 26 8.51 -4.64 -6.97
C SER A 26 7.59 -3.49 -6.55
N PHE A 27 6.86 -3.72 -5.46
CA PHE A 27 5.89 -2.79 -4.91
C PHE A 27 6.52 -1.38 -4.73
N LYS A 28 7.68 -1.33 -4.06
CA LYS A 28 8.39 -0.06 -3.79
C LYS A 28 8.67 0.70 -5.08
N SER A 29 9.19 -0.01 -6.03
CA SER A 29 9.53 0.52 -7.30
C SER A 29 8.33 0.99 -8.10
N LEU A 30 7.32 0.15 -8.21
CA LEU A 30 6.07 0.47 -8.94
C LEU A 30 5.41 1.71 -8.35
N LEU A 31 5.49 1.81 -7.05
CA LEU A 31 5.00 2.94 -6.30
C LEU A 31 5.83 4.21 -6.62
N TRP A 32 7.07 4.02 -7.00
CA TRP A 32 7.91 5.13 -7.34
C TRP A 32 7.89 5.35 -8.86
N ALA A 33 7.04 4.60 -9.54
CA ALA A 33 6.92 4.69 -10.98
C ALA A 33 5.70 5.48 -11.38
N PHE A 34 4.63 5.37 -10.60
CA PHE A 34 3.40 6.10 -10.88
C PHE A 34 3.62 7.57 -10.50
N PRO A 35 2.81 8.51 -10.98
CA PRO A 35 2.93 9.91 -10.57
C PRO A 35 2.51 10.13 -9.11
N LEU A 36 3.48 10.36 -8.26
CA LEU A 36 3.26 10.63 -6.86
C LEU A 36 2.66 11.99 -6.70
N GLU A 37 1.56 12.03 -6.05
CA GLU A 37 0.81 13.25 -5.92
C GLU A 37 1.17 14.00 -4.64
N ASP A 38 1.65 15.23 -4.86
CA ASP A 38 1.98 16.25 -3.81
C ASP A 38 2.64 15.70 -2.54
N VAL A 39 1.82 15.23 -1.60
CA VAL A 39 2.29 14.77 -0.30
C VAL A 39 3.18 13.52 -0.43
N LEU A 40 3.00 12.76 -1.50
CA LEU A 40 3.83 11.57 -1.70
C LEU A 40 5.25 11.92 -2.06
N GLN A 41 5.49 13.15 -2.44
CA GLN A 41 6.83 13.60 -2.78
C GLN A 41 7.64 13.82 -1.49
N LYS A 42 6.96 13.73 -0.36
CA LYS A 42 7.57 13.85 0.95
C LYS A 42 8.08 12.48 1.42
N THR A 43 7.45 11.42 0.90
CA THR A 43 7.70 10.03 1.31
C THR A 43 9.21 9.68 1.36
N PRO A 44 9.73 9.40 2.56
CA PRO A 44 11.13 9.06 2.75
C PRO A 44 11.48 7.65 2.24
N TRP A 45 12.16 7.58 1.09
CA TRP A 45 12.53 6.30 0.51
C TRP A 45 13.49 5.55 1.41
N SER A 46 14.30 6.28 2.15
CA SER A 46 15.25 5.68 3.07
C SER A 46 14.54 4.80 4.11
N GLU A 47 13.29 5.15 4.44
CA GLU A 47 12.49 4.33 5.30
C GLU A 47 11.91 3.18 4.50
N VAL A 48 11.41 3.52 3.31
CA VAL A 48 10.80 2.54 2.38
C VAL A 48 11.78 1.39 2.10
N GLU A 49 13.05 1.73 1.92
CA GLU A 49 14.12 0.80 1.69
C GLU A 49 14.17 -0.28 2.76
N GLU A 50 14.26 0.15 3.98
CA GLU A 50 14.44 -0.73 5.09
C GLU A 50 13.15 -1.43 5.50
N ALA A 51 12.07 -0.74 5.28
CA ALA A 51 10.77 -1.20 5.68
C ALA A 51 10.28 -2.35 4.86
N ASP A 52 9.57 -3.19 5.53
CA ASP A 52 8.95 -4.30 4.92
C ASP A 52 7.58 -4.43 5.50
N GLY A 53 6.67 -4.97 4.70
CA GLY A 53 5.31 -5.29 5.12
C GLY A 53 4.62 -4.21 5.93
N LYS A 54 4.52 -4.46 7.24
CA LYS A 54 3.83 -3.59 8.19
C LYS A 54 4.44 -2.22 8.17
N LYS A 55 5.75 -2.17 8.14
CA LYS A 55 6.44 -0.93 8.19
C LYS A 55 6.18 -0.08 6.99
N LEU A 56 6.03 -0.71 5.85
CA LEU A 56 5.78 0.02 4.66
C LEU A 56 4.38 0.65 4.70
N ALA A 57 3.42 -0.05 5.30
CA ALA A 57 2.06 0.48 5.48
C ALA A 57 2.11 1.75 6.33
N GLU A 58 3.04 1.75 7.28
CA GLU A 58 3.24 2.87 8.18
C GLU A 58 3.78 4.09 7.41
N ILE A 59 4.52 3.81 6.36
CA ILE A 59 5.08 4.84 5.51
C ILE A 59 4.04 5.32 4.50
N LEU A 60 3.15 4.44 4.08
CA LEU A 60 2.04 4.83 3.22
C LEU A 60 1.10 5.78 3.97
N VAL A 61 0.81 5.46 5.23
CA VAL A 61 -0.11 6.25 6.06
C VAL A 61 0.60 7.55 6.55
N ASN A 62 1.89 7.62 6.28
CA ASN A 62 2.72 8.77 6.64
C ASN A 62 2.38 9.96 5.76
N THR A 63 2.22 9.70 4.48
CA THR A 63 1.97 10.74 3.53
C THR A 63 0.58 10.66 2.92
N SER A 64 0.25 9.51 2.43
CA SER A 64 -0.95 9.33 1.67
C SER A 64 -2.19 9.27 2.57
N SER A 65 -3.26 9.85 2.10
CA SER A 65 -4.52 9.84 2.76
C SER A 65 -5.16 8.45 2.64
N GLU A 66 -5.90 8.05 3.64
CA GLU A 66 -6.52 6.72 3.75
C GLU A 66 -7.34 6.33 2.50
N ASN A 67 -8.11 7.28 1.98
CA ASN A 67 -8.95 7.03 0.81
C ASN A 67 -8.09 6.90 -0.44
N TRP A 68 -6.98 7.55 -0.43
CA TRP A 68 -6.08 7.52 -1.53
C TRP A 68 -5.35 6.17 -1.54
N ILE A 69 -4.85 5.77 -0.36
CA ILE A 69 -4.07 4.53 -0.22
C ILE A 69 -4.89 3.31 -0.57
N ARG A 70 -6.16 3.29 -0.13
CA ARG A 70 -7.03 2.12 -0.33
C ARG A 70 -7.20 1.79 -1.81
N ASN A 71 -7.04 2.78 -2.66
CA ASN A 71 -7.10 2.58 -4.11
C ASN A 71 -5.71 2.26 -4.63
N ALA A 72 -4.75 3.04 -4.15
CA ALA A 72 -3.36 2.96 -4.58
C ALA A 72 -2.74 1.59 -4.39
N THR A 73 -2.91 1.04 -3.22
CA THR A 73 -2.31 -0.24 -2.90
C THR A 73 -2.85 -1.34 -3.82
N VAL A 74 -4.11 -1.21 -4.22
CA VAL A 74 -4.76 -2.16 -5.07
C VAL A 74 -4.09 -2.16 -6.45
N ASN A 75 -3.87 -0.98 -6.98
CA ASN A 75 -3.26 -0.82 -8.32
C ASN A 75 -1.85 -1.41 -8.35
N ILE A 76 -1.12 -1.25 -7.25
CA ILE A 76 0.23 -1.84 -7.16
C ILE A 76 0.12 -3.38 -7.15
N LEU A 77 -0.88 -3.91 -6.43
CA LEU A 77 -1.15 -5.35 -6.41
C LEU A 77 -1.52 -5.85 -7.80
N GLU A 78 -2.34 -5.06 -8.50
CA GLU A 78 -2.72 -5.34 -9.89
C GLU A 78 -1.45 -5.45 -10.76
N GLU A 79 -0.54 -4.51 -10.56
CA GLU A 79 0.74 -4.46 -11.25
C GLU A 79 1.64 -5.66 -10.95
N MET A 80 1.40 -6.30 -9.81
CA MET A 80 2.20 -7.45 -9.41
C MET A 80 1.48 -8.75 -9.75
N ASN A 81 0.37 -8.61 -10.52
CA ASN A 81 -0.45 -9.75 -11.01
C ASN A 81 -1.04 -10.53 -9.83
N LEU A 82 -1.24 -9.84 -8.74
CA LEU A 82 -1.78 -10.42 -7.57
C LEU A 82 -3.28 -10.33 -7.59
N THR A 83 -3.94 -11.44 -7.52
CA THR A 83 -5.37 -11.48 -7.50
C THR A 83 -5.88 -11.65 -6.09
N GLU A 84 -5.71 -12.84 -5.55
CA GLU A 84 -6.23 -13.27 -4.23
C GLU A 84 -6.22 -12.16 -3.14
N LEU A 85 -5.06 -11.69 -2.78
CA LEU A 85 -4.94 -10.68 -1.74
C LEU A 85 -5.37 -9.31 -2.23
N CYS A 86 -5.27 -9.07 -3.50
CA CYS A 86 -5.71 -7.81 -4.08
C CYS A 86 -7.22 -7.74 -4.00
N LYS A 87 -7.86 -8.87 -4.26
CA LYS A 87 -9.31 -9.03 -4.17
C LYS A 87 -9.75 -8.82 -2.74
N MET A 88 -8.88 -9.20 -1.81
CA MET A 88 -9.11 -9.01 -0.41
C MET A 88 -9.09 -7.52 -0.12
N ALA A 89 -8.16 -6.83 -0.75
CA ALA A 89 -8.06 -5.37 -0.61
C ALA A 89 -9.26 -4.69 -1.24
N LYS A 90 -9.75 -5.26 -2.33
CA LYS A 90 -10.94 -4.78 -3.03
C LYS A 90 -12.20 -5.11 -2.23
N ALA A 91 -12.02 -5.78 -1.13
CA ALA A 91 -13.10 -6.10 -0.25
C ALA A 91 -12.93 -5.39 1.09
N GLU A 92 -11.76 -5.46 1.63
CA GLU A 92 -11.44 -4.93 2.93
C GLU A 92 -11.01 -3.46 2.91
N MET A 93 -10.16 -3.08 1.97
CA MET A 93 -9.66 -1.70 1.95
C MET A 93 -10.59 -0.75 1.28
N MET A 94 -10.97 -1.08 0.12
CA MET A 94 -11.92 -0.31 -0.60
C MET A 94 -13.03 -1.25 -0.96
N GLU A 95 -14.23 -0.92 -0.59
CA GLU A 95 -15.34 -1.80 -0.84
C GLU A 95 -15.81 -1.62 -2.28
N ASP A 96 -15.16 -2.36 -3.14
CA ASP A 96 -15.39 -2.28 -4.58
C ASP A 96 -15.71 -3.63 -5.16
N GLY A 97 -14.81 -4.56 -4.95
CA GLY A 97 -14.94 -5.89 -5.49
C GLY A 97 -15.78 -6.78 -4.63
N GLN A 98 -16.97 -6.30 -4.32
CA GLN A 98 -17.94 -7.06 -3.56
C GLN A 98 -18.59 -8.01 -4.52
N MET A 3 -11.94 6.82 9.35
CA MET A 3 -12.50 5.49 9.40
C MET A 3 -12.18 4.89 10.75
N THR A 4 -11.03 4.27 10.84
CA THR A 4 -10.49 3.69 12.04
C THR A 4 -9.00 3.64 11.82
N SER A 5 -8.23 3.97 12.80
CA SER A 5 -6.80 4.01 12.63
C SER A 5 -6.09 2.61 12.59
N PRO A 6 -6.38 1.66 13.56
CA PRO A 6 -5.75 0.33 13.56
C PRO A 6 -6.10 -0.48 12.32
N GLN A 7 -7.39 -0.59 12.04
CA GLN A 7 -7.92 -1.38 10.93
C GLN A 7 -7.38 -0.94 9.59
N LEU A 8 -7.23 0.37 9.44
CA LEU A 8 -6.68 0.98 8.23
C LEU A 8 -5.28 0.38 7.98
N GLU A 9 -4.44 0.52 8.99
CA GLU A 9 -3.08 0.08 8.92
C GLU A 9 -3.02 -1.45 8.88
N TRP A 10 -4.00 -2.09 9.51
CA TRP A 10 -4.13 -3.53 9.52
C TRP A 10 -4.34 -4.09 8.13
N THR A 11 -5.34 -3.61 7.42
CA THR A 11 -5.62 -4.13 6.08
C THR A 11 -4.42 -3.97 5.17
N LEU A 12 -3.79 -2.83 5.25
CA LEU A 12 -2.65 -2.56 4.45
C LEU A 12 -1.48 -3.49 4.83
N GLN A 13 -1.21 -3.60 6.14
CA GLN A 13 -0.09 -4.40 6.63
C GLN A 13 -0.29 -5.86 6.28
N THR A 14 -1.51 -6.35 6.41
CA THR A 14 -1.84 -7.73 6.16
C THR A 14 -1.52 -8.12 4.71
N LEU A 15 -1.69 -7.18 3.80
CA LEU A 15 -1.35 -7.40 2.40
C LEU A 15 0.17 -7.41 2.26
N LEU A 16 0.79 -6.42 2.85
CA LEU A 16 2.23 -6.24 2.76
C LEU A 16 3.02 -7.28 3.59
N GLU A 17 2.33 -8.04 4.41
CA GLU A 17 2.96 -9.14 5.12
C GLU A 17 2.83 -10.42 4.32
N GLN A 18 2.00 -10.38 3.31
CA GLN A 18 1.82 -11.50 2.41
C GLN A 18 2.74 -11.33 1.21
N LEU A 19 2.91 -10.10 0.80
CA LEU A 19 3.80 -9.78 -0.29
C LEU A 19 4.96 -8.97 0.32
N ASN A 20 6.17 -9.49 0.27
CA ASN A 20 7.30 -8.74 0.88
C ASN A 20 8.66 -9.28 0.55
N GLU A 21 8.78 -10.58 0.35
CA GLU A 21 10.07 -11.20 0.07
C GLU A 21 10.70 -10.64 -1.21
N ASP A 22 10.13 -10.94 -2.35
CA ASP A 22 10.62 -10.35 -3.60
C ASP A 22 9.56 -9.46 -4.16
N GLU A 23 8.51 -9.39 -3.43
CA GLU A 23 7.31 -8.73 -3.84
C GLU A 23 7.38 -7.26 -3.50
N LEU A 24 8.08 -6.95 -2.43
CA LEU A 24 8.17 -5.58 -2.00
C LEU A 24 9.11 -4.83 -2.91
N LYS A 25 10.04 -5.58 -3.52
CA LYS A 25 10.95 -5.07 -4.53
C LYS A 25 10.13 -4.45 -5.64
N SER A 26 9.13 -5.18 -6.07
CA SER A 26 8.21 -4.80 -7.04
C SER A 26 7.38 -3.60 -6.55
N PHE A 27 6.70 -3.81 -5.42
CA PHE A 27 5.78 -2.83 -4.85
C PHE A 27 6.41 -1.44 -4.73
N LYS A 28 7.56 -1.36 -4.06
CA LYS A 28 8.23 -0.08 -3.81
C LYS A 28 8.57 0.63 -5.12
N SER A 29 9.03 -0.14 -6.07
CA SER A 29 9.43 0.34 -7.34
C SER A 29 8.25 0.84 -8.18
N LEU A 30 7.21 0.04 -8.27
CA LEU A 30 5.97 0.39 -8.98
C LEU A 30 5.33 1.63 -8.39
N LEU A 31 5.38 1.71 -7.08
CA LEU A 31 4.94 2.85 -6.32
C LEU A 31 5.78 4.08 -6.67
N TRP A 32 7.02 3.85 -6.97
CA TRP A 32 7.91 4.91 -7.37
C TRP A 32 7.89 5.08 -8.90
N ALA A 33 6.99 4.37 -9.55
CA ALA A 33 6.89 4.40 -11.01
C ALA A 33 5.66 5.14 -11.46
N PHE A 34 4.63 5.18 -10.62
CA PHE A 34 3.45 5.91 -10.97
C PHE A 34 3.72 7.40 -10.72
N PRO A 35 3.02 8.30 -11.41
CA PRO A 35 3.19 9.74 -11.20
C PRO A 35 2.81 10.13 -9.77
N LEU A 36 3.80 10.53 -9.01
CA LEU A 36 3.57 10.88 -7.63
C LEU A 36 2.84 12.18 -7.56
N GLU A 37 2.03 12.29 -6.58
CA GLU A 37 1.26 13.45 -6.37
C GLU A 37 1.88 14.24 -5.22
N ASP A 38 1.49 15.50 -5.09
CA ASP A 38 2.08 16.48 -4.14
C ASP A 38 2.51 15.92 -2.78
N VAL A 39 1.59 15.37 -2.02
CA VAL A 39 1.90 14.84 -0.68
C VAL A 39 2.84 13.62 -0.74
N LEU A 40 2.75 12.86 -1.80
CA LEU A 40 3.56 11.64 -1.96
C LEU A 40 5.01 11.95 -2.25
N GLN A 41 5.28 13.19 -2.59
CA GLN A 41 6.62 13.57 -2.94
C GLN A 41 7.51 13.76 -1.70
N LYS A 42 6.93 13.61 -0.51
CA LYS A 42 7.71 13.70 0.70
C LYS A 42 7.97 12.32 1.28
N THR A 43 7.53 11.28 0.57
CA THR A 43 7.66 9.91 1.03
C THR A 43 9.14 9.51 1.16
N PRO A 44 9.61 9.31 2.40
CA PRO A 44 10.99 8.94 2.67
C PRO A 44 11.34 7.52 2.23
N TRP A 45 12.01 7.39 1.08
CA TRP A 45 12.45 6.08 0.59
C TRP A 45 13.48 5.49 1.56
N SER A 46 14.19 6.37 2.25
CA SER A 46 15.17 5.96 3.24
C SER A 46 14.50 5.10 4.32
N GLU A 47 13.27 5.46 4.68
CA GLU A 47 12.52 4.71 5.64
C GLU A 47 11.95 3.45 5.00
N VAL A 48 11.42 3.60 3.77
CA VAL A 48 10.77 2.48 3.06
C VAL A 48 11.78 1.37 2.74
N GLU A 49 13.04 1.75 2.59
CA GLU A 49 14.10 0.86 2.22
C GLU A 49 14.26 -0.24 3.25
N GLU A 50 14.20 0.14 4.50
CA GLU A 50 14.36 -0.82 5.58
C GLU A 50 13.01 -1.25 6.15
N ALA A 51 11.96 -0.85 5.51
CA ALA A 51 10.63 -1.13 5.95
C ALA A 51 9.97 -2.17 5.08
N ASP A 52 9.26 -3.04 5.72
CA ASP A 52 8.53 -4.06 5.04
C ASP A 52 7.21 -4.22 5.72
N GLY A 53 6.27 -4.86 5.03
CA GLY A 53 4.96 -5.20 5.56
C GLY A 53 4.27 -4.09 6.33
N LYS A 54 4.28 -4.23 7.64
CA LYS A 54 3.61 -3.32 8.55
C LYS A 54 4.23 -1.97 8.47
N LYS A 55 5.53 -1.97 8.47
CA LYS A 55 6.28 -0.75 8.49
C LYS A 55 6.03 0.06 7.25
N LEU A 56 5.93 -0.62 6.14
CA LEU A 56 5.70 0.04 4.89
C LEU A 56 4.32 0.71 4.88
N ALA A 57 3.33 0.00 5.42
CA ALA A 57 1.95 0.54 5.54
C ALA A 57 1.96 1.82 6.39
N GLU A 58 2.82 1.82 7.37
CA GLU A 58 2.99 2.93 8.30
C GLU A 58 3.51 4.17 7.56
N ILE A 59 4.30 3.94 6.56
CA ILE A 59 4.87 5.01 5.77
C ILE A 59 3.82 5.51 4.75
N LEU A 60 2.99 4.60 4.26
CA LEU A 60 1.89 4.98 3.36
C LEU A 60 0.86 5.84 4.08
N VAL A 61 0.58 5.52 5.35
CA VAL A 61 -0.41 6.29 6.11
C VAL A 61 0.18 7.61 6.61
N ASN A 62 1.47 7.77 6.43
CA ASN A 62 2.16 8.96 6.87
C ASN A 62 2.09 10.03 5.76
N THR A 63 1.62 9.64 4.60
CA THR A 63 1.49 10.54 3.50
C THR A 63 0.01 10.75 3.09
N SER A 64 -0.55 9.78 2.42
CA SER A 64 -1.89 9.89 1.91
C SER A 64 -2.93 9.30 2.87
N SER A 65 -4.17 9.71 2.68
CA SER A 65 -5.29 9.19 3.43
C SER A 65 -5.67 7.81 2.87
N GLU A 66 -6.38 7.01 3.66
CA GLU A 66 -6.80 5.66 3.24
C GLU A 66 -7.68 5.73 1.99
N ASN A 67 -8.45 6.80 1.90
CA ASN A 67 -9.30 7.10 0.75
C ASN A 67 -8.45 7.22 -0.53
N TRP A 68 -7.19 7.50 -0.39
CA TRP A 68 -6.32 7.56 -1.53
C TRP A 68 -5.54 6.25 -1.63
N ILE A 69 -4.99 5.80 -0.48
CA ILE A 69 -4.14 4.59 -0.40
C ILE A 69 -4.86 3.37 -0.97
N ARG A 70 -6.20 3.38 -0.87
CA ARG A 70 -7.03 2.33 -1.42
C ARG A 70 -6.68 2.07 -2.90
N ASN A 71 -6.49 3.13 -3.67
CA ASN A 71 -6.21 3.00 -5.09
C ASN A 71 -4.78 2.57 -5.29
N ALA A 72 -3.92 3.02 -4.41
CA ALA A 72 -2.50 2.73 -4.49
C ALA A 72 -2.22 1.25 -4.37
N THR A 73 -2.55 0.69 -3.21
CA THR A 73 -2.29 -0.71 -2.94
C THR A 73 -3.00 -1.61 -3.96
N VAL A 74 -4.22 -1.28 -4.29
CA VAL A 74 -4.96 -2.04 -5.27
C VAL A 74 -4.22 -2.05 -6.64
N ASN A 75 -3.81 -0.88 -7.08
CA ASN A 75 -3.10 -0.73 -8.35
C ASN A 75 -1.77 -1.47 -8.33
N ILE A 76 -0.97 -1.26 -7.30
CA ILE A 76 0.34 -1.89 -7.19
C ILE A 76 0.19 -3.41 -7.19
N LEU A 77 -0.75 -3.90 -6.41
CA LEU A 77 -1.04 -5.32 -6.33
C LEU A 77 -1.50 -5.87 -7.69
N GLU A 78 -2.32 -5.10 -8.39
CA GLU A 78 -2.73 -5.44 -9.75
C GLU A 78 -1.53 -5.43 -10.72
N GLU A 79 -0.56 -4.56 -10.46
CA GLU A 79 0.68 -4.47 -11.25
C GLU A 79 1.63 -5.63 -10.93
N MET A 80 1.37 -6.32 -9.85
CA MET A 80 2.19 -7.46 -9.45
C MET A 80 1.50 -8.77 -9.77
N ASN A 81 0.40 -8.68 -10.54
CA ASN A 81 -0.39 -9.85 -11.00
C ASN A 81 -0.97 -10.62 -9.79
N LEU A 82 -1.29 -9.88 -8.76
CA LEU A 82 -1.84 -10.45 -7.55
C LEU A 82 -3.33 -10.18 -7.49
N THR A 83 -4.12 -11.22 -7.60
CA THR A 83 -5.56 -11.11 -7.52
C THR A 83 -6.06 -11.35 -6.12
N GLU A 84 -5.75 -12.51 -5.60
CA GLU A 84 -6.21 -13.02 -4.31
C GLU A 84 -6.20 -11.99 -3.17
N LEU A 85 -5.03 -11.53 -2.79
CA LEU A 85 -4.92 -10.55 -1.72
C LEU A 85 -5.41 -9.18 -2.14
N CYS A 86 -5.30 -8.87 -3.42
CA CYS A 86 -5.75 -7.57 -3.94
C CYS A 86 -7.27 -7.45 -3.82
N LYS A 87 -7.94 -8.55 -4.07
CA LYS A 87 -9.38 -8.63 -3.95
C LYS A 87 -9.81 -8.52 -2.51
N MET A 88 -8.95 -8.95 -1.61
CA MET A 88 -9.22 -8.86 -0.21
C MET A 88 -9.06 -7.42 0.20
N ALA A 89 -8.11 -6.76 -0.43
CA ALA A 89 -7.85 -5.35 -0.20
C ALA A 89 -9.04 -4.53 -0.64
N LYS A 90 -9.61 -4.91 -1.78
CA LYS A 90 -10.79 -4.25 -2.33
C LYS A 90 -12.00 -4.46 -1.44
N ALA A 91 -11.95 -5.51 -0.64
CA ALA A 91 -13.02 -5.87 0.24
C ALA A 91 -12.90 -5.22 1.62
N GLU A 92 -11.71 -5.22 2.13
CA GLU A 92 -11.44 -4.73 3.47
C GLU A 92 -11.15 -3.22 3.49
N MET A 93 -10.44 -2.77 2.49
CA MET A 93 -10.12 -1.37 2.34
C MET A 93 -11.09 -0.74 1.35
N MET A 94 -10.63 0.31 0.64
CA MET A 94 -11.46 1.04 -0.32
C MET A 94 -12.48 1.83 0.45
N GLU A 95 -13.56 2.20 -0.17
CA GLU A 95 -14.58 2.96 0.52
C GLU A 95 -15.70 2.04 0.95
N ASP A 96 -15.37 0.79 1.03
CA ASP A 96 -16.32 -0.22 1.40
C ASP A 96 -16.01 -0.66 2.80
N GLY A 97 -15.08 -1.61 2.91
CA GLY A 97 -14.67 -2.15 4.18
C GLY A 97 -15.82 -2.67 5.00
N GLN A 98 -16.80 -3.19 4.33
CA GLN A 98 -17.97 -3.65 5.00
C GLN A 98 -17.92 -5.13 5.18
N MET A 3 -12.63 5.22 6.97
CA MET A 3 -12.95 3.97 7.66
C MET A 3 -12.14 3.97 8.96
N THR A 4 -12.44 3.05 9.89
CA THR A 4 -11.73 2.97 11.16
C THR A 4 -10.23 2.83 10.95
N SER A 5 -9.48 3.66 11.65
CA SER A 5 -8.03 3.71 11.57
C SER A 5 -7.38 2.32 11.81
N PRO A 6 -7.76 1.56 12.91
CA PRO A 6 -7.23 0.22 13.14
C PRO A 6 -7.38 -0.68 11.93
N GLN A 7 -8.59 -0.81 11.39
CA GLN A 7 -8.85 -1.68 10.24
C GLN A 7 -8.21 -1.16 8.95
N LEU A 8 -8.15 0.14 8.83
CA LEU A 8 -7.54 0.85 7.70
C LEU A 8 -6.10 0.37 7.56
N GLU A 9 -5.34 0.62 8.59
CA GLU A 9 -3.93 0.35 8.63
C GLU A 9 -3.70 -1.17 8.71
N TRP A 10 -4.64 -1.88 9.33
CA TRP A 10 -4.59 -3.33 9.43
C TRP A 10 -4.66 -3.99 8.07
N THR A 11 -5.55 -3.52 7.23
CA THR A 11 -5.70 -4.11 5.92
C THR A 11 -4.40 -3.99 5.13
N LEU A 12 -3.79 -2.83 5.25
CA LEU A 12 -2.55 -2.56 4.59
C LEU A 12 -1.45 -3.50 5.06
N GLN A 13 -1.28 -3.59 6.38
CA GLN A 13 -0.24 -4.44 6.95
C GLN A 13 -0.46 -5.90 6.58
N THR A 14 -1.71 -6.34 6.63
CA THR A 14 -2.07 -7.73 6.36
C THR A 14 -1.64 -8.15 4.94
N LEU A 15 -1.78 -7.23 3.99
CA LEU A 15 -1.39 -7.48 2.61
C LEU A 15 0.13 -7.54 2.50
N LEU A 16 0.77 -6.58 3.11
CA LEU A 16 2.21 -6.44 3.04
C LEU A 16 2.94 -7.46 3.92
N GLU A 17 2.21 -8.13 4.79
CA GLU A 17 2.79 -9.22 5.58
C GLU A 17 2.67 -10.53 4.81
N GLN A 18 2.03 -10.47 3.65
CA GLN A 18 1.90 -11.60 2.76
C GLN A 18 2.85 -11.42 1.60
N LEU A 19 2.76 -10.29 0.95
CA LEU A 19 3.64 -9.96 -0.13
C LEU A 19 4.81 -9.22 0.50
N ASN A 20 6.01 -9.70 0.32
CA ASN A 20 7.15 -9.02 0.90
C ASN A 20 8.47 -9.52 0.38
N GLU A 21 8.72 -10.84 0.55
CA GLU A 21 10.02 -11.52 0.27
C GLU A 21 10.83 -10.86 -0.86
N ASP A 22 10.34 -10.95 -2.09
CA ASP A 22 10.95 -10.17 -3.18
C ASP A 22 9.87 -9.35 -3.83
N GLU A 23 8.76 -9.36 -3.17
CA GLU A 23 7.53 -8.77 -3.64
C GLU A 23 7.52 -7.30 -3.33
N LEU A 24 8.00 -6.97 -2.14
CA LEU A 24 7.94 -5.61 -1.65
C LEU A 24 8.84 -4.74 -2.49
N LYS A 25 9.91 -5.35 -2.96
CA LYS A 25 10.89 -4.72 -3.82
C LYS A 25 10.21 -4.20 -5.08
N SER A 26 9.40 -5.04 -5.67
CA SER A 26 8.62 -4.72 -6.80
C SER A 26 7.63 -3.61 -6.46
N PHE A 27 6.87 -3.85 -5.41
CA PHE A 27 5.83 -2.95 -4.93
C PHE A 27 6.37 -1.50 -4.73
N LYS A 28 7.52 -1.38 -4.07
CA LYS A 28 8.13 -0.06 -3.81
C LYS A 28 8.49 0.63 -5.13
N SER A 29 8.95 -0.16 -6.08
CA SER A 29 9.42 0.35 -7.34
C SER A 29 8.24 0.82 -8.20
N LEU A 30 7.19 0.04 -8.17
CA LEU A 30 6.00 0.28 -8.97
C LEU A 30 5.25 1.52 -8.52
N LEU A 31 5.29 1.80 -7.24
CA LEU A 31 4.62 2.99 -6.74
C LEU A 31 5.50 4.20 -6.96
N TRP A 32 6.75 3.96 -7.28
CA TRP A 32 7.66 5.03 -7.57
C TRP A 32 7.67 5.28 -9.07
N ALA A 33 7.05 4.37 -9.80
CA ALA A 33 7.02 4.43 -11.25
C ALA A 33 5.92 5.36 -11.74
N PHE A 34 4.85 5.46 -10.99
CA PHE A 34 3.79 6.33 -11.37
C PHE A 34 4.13 7.74 -10.85
N PRO A 35 3.70 8.82 -11.52
CA PRO A 35 4.00 10.19 -11.10
C PRO A 35 3.31 10.53 -9.77
N LEU A 36 4.10 10.79 -8.75
CA LEU A 36 3.59 11.07 -7.44
C LEU A 36 2.98 12.46 -7.40
N GLU A 37 2.02 12.62 -6.53
CA GLU A 37 1.28 13.85 -6.44
C GLU A 37 1.84 14.73 -5.32
N ASP A 38 1.18 15.87 -5.10
CA ASP A 38 1.64 16.95 -4.17
C ASP A 38 2.21 16.46 -2.83
N VAL A 39 1.41 15.75 -2.05
CA VAL A 39 1.83 15.28 -0.72
C VAL A 39 2.83 14.13 -0.84
N LEU A 40 2.68 13.36 -1.90
CA LEU A 40 3.51 12.18 -2.12
C LEU A 40 4.91 12.54 -2.55
N GLN A 41 5.09 13.76 -3.01
CA GLN A 41 6.38 14.24 -3.42
C GLN A 41 7.25 14.59 -2.23
N LYS A 42 7.84 13.52 -1.72
CA LYS A 42 8.81 13.47 -0.66
C LYS A 42 8.99 12.00 -0.33
N THR A 43 7.98 11.44 0.39
CA THR A 43 7.89 10.02 0.82
C THR A 43 9.28 9.38 1.08
N PRO A 44 9.73 9.36 2.35
CA PRO A 44 11.11 8.93 2.70
C PRO A 44 11.45 7.51 2.23
N TRP A 45 12.21 7.42 1.15
CA TRP A 45 12.60 6.14 0.56
C TRP A 45 13.51 5.38 1.51
N SER A 46 14.31 6.09 2.27
CA SER A 46 15.18 5.47 3.24
C SER A 46 14.33 4.67 4.25
N GLU A 47 13.19 5.24 4.61
CA GLU A 47 12.23 4.57 5.45
C GLU A 47 11.60 3.43 4.72
N VAL A 48 11.19 3.65 3.46
CA VAL A 48 10.52 2.60 2.69
C VAL A 48 11.45 1.41 2.50
N GLU A 49 12.76 1.67 2.44
CA GLU A 49 13.73 0.65 2.32
C GLU A 49 13.94 -0.12 3.53
N GLU A 50 14.02 0.55 4.64
CA GLU A 50 14.25 -0.14 5.85
C GLU A 50 12.95 -0.82 6.33
N ALA A 51 11.86 -0.44 5.75
CA ALA A 51 10.56 -0.95 6.07
C ALA A 51 10.22 -2.16 5.28
N ASP A 52 9.60 -3.06 5.96
CA ASP A 52 9.08 -4.24 5.37
C ASP A 52 7.69 -4.44 5.90
N GLY A 53 6.83 -4.98 5.05
CA GLY A 53 5.46 -5.32 5.40
C GLY A 53 4.71 -4.23 6.15
N LYS A 54 4.55 -4.44 7.45
CA LYS A 54 3.81 -3.55 8.33
C LYS A 54 4.40 -2.18 8.31
N LYS A 55 5.71 -2.11 8.34
CA LYS A 55 6.40 -0.84 8.40
C LYS A 55 6.17 -0.02 7.16
N LEU A 56 6.00 -0.67 6.04
CA LEU A 56 5.77 0.03 4.80
C LEU A 56 4.38 0.66 4.83
N ALA A 57 3.41 -0.08 5.39
CA ALA A 57 2.02 0.41 5.53
C ALA A 57 1.99 1.69 6.36
N GLU A 58 2.86 1.72 7.35
CA GLU A 58 2.99 2.85 8.27
C GLU A 58 3.49 4.10 7.51
N ILE A 59 4.26 3.87 6.48
CA ILE A 59 4.80 4.93 5.66
C ILE A 59 3.77 5.37 4.63
N LEU A 60 2.99 4.41 4.12
CA LEU A 60 1.90 4.72 3.21
C LEU A 60 0.88 5.61 3.92
N VAL A 61 0.56 5.30 5.16
CA VAL A 61 -0.44 6.06 5.88
C VAL A 61 0.18 7.36 6.47
N ASN A 62 1.46 7.51 6.27
CA ASN A 62 2.17 8.69 6.72
C ASN A 62 1.88 9.84 5.76
N THR A 63 1.95 9.55 4.47
CA THR A 63 1.78 10.58 3.46
C THR A 63 0.42 10.49 2.76
N SER A 64 -0.08 9.30 2.60
CA SER A 64 -1.25 9.10 1.80
C SER A 64 -2.52 9.00 2.62
N SER A 65 -3.57 9.59 2.10
CA SER A 65 -4.89 9.51 2.69
C SER A 65 -5.45 8.12 2.37
N GLU A 66 -6.28 7.58 3.25
CA GLU A 66 -6.86 6.25 3.06
C GLU A 66 -7.67 6.18 1.76
N ASN A 67 -8.29 7.29 1.42
CA ASN A 67 -9.12 7.40 0.22
C ASN A 67 -8.24 7.38 -1.05
N TRP A 68 -6.98 7.57 -0.85
CA TRP A 68 -6.02 7.53 -1.93
C TRP A 68 -5.41 6.13 -1.95
N ILE A 69 -5.06 5.63 -0.77
CA ILE A 69 -4.42 4.32 -0.62
C ILE A 69 -5.32 3.19 -1.17
N ARG A 70 -6.65 3.36 -1.01
CA ARG A 70 -7.65 2.37 -1.52
C ARG A 70 -7.54 2.15 -3.01
N ASN A 71 -6.95 3.08 -3.72
CA ASN A 71 -6.72 2.90 -5.13
C ASN A 71 -5.27 2.53 -5.34
N ALA A 72 -4.39 3.25 -4.66
CA ALA A 72 -2.94 3.09 -4.77
C ALA A 72 -2.46 1.67 -4.57
N THR A 73 -2.70 1.11 -3.38
CA THR A 73 -2.16 -0.21 -3.07
C THR A 73 -2.81 -1.28 -3.92
N VAL A 74 -4.08 -1.09 -4.23
CA VAL A 74 -4.82 -2.01 -5.04
C VAL A 74 -4.24 -2.05 -6.45
N ASN A 75 -4.00 -0.86 -7.01
CA ASN A 75 -3.38 -0.72 -8.30
C ASN A 75 -2.02 -1.39 -8.34
N ILE A 76 -1.16 -1.12 -7.34
CA ILE A 76 0.19 -1.70 -7.30
C ILE A 76 0.12 -3.24 -7.23
N LEU A 77 -0.80 -3.75 -6.42
CA LEU A 77 -1.05 -5.19 -6.34
C LEU A 77 -1.45 -5.72 -7.72
N GLU A 78 -2.35 -5.00 -8.37
CA GLU A 78 -2.79 -5.33 -9.69
C GLU A 78 -1.66 -5.24 -10.71
N GLU A 79 -0.76 -4.27 -10.55
CA GLU A 79 0.42 -4.12 -11.41
C GLU A 79 1.30 -5.37 -11.29
N MET A 80 1.35 -5.94 -10.10
CA MET A 80 2.13 -7.14 -9.83
C MET A 80 1.35 -8.39 -10.22
N ASN A 81 0.13 -8.19 -10.73
CA ASN A 81 -0.79 -9.26 -11.15
C ASN A 81 -1.22 -10.09 -9.93
N LEU A 82 -1.25 -9.43 -8.82
CA LEU A 82 -1.70 -10.02 -7.59
C LEU A 82 -3.19 -9.85 -7.50
N THR A 83 -3.90 -10.93 -7.41
CA THR A 83 -5.34 -10.91 -7.34
C THR A 83 -5.81 -11.38 -6.00
N GLU A 84 -5.29 -12.51 -5.59
CA GLU A 84 -5.66 -13.19 -4.36
C GLU A 84 -5.76 -12.26 -3.14
N LEU A 85 -4.66 -11.68 -2.75
CA LEU A 85 -4.65 -10.78 -1.60
C LEU A 85 -5.20 -9.40 -1.98
N CYS A 86 -5.16 -9.08 -3.25
CA CYS A 86 -5.66 -7.80 -3.73
C CYS A 86 -7.19 -7.76 -3.59
N LYS A 87 -7.80 -8.90 -3.77
CA LYS A 87 -9.23 -9.06 -3.62
C LYS A 87 -9.60 -9.07 -2.15
N MET A 88 -8.60 -9.17 -1.30
CA MET A 88 -8.80 -9.00 0.12
C MET A 88 -8.80 -7.53 0.41
N ALA A 89 -7.89 -6.81 -0.23
CA ALA A 89 -7.80 -5.36 -0.08
C ALA A 89 -9.12 -4.72 -0.51
N LYS A 90 -9.66 -5.21 -1.63
CA LYS A 90 -10.92 -4.74 -2.20
C LYS A 90 -12.13 -5.16 -1.35
N ALA A 91 -11.88 -5.92 -0.31
CA ALA A 91 -12.94 -6.38 0.55
C ALA A 91 -12.78 -5.85 1.97
N GLU A 92 -11.64 -5.29 2.25
CA GLU A 92 -11.30 -4.90 3.61
C GLU A 92 -10.95 -3.40 3.72
N MET A 93 -10.17 -2.86 2.77
CA MET A 93 -9.81 -1.43 2.81
C MET A 93 -10.89 -0.62 2.13
N MET A 94 -11.69 -1.31 1.37
CA MET A 94 -12.75 -0.78 0.59
C MET A 94 -13.75 -1.90 0.43
N GLU A 95 -14.97 -1.60 0.11
CA GLU A 95 -15.98 -2.59 -0.06
C GLU A 95 -16.60 -2.41 -1.45
N ASP A 96 -15.76 -2.47 -2.46
CA ASP A 96 -16.22 -2.27 -3.82
C ASP A 96 -15.71 -3.35 -4.73
N GLY A 97 -16.51 -4.35 -4.92
CA GLY A 97 -16.20 -5.43 -5.84
C GLY A 97 -16.76 -5.10 -7.20
N GLN A 98 -16.13 -4.16 -7.84
CA GLN A 98 -16.59 -3.65 -9.11
C GLN A 98 -16.07 -4.49 -10.26
N MET A 3 -14.25 5.12 7.79
CA MET A 3 -12.95 4.50 8.00
C MET A 3 -12.82 4.08 9.46
N THR A 4 -12.19 2.96 9.69
CA THR A 4 -11.84 2.55 11.02
C THR A 4 -10.33 2.73 11.17
N SER A 5 -9.89 3.35 12.23
CA SER A 5 -8.50 3.76 12.35
C SER A 5 -7.48 2.57 12.45
N PRO A 6 -7.66 1.58 13.40
CA PRO A 6 -6.72 0.46 13.49
C PRO A 6 -6.84 -0.47 12.29
N GLN A 7 -8.07 -0.68 11.83
CA GLN A 7 -8.35 -1.58 10.74
C GLN A 7 -7.79 -1.06 9.42
N LEU A 8 -7.75 0.26 9.28
CA LEU A 8 -7.12 0.92 8.13
C LEU A 8 -5.72 0.38 7.91
N GLU A 9 -4.86 0.62 8.87
CA GLU A 9 -3.49 0.29 8.74
C GLU A 9 -3.33 -1.23 8.80
N TRP A 10 -4.20 -1.89 9.58
CA TRP A 10 -4.22 -3.34 9.68
C TRP A 10 -4.41 -3.98 8.31
N THR A 11 -5.40 -3.53 7.57
CA THR A 11 -5.69 -4.15 6.30
C THR A 11 -4.54 -3.93 5.33
N LEU A 12 -3.97 -2.74 5.37
CA LEU A 12 -2.85 -2.43 4.54
C LEU A 12 -1.67 -3.35 4.88
N GLN A 13 -1.35 -3.42 6.19
CA GLN A 13 -0.22 -4.21 6.66
C GLN A 13 -0.40 -5.68 6.34
N THR A 14 -1.61 -6.20 6.55
CA THR A 14 -1.89 -7.62 6.37
C THR A 14 -1.55 -8.09 4.94
N LEU A 15 -1.81 -7.24 3.96
CA LEU A 15 -1.49 -7.53 2.59
C LEU A 15 0.03 -7.49 2.40
N LEU A 16 0.64 -6.45 2.94
CA LEU A 16 2.07 -6.22 2.81
C LEU A 16 2.88 -7.21 3.68
N GLU A 17 2.25 -7.83 4.64
CA GLU A 17 2.90 -8.85 5.45
C GLU A 17 2.89 -10.17 4.71
N GLN A 18 2.05 -10.26 3.70
CA GLN A 18 1.96 -11.42 2.85
C GLN A 18 2.89 -11.27 1.65
N LEU A 19 2.95 -10.08 1.10
CA LEU A 19 3.83 -9.79 -0.02
C LEU A 19 4.98 -8.91 0.50
N ASN A 20 6.20 -9.38 0.50
CA ASN A 20 7.31 -8.54 1.00
C ASN A 20 8.68 -9.03 0.63
N GLU A 21 8.97 -10.32 0.92
CA GLU A 21 10.31 -10.97 0.78
C GLU A 21 11.10 -10.42 -0.43
N ASP A 22 10.58 -10.65 -1.60
CA ASP A 22 11.15 -10.08 -2.81
C ASP A 22 10.04 -9.37 -3.56
N GLU A 23 8.90 -9.39 -2.92
CA GLU A 23 7.66 -8.90 -3.48
C GLU A 23 7.54 -7.41 -3.26
N LEU A 24 8.05 -6.94 -2.13
CA LEU A 24 7.93 -5.53 -1.75
C LEU A 24 8.82 -4.72 -2.66
N LYS A 25 9.87 -5.36 -3.15
CA LYS A 25 10.83 -4.78 -4.05
C LYS A 25 10.13 -4.26 -5.31
N SER A 26 9.21 -5.06 -5.83
CA SER A 26 8.40 -4.69 -6.94
C SER A 26 7.47 -3.57 -6.58
N PHE A 27 6.76 -3.75 -5.48
CA PHE A 27 5.81 -2.79 -4.96
C PHE A 27 6.45 -1.40 -4.86
N LYS A 28 7.60 -1.32 -4.19
CA LYS A 28 8.36 -0.06 -4.00
C LYS A 28 8.59 0.63 -5.34
N SER A 29 9.03 -0.15 -6.30
CA SER A 29 9.33 0.30 -7.61
C SER A 29 8.11 0.77 -8.38
N LEU A 30 7.09 -0.04 -8.42
CA LEU A 30 5.82 0.28 -9.12
C LEU A 30 5.20 1.56 -8.55
N LEU A 31 5.30 1.67 -7.26
CA LEU A 31 4.86 2.84 -6.53
C LEU A 31 5.68 4.07 -6.93
N TRP A 32 6.94 3.87 -7.16
CA TRP A 32 7.78 4.96 -7.56
C TRP A 32 7.62 5.25 -9.04
N ALA A 33 7.16 4.25 -9.78
CA ALA A 33 7.00 4.34 -11.21
C ALA A 33 5.81 5.21 -11.59
N PHE A 34 4.80 5.24 -10.74
CA PHE A 34 3.66 6.06 -11.02
C PHE A 34 3.98 7.50 -10.57
N PRO A 35 3.35 8.52 -11.17
CA PRO A 35 3.59 9.92 -10.78
C PRO A 35 3.13 10.20 -9.34
N LEU A 36 4.09 10.47 -8.48
CA LEU A 36 3.79 10.79 -7.10
C LEU A 36 3.33 12.23 -7.03
N GLU A 37 2.27 12.48 -6.32
CA GLU A 37 1.67 13.79 -6.26
C GLU A 37 2.04 14.48 -4.95
N ASP A 38 1.37 15.60 -4.64
CA ASP A 38 1.66 16.38 -3.42
C ASP A 38 1.69 15.53 -2.16
N VAL A 39 2.70 15.79 -1.32
CA VAL A 39 2.99 15.08 -0.08
C VAL A 39 3.58 13.67 -0.35
N LEU A 40 3.03 12.99 -1.33
CA LEU A 40 3.49 11.67 -1.71
C LEU A 40 4.85 11.77 -2.42
N GLN A 41 5.11 12.91 -3.02
CA GLN A 41 6.38 13.21 -3.70
C GLN A 41 7.42 13.67 -2.64
N LYS A 42 7.30 13.11 -1.47
CA LYS A 42 8.16 13.35 -0.33
C LYS A 42 8.52 12.04 0.35
N THR A 43 7.62 11.04 0.18
CA THR A 43 7.70 9.72 0.80
C THR A 43 9.14 9.21 0.94
N PRO A 44 9.66 9.20 2.18
CA PRO A 44 11.02 8.77 2.48
C PRO A 44 11.33 7.34 2.01
N TRP A 45 11.96 7.21 0.84
CA TRP A 45 12.34 5.91 0.28
C TRP A 45 13.26 5.17 1.23
N SER A 46 14.13 5.88 1.91
CA SER A 46 15.05 5.28 2.87
C SER A 46 14.25 4.53 3.96
N GLU A 47 13.09 5.05 4.28
CA GLU A 47 12.21 4.41 5.22
C GLU A 47 11.47 3.26 4.57
N VAL A 48 10.99 3.48 3.33
CA VAL A 48 10.19 2.47 2.59
C VAL A 48 11.04 1.25 2.27
N GLU A 49 12.33 1.49 2.12
CA GLU A 49 13.25 0.48 1.74
C GLU A 49 13.41 -0.52 2.84
N GLU A 50 13.85 -0.06 3.98
CA GLU A 50 14.21 -0.94 5.05
C GLU A 50 13.00 -1.35 5.91
N ALA A 51 11.84 -1.01 5.42
CA ALA A 51 10.57 -1.36 6.02
C ALA A 51 9.99 -2.53 5.30
N ASP A 52 9.27 -3.34 6.00
CA ASP A 52 8.59 -4.46 5.42
C ASP A 52 7.20 -4.51 5.98
N GLY A 53 6.27 -5.00 5.16
CA GLY A 53 4.89 -5.23 5.55
C GLY A 53 4.22 -4.10 6.30
N LYS A 54 4.13 -4.25 7.62
CA LYS A 54 3.47 -3.30 8.51
C LYS A 54 4.12 -1.98 8.42
N LYS A 55 5.42 -1.98 8.50
CA LYS A 55 6.17 -0.78 8.46
C LYS A 55 5.96 0.02 7.20
N LEU A 56 5.83 -0.67 6.09
CA LEU A 56 5.60 0.01 4.84
C LEU A 56 4.24 0.71 4.84
N ALA A 57 3.23 0.03 5.37
CA ALA A 57 1.87 0.59 5.52
C ALA A 57 1.92 1.86 6.37
N GLU A 58 2.80 1.83 7.36
CA GLU A 58 2.98 2.93 8.28
C GLU A 58 3.60 4.15 7.57
N ILE A 59 4.32 3.90 6.51
CA ILE A 59 4.91 4.95 5.73
C ILE A 59 3.91 5.48 4.68
N LEU A 60 3.10 4.58 4.15
CA LEU A 60 2.02 4.98 3.23
C LEU A 60 1.00 5.85 3.96
N VAL A 61 0.65 5.44 5.19
CA VAL A 61 -0.36 6.15 5.98
C VAL A 61 0.19 7.49 6.51
N ASN A 62 1.47 7.72 6.30
CA ASN A 62 2.15 8.93 6.74
C ASN A 62 2.10 10.00 5.64
N THR A 63 1.87 9.56 4.42
CA THR A 63 1.88 10.44 3.29
C THR A 63 0.49 10.68 2.73
N SER A 64 -0.13 9.65 2.24
CA SER A 64 -1.41 9.79 1.59
C SER A 64 -2.53 9.47 2.58
N SER A 65 -3.76 9.71 2.18
CA SER A 65 -4.89 9.44 3.02
C SER A 65 -5.50 8.10 2.63
N GLU A 66 -6.24 7.49 3.57
CA GLU A 66 -6.85 6.16 3.43
C GLU A 66 -7.54 5.95 2.08
N ASN A 67 -8.28 6.96 1.67
CA ASN A 67 -9.11 6.91 0.48
C ASN A 67 -8.28 6.76 -0.79
N TRP A 68 -7.08 7.29 -0.76
CA TRP A 68 -6.24 7.17 -1.91
C TRP A 68 -5.30 5.97 -1.75
N ILE A 69 -4.85 5.72 -0.52
CA ILE A 69 -3.92 4.60 -0.25
C ILE A 69 -4.59 3.28 -0.61
N ARG A 70 -5.88 3.20 -0.37
CA ARG A 70 -6.64 2.02 -0.68
C ARG A 70 -6.54 1.74 -2.20
N ASN A 71 -6.60 2.82 -2.98
CA ASN A 71 -6.47 2.73 -4.42
C ASN A 71 -5.05 2.35 -4.77
N ALA A 72 -4.09 3.01 -4.12
CA ALA A 72 -2.68 2.79 -4.33
C ALA A 72 -2.32 1.31 -4.19
N THR A 73 -2.60 0.73 -3.03
CA THR A 73 -2.27 -0.66 -2.78
C THR A 73 -3.05 -1.59 -3.70
N VAL A 74 -4.31 -1.30 -3.99
CA VAL A 74 -5.06 -2.13 -4.91
C VAL A 74 -4.38 -2.12 -6.28
N ASN A 75 -4.10 -0.92 -6.76
CA ASN A 75 -3.48 -0.69 -8.06
C ASN A 75 -2.09 -1.32 -8.15
N ILE A 76 -1.24 -1.11 -7.15
CA ILE A 76 0.13 -1.69 -7.16
C ILE A 76 0.03 -3.21 -7.24
N LEU A 77 -0.82 -3.77 -6.43
CA LEU A 77 -1.05 -5.19 -6.39
C LEU A 77 -1.59 -5.70 -7.73
N GLU A 78 -2.45 -4.91 -8.38
CA GLU A 78 -2.95 -5.19 -9.73
C GLU A 78 -1.80 -5.15 -10.73
N GLU A 79 -0.91 -4.18 -10.54
CA GLU A 79 0.28 -4.04 -11.35
C GLU A 79 1.23 -5.22 -11.16
N MET A 80 1.16 -5.85 -9.99
CA MET A 80 1.98 -7.03 -9.68
C MET A 80 1.27 -8.29 -10.17
N ASN A 81 0.09 -8.09 -10.76
CA ASN A 81 -0.75 -9.16 -11.32
C ASN A 81 -1.33 -10.04 -10.19
N LEU A 82 -1.27 -9.51 -9.00
CA LEU A 82 -1.74 -10.22 -7.83
C LEU A 82 -3.25 -10.19 -7.78
N THR A 83 -3.83 -11.30 -7.43
CA THR A 83 -5.25 -11.42 -7.33
C THR A 83 -5.68 -11.69 -5.91
N GLU A 84 -5.37 -12.88 -5.41
CA GLU A 84 -5.79 -13.40 -4.09
C GLU A 84 -5.89 -12.33 -2.97
N LEU A 85 -4.80 -11.72 -2.62
CA LEU A 85 -4.79 -10.72 -1.57
C LEU A 85 -5.32 -9.37 -2.04
N CYS A 86 -5.22 -9.10 -3.32
CA CYS A 86 -5.70 -7.84 -3.87
C CYS A 86 -7.23 -7.84 -3.81
N LYS A 87 -7.81 -9.00 -4.05
CA LYS A 87 -9.25 -9.23 -3.96
C LYS A 87 -9.69 -9.07 -2.51
N MET A 88 -8.80 -9.39 -1.61
CA MET A 88 -9.05 -9.22 -0.19
C MET A 88 -9.06 -7.74 0.13
N ALA A 89 -8.10 -7.01 -0.41
CA ALA A 89 -8.01 -5.56 -0.25
C ALA A 89 -9.26 -4.90 -0.82
N LYS A 90 -9.65 -5.33 -2.01
CA LYS A 90 -10.85 -4.82 -2.70
C LYS A 90 -12.14 -5.12 -1.93
N ALA A 91 -12.07 -6.00 -0.96
CA ALA A 91 -13.21 -6.35 -0.18
C ALA A 91 -13.11 -5.83 1.25
N GLU A 92 -12.00 -5.21 1.56
CA GLU A 92 -11.78 -4.69 2.89
C GLU A 92 -11.51 -3.20 2.88
N MET A 93 -10.47 -2.79 2.18
CA MET A 93 -10.10 -1.37 2.12
C MET A 93 -10.89 -0.63 1.07
N MET A 94 -12.16 -0.94 0.98
CA MET A 94 -13.03 -0.26 0.06
C MET A 94 -14.31 0.11 0.79
N GLU A 95 -14.21 1.13 1.56
CA GLU A 95 -15.32 1.66 2.32
C GLU A 95 -15.90 2.89 1.60
N ASP A 96 -16.72 3.65 2.26
CA ASP A 96 -17.34 4.83 1.68
C ASP A 96 -17.38 5.91 2.74
N GLY A 97 -16.94 7.10 2.41
CA GLY A 97 -16.94 8.17 3.38
C GLY A 97 -16.46 9.48 2.80
N GLN A 98 -15.29 9.46 2.18
CA GLN A 98 -14.71 10.67 1.61
C GLN A 98 -14.41 10.44 0.15
#